data_2H9C
# 
_entry.id   2H9C 
# 
_audit_conform.dict_name       mmcif_pdbx.dic 
_audit_conform.dict_version    5.377 
_audit_conform.dict_location   http://mmcif.pdb.org/dictionaries/ascii/mmcif_pdbx.dic 
# 
loop_
_database_2.database_id 
_database_2.database_code 
_database_2.pdbx_database_accession 
_database_2.pdbx_DOI 
PDB   2H9C         pdb_00002h9c 10.2210/pdb2h9c/pdb 
RCSB  RCSB038092   ?            ?                   
WWPDB D_1000038092 ?            ?                   
# 
_pdbx_database_related.db_name        PDB 
_pdbx_database_related.db_id          2h9d 
_pdbx_database_related.details        . 
_pdbx_database_related.content_type   unspecified 
# 
_pdbx_database_status.entry_id                        2H9C 
_pdbx_database_status.deposit_site                    RCSB 
_pdbx_database_status.process_site                    RCSB 
_pdbx_database_status.recvd_initial_deposition_date   2006-06-09 
_pdbx_database_status.status_code                     REL 
_pdbx_database_status.status_code_sf                  REL 
_pdbx_database_status.status_code_mr                  ? 
_pdbx_database_status.SG_entry                        ? 
_pdbx_database_status.pdb_format_compatible           Y 
_pdbx_database_status.status_code_cs                  ? 
_pdbx_database_status.methods_development_category    ? 
_pdbx_database_status.status_code_nmr_data            ? 
# 
loop_
_audit_author.name 
_audit_author.pdbx_ordinal 
'Lamb, A.L.'   1 
'Zaitseva, J.' 2 
'Lu, J.'       3 
# 
_citation.id                        primary 
_citation.title                     'Two Crystal Structures of the Isochorismate Pyruvate Lyase from Pseudomonas aeruginosa.' 
_citation.journal_abbrev            J.Biol.Chem. 
_citation.journal_volume            281 
_citation.page_first                33441 
_citation.page_last                 33449 
_citation.year                      2006 
_citation.journal_id_ASTM           JBCHA3 
_citation.country                   US 
_citation.journal_id_ISSN           0021-9258 
_citation.journal_id_CSD            0071 
_citation.book_publisher            ? 
_citation.pdbx_database_id_PubMed   16914555 
_citation.pdbx_database_id_DOI      10.1074/jbc.M605470200 
# 
loop_
_citation_author.citation_id 
_citation_author.name 
_citation_author.ordinal 
_citation_author.identifier_ORCID 
primary 'Zaitseva, J.'    1 ? 
primary 'Lu, J.'          2 ? 
primary 'Olechoski, K.L.' 3 ? 
primary 'Lamb, A.L.'      4 ? 
# 
_cell.entry_id           2H9C 
_cell.length_a           93.148 
_cell.length_b           93.148 
_cell.length_c           60.190 
_cell.angle_alpha        90.00 
_cell.angle_beta         90.00 
_cell.angle_gamma        90.00 
_cell.Z_PDB              16 
_cell.pdbx_unique_axis   ? 
_cell.length_a_esd       ? 
_cell.length_b_esd       ? 
_cell.length_c_esd       ? 
_cell.angle_alpha_esd    ? 
_cell.angle_beta_esd     ? 
_cell.angle_gamma_esd    ? 
# 
_symmetry.entry_id                         2H9C 
_symmetry.space_group_name_H-M             'P 43 21 2' 
_symmetry.pdbx_full_space_group_name_H-M   ? 
_symmetry.cell_setting                     ? 
_symmetry.Int_Tables_number                96 
_symmetry.space_group_name_Hall            ? 
# 
loop_
_entity.id 
_entity.type 
_entity.src_method 
_entity.pdbx_description 
_entity.formula_weight 
_entity.pdbx_number_of_molecules 
_entity.pdbx_ec 
_entity.pdbx_mutation 
_entity.pdbx_fragment 
_entity.details 
1 polymer     man 'Salicylate biosynthesis protein pchB' 11304.909 2  4.1.99.- ? 'residues 1-99' ? 
2 non-polymer syn 'NITRATE ION'                          62.005    5  ?        ? ?               ? 
3 water       nat water                                  18.015    55 ?        ? ?               ? 
# 
_entity_name_com.entity_id   1 
_entity_name_com.name        'Isochorismate-Pyruvate Lyase' 
# 
_entity_poly.entity_id                      1 
_entity_poly.type                           'polypeptide(L)' 
_entity_poly.nstd_linkage                   no 
_entity_poly.nstd_monomer                   no 
_entity_poly.pdbx_seq_one_letter_code       
;MKTPEDCTGLADIREAIDRIDLDIVQALGRRMDYVKAASRFKASEAAIPAPERVAAMLPERARWAEENGLDAPFVEGLFA
QIIHWYIAEQIKYWRQTRG
;
_entity_poly.pdbx_seq_one_letter_code_can   
;MKTPEDCTGLADIREAIDRIDLDIVQALGRRMDYVKAASRFKASEAAIPAPERVAAMLPERARWAEENGLDAPFVEGLFA
QIIHWYIAEQIKYWRQTRG
;
_entity_poly.pdbx_strand_id                 A,B 
_entity_poly.pdbx_target_identifier         ? 
# 
loop_
_entity_poly_seq.entity_id 
_entity_poly_seq.num 
_entity_poly_seq.mon_id 
_entity_poly_seq.hetero 
1 1  MET n 
1 2  LYS n 
1 3  THR n 
1 4  PRO n 
1 5  GLU n 
1 6  ASP n 
1 7  CYS n 
1 8  THR n 
1 9  GLY n 
1 10 LEU n 
1 11 ALA n 
1 12 ASP n 
1 13 ILE n 
1 14 ARG n 
1 15 GLU n 
1 16 ALA n 
1 17 ILE n 
1 18 ASP n 
1 19 ARG n 
1 20 ILE n 
1 21 ASP n 
1 22 LEU n 
1 23 ASP n 
1 24 ILE n 
1 25 VAL n 
1 26 GLN n 
1 27 ALA n 
1 28 LEU n 
1 29 GLY n 
1 30 ARG n 
1 31 ARG n 
1 32 MET n 
1 33 ASP n 
1 34 TYR n 
1 35 VAL n 
1 36 LYS n 
1 37 ALA n 
1 38 ALA n 
1 39 SER n 
1 40 ARG n 
1 41 PHE n 
1 42 LYS n 
1 43 ALA n 
1 44 SER n 
1 45 GLU n 
1 46 ALA n 
1 47 ALA n 
1 48 ILE n 
1 49 PRO n 
1 50 ALA n 
1 51 PRO n 
1 52 GLU n 
1 53 ARG n 
1 54 VAL n 
1 55 ALA n 
1 56 ALA n 
1 57 MET n 
1 58 LEU n 
1 59 PRO n 
1 60 GLU n 
1 61 ARG n 
1 62 ALA n 
1 63 ARG n 
1 64 TRP n 
1 65 ALA n 
1 66 GLU n 
1 67 GLU n 
1 68 ASN n 
1 69 GLY n 
1 70 LEU n 
1 71 ASP n 
1 72 ALA n 
1 73 PRO n 
1 74 PHE n 
1 75 VAL n 
1 76 GLU n 
1 77 GLY n 
1 78 LEU n 
1 79 PHE n 
1 80 ALA n 
1 81 GLN n 
1 82 ILE n 
1 83 ILE n 
1 84 HIS n 
1 85 TRP n 
1 86 TYR n 
1 87 ILE n 
1 88 ALA n 
1 89 GLU n 
1 90 GLN n 
1 91 ILE n 
1 92 LYS n 
1 93 TYR n 
1 94 TRP n 
1 95 ARG n 
1 96 GLN n 
1 97 THR n 
1 98 ARG n 
1 99 GLY n 
# 
_entity_src_gen.entity_id                          1 
_entity_src_gen.pdbx_src_id                        1 
_entity_src_gen.pdbx_alt_source_flag               sample 
_entity_src_gen.pdbx_seq_type                      ? 
_entity_src_gen.pdbx_beg_seq_num                   ? 
_entity_src_gen.pdbx_end_seq_num                   ? 
_entity_src_gen.gene_src_common_name               ? 
_entity_src_gen.gene_src_genus                     Pseudomonas 
_entity_src_gen.pdbx_gene_src_gene                 PchB 
_entity_src_gen.gene_src_species                   'Pseudomonas aeruginosa' 
_entity_src_gen.gene_src_strain                    PAO1 
_entity_src_gen.gene_src_tissue                    ? 
_entity_src_gen.gene_src_tissue_fraction           ? 
_entity_src_gen.gene_src_details                   ? 
_entity_src_gen.pdbx_gene_src_fragment             ? 
_entity_src_gen.pdbx_gene_src_scientific_name      'Pseudomonas aeruginosa' 
_entity_src_gen.pdbx_gene_src_ncbi_taxonomy_id     208964 
_entity_src_gen.pdbx_gene_src_variant              ? 
_entity_src_gen.pdbx_gene_src_cell_line            ? 
_entity_src_gen.pdbx_gene_src_atcc                 ? 
_entity_src_gen.pdbx_gene_src_organ                ? 
_entity_src_gen.pdbx_gene_src_organelle            ? 
_entity_src_gen.pdbx_gene_src_cell                 ? 
_entity_src_gen.pdbx_gene_src_cellular_location    ? 
_entity_src_gen.host_org_common_name               ? 
_entity_src_gen.pdbx_host_org_scientific_name      'Escherichia coli BL21(DE3)' 
_entity_src_gen.pdbx_host_org_ncbi_taxonomy_id     469008 
_entity_src_gen.host_org_genus                     Escherichia 
_entity_src_gen.pdbx_host_org_gene                 ? 
_entity_src_gen.pdbx_host_org_organ                ? 
_entity_src_gen.host_org_species                   'Escherichia coli' 
_entity_src_gen.pdbx_host_org_tissue               ? 
_entity_src_gen.pdbx_host_org_tissue_fraction      ? 
_entity_src_gen.pdbx_host_org_strain               'BL21(DE3)' 
_entity_src_gen.pdbx_host_org_variant              ? 
_entity_src_gen.pdbx_host_org_cell_line            ? 
_entity_src_gen.pdbx_host_org_atcc                 ? 
_entity_src_gen.pdbx_host_org_culture_collection   ? 
_entity_src_gen.pdbx_host_org_cell                 ? 
_entity_src_gen.pdbx_host_org_organelle            ? 
_entity_src_gen.pdbx_host_org_cellular_location    ? 
_entity_src_gen.pdbx_host_org_vector_type          plasmid 
_entity_src_gen.pdbx_host_org_vector               ? 
_entity_src_gen.host_org_details                   ? 
_entity_src_gen.expression_system_id               ? 
_entity_src_gen.plasmid_name                       pET29b 
_entity_src_gen.plasmid_details                    ? 
_entity_src_gen.pdbx_description                   ? 
# 
_struct_ref.id                         1 
_struct_ref.db_name                    UNP 
_struct_ref.db_code                    PCHB_PSEAE 
_struct_ref.pdbx_db_accession          Q51507 
_struct_ref.entity_id                  1 
_struct_ref.pdbx_seq_one_letter_code   
;MKTPEDCTGLADIREAIDRIDLDIVQALGRRMDYVKAASRFKASEAAIPAPERVAAMLPERARWAEENGLDAPFVEGLFA
QIIHWYIAEQIKYWRQTRG
;
_struct_ref.pdbx_align_begin           1 
_struct_ref.pdbx_db_isoform            ? 
# 
loop_
_struct_ref_seq.align_id 
_struct_ref_seq.ref_id 
_struct_ref_seq.pdbx_PDB_id_code 
_struct_ref_seq.pdbx_strand_id 
_struct_ref_seq.seq_align_beg 
_struct_ref_seq.pdbx_seq_align_beg_ins_code 
_struct_ref_seq.seq_align_end 
_struct_ref_seq.pdbx_seq_align_end_ins_code 
_struct_ref_seq.pdbx_db_accession 
_struct_ref_seq.db_align_beg 
_struct_ref_seq.pdbx_db_align_beg_ins_code 
_struct_ref_seq.db_align_end 
_struct_ref_seq.pdbx_db_align_end_ins_code 
_struct_ref_seq.pdbx_auth_seq_align_beg 
_struct_ref_seq.pdbx_auth_seq_align_end 
1 1 2H9C A 1 ? 99 ? Q51507 1 ? 99 ? 1 99 
2 1 2H9C B 1 ? 99 ? Q51507 1 ? 99 ? 1 99 
# 
loop_
_chem_comp.id 
_chem_comp.type 
_chem_comp.mon_nstd_flag 
_chem_comp.name 
_chem_comp.pdbx_synonyms 
_chem_comp.formula 
_chem_comp.formula_weight 
ALA 'L-peptide linking' y ALANINE         ? 'C3 H7 N O2'     89.093  
ARG 'L-peptide linking' y ARGININE        ? 'C6 H15 N4 O2 1' 175.209 
ASN 'L-peptide linking' y ASPARAGINE      ? 'C4 H8 N2 O3'    132.118 
ASP 'L-peptide linking' y 'ASPARTIC ACID' ? 'C4 H7 N O4'     133.103 
CYS 'L-peptide linking' y CYSTEINE        ? 'C3 H7 N O2 S'   121.158 
GLN 'L-peptide linking' y GLUTAMINE       ? 'C5 H10 N2 O3'   146.144 
GLU 'L-peptide linking' y 'GLUTAMIC ACID' ? 'C5 H9 N O4'     147.129 
GLY 'peptide linking'   y GLYCINE         ? 'C2 H5 N O2'     75.067  
HIS 'L-peptide linking' y HISTIDINE       ? 'C6 H10 N3 O2 1' 156.162 
HOH non-polymer         . WATER           ? 'H2 O'           18.015  
ILE 'L-peptide linking' y ISOLEUCINE      ? 'C6 H13 N O2'    131.173 
LEU 'L-peptide linking' y LEUCINE         ? 'C6 H13 N O2'    131.173 
LYS 'L-peptide linking' y LYSINE          ? 'C6 H15 N2 O2 1' 147.195 
MET 'L-peptide linking' y METHIONINE      ? 'C5 H11 N O2 S'  149.211 
NO3 non-polymer         . 'NITRATE ION'   ? 'N O3 -1'        62.005  
PHE 'L-peptide linking' y PHENYLALANINE   ? 'C9 H11 N O2'    165.189 
PRO 'L-peptide linking' y PROLINE         ? 'C5 H9 N O2'     115.130 
SER 'L-peptide linking' y SERINE          ? 'C3 H7 N O3'     105.093 
THR 'L-peptide linking' y THREONINE       ? 'C4 H9 N O3'     119.119 
TRP 'L-peptide linking' y TRYPTOPHAN      ? 'C11 H12 N2 O2'  204.225 
TYR 'L-peptide linking' y TYROSINE        ? 'C9 H11 N O3'    181.189 
VAL 'L-peptide linking' y VALINE          ? 'C5 H11 N O2'    117.146 
# 
_exptl.crystals_number   1 
_exptl.entry_id          2H9C 
_exptl.method            'X-RAY DIFFRACTION' 
# 
_exptl_crystal.id                    1 
_exptl_crystal.density_Matthews      2.97 
_exptl_crystal.density_meas          ? 
_exptl_crystal.density_percent_sol   58.57 
_exptl_crystal.description           ? 
_exptl_crystal.F_000                 ? 
_exptl_crystal.preparation           ? 
# 
_exptl_crystal_grow.crystal_id      1 
_exptl_crystal_grow.method          'VAPOR DIFFUSION, HANGING DROP' 
_exptl_crystal_grow.pH              4.7 
_exptl_crystal_grow.temp            298 
_exptl_crystal_grow.temp_details    ? 
_exptl_crystal_grow.pdbx_details    
'0.1 M acetate buffer, 4.8 - 5.3 M ammonium nitrate, pH 4.7, VAPOR DIFFUSION, HANGING DROP, temperature 298K' 
_exptl_crystal_grow.pdbx_pH_range   . 
# 
_diffrn.id                     1 
_diffrn.ambient_temp           138 
_diffrn.ambient_temp_details   ? 
_diffrn.crystal_id             1 
# 
_diffrn_detector.diffrn_id              1 
_diffrn_detector.detector               'IMAGE PLATE' 
_diffrn_detector.type                   'RIGAKU RAXIS IV' 
_diffrn_detector.pdbx_collection_date   2004-06-10 
_diffrn_detector.details                ? 
# 
_diffrn_radiation.diffrn_id                        1 
_diffrn_radiation.wavelength_id                    1 
_diffrn_radiation.pdbx_diffrn_protocol             'SINGLE WAVELENGTH' 
_diffrn_radiation.monochromator                    'osmic mirrors' 
_diffrn_radiation.pdbx_monochromatic_or_laue_m_l   M 
_diffrn_radiation.pdbx_scattering_type             x-ray 
# 
_diffrn_radiation_wavelength.id           1 
_diffrn_radiation_wavelength.wavelength   1.5418 
_diffrn_radiation_wavelength.wt           1.0 
# 
_diffrn_source.diffrn_id                   1 
_diffrn_source.source                      'ROTATING ANODE' 
_diffrn_source.type                        'RIGAKU RU200' 
_diffrn_source.pdbx_wavelength             ? 
_diffrn_source.pdbx_wavelength_list        1.5418 
_diffrn_source.pdbx_synchrotron_site       ? 
_diffrn_source.pdbx_synchrotron_beamline   ? 
# 
_reflns.entry_id                     2H9C 
_reflns.d_resolution_high            2.350 
_reflns.d_resolution_low             28.9 
_reflns.number_obs                   11526 
_reflns.pdbx_Rmerge_I_obs            0.067 
_reflns.pdbx_netI_over_sigmaI        12.600 
_reflns.pdbx_chi_squared             0.942 
_reflns.pdbx_redundancy              9.200 
_reflns.percent_possible_obs         99.900 
_reflns.observed_criterion_sigma_F   1 
_reflns.observed_criterion_sigma_I   1 
_reflns.number_all                   ? 
_reflns.pdbx_Rsym_value              ? 
_reflns.B_iso_Wilson_estimate        37.2 
_reflns.R_free_details               ? 
_reflns.limit_h_max                  ? 
_reflns.limit_h_min                  ? 
_reflns.limit_k_max                  ? 
_reflns.limit_k_min                  ? 
_reflns.limit_l_max                  ? 
_reflns.limit_l_min                  ? 
_reflns.observed_criterion_F_max     ? 
_reflns.observed_criterion_F_min     ? 
_reflns.pdbx_scaling_rejects         ? 
_reflns.pdbx_ordinal                 1 
_reflns.pdbx_diffrn_id               1 
# 
_reflns_shell.d_res_high             2.35 
_reflns_shell.d_res_low              2.43 
_reflns_shell.number_measured_obs    ? 
_reflns_shell.number_measured_all    ? 
_reflns_shell.number_unique_obs      ? 
_reflns_shell.Rmerge_I_obs           0.378 
_reflns_shell.meanI_over_sigI_obs    ? 
_reflns_shell.pdbx_Rsym_value        ? 
_reflns_shell.pdbx_chi_squared       0.913 
_reflns_shell.pdbx_redundancy        9.00 
_reflns_shell.percent_possible_obs   ? 
_reflns_shell.number_unique_all      1120 
_reflns_shell.percent_possible_all   100.00 
_reflns_shell.pdbx_ordinal           1 
_reflns_shell.pdbx_diffrn_id         1 
# 
_refine.entry_id                                 2H9C 
_refine.ls_d_res_high                            2.350 
_refine.ls_d_res_low                             28.9 
_refine.pdbx_ls_sigma_F                          0.00 
_refine.ls_percent_reflns_obs                    97.700 
_refine.ls_number_reflns_obs                     11246 
_refine.ls_R_factor_R_work                       0.224 
_refine.ls_R_factor_R_free                       0.269 
_refine.ls_percent_reflns_R_free                 10.100 
_refine.ls_number_reflns_R_free                  1162 
_refine.B_iso_mean                               42.792 
_refine.solvent_model_param_bsol                 44.597 
_refine.aniso_B[1][1]                            2.488 
_refine.aniso_B[2][2]                            2.488 
_refine.aniso_B[3][3]                            -4.977 
_refine.aniso_B[1][2]                            0.000 
_refine.aniso_B[1][3]                            0.000 
_refine.aniso_B[2][3]                            0.000 
_refine.overall_FOM_work_R_set                   0.806 
_refine.pdbx_ls_sigma_I                          ? 
_refine.ls_number_reflns_all                     11515 
_refine.ls_R_factor_all                          ? 
_refine.ls_R_factor_obs                          0.224 
_refine.ls_redundancy_reflns_obs                 ? 
_refine.pdbx_data_cutoff_high_absF               ? 
_refine.pdbx_data_cutoff_low_absF                ? 
_refine.ls_number_parameters                     ? 
_refine.ls_number_restraints                     ? 
_refine.ls_R_factor_R_free_error                 ? 
_refine.ls_R_factor_R_free_error_details         ? 
_refine.pdbx_method_to_determine_struct          'MOLECULAR REPLACEMENT' 
_refine.pdbx_starting_model                      'PDB ENTRY 1ECM' 
_refine.pdbx_ls_cross_valid_method               ? 
_refine.pdbx_R_Free_selection_details            random 
_refine.pdbx_stereochem_target_val_spec_case     ? 
_refine.pdbx_stereochemistry_target_values       'Engh & Huber' 
_refine.solvent_model_details                    ? 
_refine.solvent_model_param_ksol                 ? 
_refine.occupancy_max                            ? 
_refine.occupancy_min                            ? 
_refine.pdbx_isotropic_thermal_model             ? 
_refine.details                                  ? 
_refine.B_iso_min                                ? 
_refine.B_iso_max                                ? 
_refine.correlation_coeff_Fo_to_Fc               ? 
_refine.correlation_coeff_Fo_to_Fc_free          ? 
_refine.pdbx_solvent_vdw_probe_radii             ? 
_refine.pdbx_solvent_ion_probe_radii             ? 
_refine.pdbx_solvent_shrinkage_radii             ? 
_refine.overall_SU_R_Cruickshank_DPI             ? 
_refine.overall_SU_R_free                        ? 
_refine.overall_SU_ML                            ? 
_refine.overall_SU_B                             ? 
_refine.pdbx_overall_ESU_R_Free                  ? 
_refine.pdbx_data_cutoff_high_rms_absF           ? 
_refine.pdbx_overall_ESU_R                       ? 
_refine.ls_wR_factor_R_free                      ? 
_refine.ls_wR_factor_R_work                      ? 
_refine.overall_FOM_free_R_set                   ? 
_refine.pdbx_refine_id                           'X-RAY DIFFRACTION' 
_refine.pdbx_diffrn_id                           1 
_refine.pdbx_TLS_residual_ADP_flag               ? 
_refine.pdbx_overall_phase_error                 ? 
_refine.pdbx_overall_SU_R_free_Cruickshank_DPI   ? 
_refine.pdbx_overall_SU_R_Blow_DPI               ? 
_refine.pdbx_overall_SU_R_free_Blow_DPI          ? 
# 
_refine_hist.pdbx_refine_id                   'X-RAY DIFFRACTION' 
_refine_hist.cycle_id                         LAST 
_refine_hist.pdbx_number_atoms_protein        1397 
_refine_hist.pdbx_number_atoms_nucleic_acid   0 
_refine_hist.pdbx_number_atoms_ligand         20 
_refine_hist.number_atoms_solvent             55 
_refine_hist.number_atoms_total               1472 
_refine_hist.d_res_high                       2.350 
_refine_hist.d_res_low                        28.9 
# 
loop_
_refine_ls_restr.type 
_refine_ls_restr.number 
_refine_ls_restr.dev_ideal 
_refine_ls_restr.dev_ideal_target 
_refine_ls_restr.weight 
_refine_ls_restr.pdbx_refine_id 
_refine_ls_restr.pdbx_restraint_function 
c_mcbond_it  ? 1.451 1.500 ? 'X-RAY DIFFRACTION' ? 
c_scbond_it  ? 2.166 2.000 ? 'X-RAY DIFFRACTION' ? 
c_mcangle_it ? 2.402 2.000 ? 'X-RAY DIFFRACTION' ? 
c_scangle_it ? 3.313 2.500 ? 'X-RAY DIFFRACTION' ? 
c_bond_d     ? 0.006 ?     ? 'X-RAY DIFFRACTION' ? 
c_angle_deg  ? 1.08  ?     ? 'X-RAY DIFFRACTION' ? 
# 
loop_
_refine_ls_shell.d_res_high 
_refine_ls_shell.d_res_low 
_refine_ls_shell.pdbx_total_number_of_bins_used 
_refine_ls_shell.percent_reflns_obs 
_refine_ls_shell.number_reflns_R_work 
_refine_ls_shell.R_factor_all 
_refine_ls_shell.R_factor_R_work 
_refine_ls_shell.R_factor_R_free 
_refine_ls_shell.percent_reflns_R_free 
_refine_ls_shell.number_reflns_R_free 
_refine_ls_shell.R_factor_R_free_error 
_refine_ls_shell.number_reflns_all 
_refine_ls_shell.number_reflns_obs 
_refine_ls_shell.redundancy_reflns_obs 
_refine_ls_shell.pdbx_refine_id 
2.350 2.390   23 . 393 . 0.246 0.29  . 57 . . 450 . 'X-RAY DIFFRACTION' 
2.390 2.420   23 . 410 . 0.238 0.353 . 50 . . 460 . 'X-RAY DIFFRACTION' 
2.420 2.460   23 . 422 . 0.249 0.354 . 50 . . 472 . 'X-RAY DIFFRACTION' 
2.460 2.500   23 . 430 . 0.241 0.232 . 39 . . 469 . 'X-RAY DIFFRACTION' 
2.500 2.550   23 . 412 . 0.22  0.315 . 50 . . 462 . 'X-RAY DIFFRACTION' 
2.550 2.600   23 . 413 . 0.252 0.322 . 58 . . 471 . 'X-RAY DIFFRACTION' 
2.600 2.650   23 . 439 . 0.246 0.353 . 43 . . 482 . 'X-RAY DIFFRACTION' 
2.650 2.710   23 . 406 . 0.23  0.256 . 60 . . 466 . 'X-RAY DIFFRACTION' 
2.710 2.770   23 . 440 . 0.238 0.324 . 45 . . 485 . 'X-RAY DIFFRACTION' 
2.770 2.840   23 . 427 . 0.231 0.276 . 56 . . 483 . 'X-RAY DIFFRACTION' 
2.840 2.920   23 . 436 . 0.238 0.382 . 58 . . 494 . 'X-RAY DIFFRACTION' 
2.920 3.000   23 . 456 . 0.244 0.335 . 43 . . 499 . 'X-RAY DIFFRACTION' 
3.000 3.100   23 . 415 . 0.229 0.275 . 53 . . 468 . 'X-RAY DIFFRACTION' 
3.100 3.210   23 . 450 . 0.242 0.232 . 41 . . 491 . 'X-RAY DIFFRACTION' 
3.210 3.340   23 . 449 . 0.247 0.379 . 48 . . 497 . 'X-RAY DIFFRACTION' 
3.340 3.490   23 . 435 . 0.216 0.218 . 51 . . 486 . 'X-RAY DIFFRACTION' 
3.490 3.680   23 . 445 . 0.195 0.212 . 45 . . 490 . 'X-RAY DIFFRACTION' 
3.680 3.910   23 . 460 . 0.185 0.232 . 42 . . 502 . 'X-RAY DIFFRACTION' 
3.910 4.210   23 . 461 . 0.179 0.204 . 44 . . 505 . 'X-RAY DIFFRACTION' 
4.210 4.630   23 . 468 . 0.188 0.263 . 45 . . 513 . 'X-RAY DIFFRACTION' 
4.630 5.300   23 . 453 . 0.199 0.23  . 60 . . 513 . 'X-RAY DIFFRACTION' 
5.300 6.680   23 . 465 . 0.304 0.357 . 64 . . 529 . 'X-RAY DIFFRACTION' 
6.680 100.000 23 . 499 . 0.251 0.229 . 60 . . 559 . 'X-RAY DIFFRACTION' 
# 
loop_
_pdbx_xplor_file.serial_no 
_pdbx_xplor_file.param_file 
_pdbx_xplor_file.topol_file 
_pdbx_xplor_file.pdbx_refine_id 
1 protein_rep.param ? 'X-RAY DIFFRACTION' 
2 water_rep.param   ? 'X-RAY DIFFRACTION' 
3 nitrate.param     ? 'X-RAY DIFFRACTION' 
# 
_struct.entry_id                  2H9C 
_struct.title                     'Native Crystal Structure of the Isochorismate-Pyruvate Lyase from Pseudomonas aeruginosa' 
_struct.pdbx_model_details        ? 
_struct.pdbx_CASP_flag            ? 
_struct.pdbx_model_type_details   ? 
# 
_struct_keywords.entry_id        2H9C 
_struct_keywords.pdbx_keywords   LYASE 
_struct_keywords.text            'intertwinded dimer, LYASE' 
# 
loop_
_struct_asym.id 
_struct_asym.pdbx_blank_PDB_chainid_flag 
_struct_asym.pdbx_modified 
_struct_asym.entity_id 
_struct_asym.details 
A N N 1 ? 
B N N 1 ? 
C N N 2 ? 
D N N 2 ? 
E N N 2 ? 
F N N 2 ? 
G N N 2 ? 
H N N 3 ? 
I N N 3 ? 
# 
_struct_biol.id                    1 
_struct_biol.details               'The asymmetric unit contains one dimer, which is the biological asssembly.' 
_struct_biol.pdbx_parent_biol_id   ? 
# 
loop_
_struct_conf.conf_type_id 
_struct_conf.id 
_struct_conf.pdbx_PDB_helix_id 
_struct_conf.beg_label_comp_id 
_struct_conf.beg_label_asym_id 
_struct_conf.beg_label_seq_id 
_struct_conf.pdbx_beg_PDB_ins_code 
_struct_conf.end_label_comp_id 
_struct_conf.end_label_asym_id 
_struct_conf.end_label_seq_id 
_struct_conf.pdbx_end_PDB_ins_code 
_struct_conf.beg_auth_comp_id 
_struct_conf.beg_auth_asym_id 
_struct_conf.beg_auth_seq_id 
_struct_conf.end_auth_comp_id 
_struct_conf.end_auth_asym_id 
_struct_conf.end_auth_seq_id 
_struct_conf.pdbx_PDB_helix_class 
_struct_conf.details 
_struct_conf.pdbx_PDB_helix_length 
HELX_P HELX_P1 1 GLY A 9  ? ARG A 40 ? GLY A 9  ARG A 40 1 ? 32 
HELX_P HELX_P2 2 ALA A 50 ? ASN A 68 ? ALA A 50 ASN A 68 1 ? 19 
HELX_P HELX_P3 3 ASP A 71 ? ARG A 95 ? ASP A 71 ARG A 95 1 ? 25 
HELX_P HELX_P4 4 THR B 3  ? CYS B 7  ? THR B 3  CYS B 7  5 ? 5  
HELX_P HELX_P5 5 GLY B 9  ? ALA B 38 ? GLY B 9  ALA B 38 1 ? 30 
HELX_P HELX_P6 6 SER B 39 ? PHE B 41 ? SER B 39 PHE B 41 5 ? 3  
HELX_P HELX_P7 7 ALA B 50 ? ASN B 68 ? ALA B 50 ASN B 68 1 ? 19 
HELX_P HELX_P8 8 ASP B 71 ? LYS B 92 ? ASP B 71 LYS B 92 1 ? 22 
# 
_struct_conf_type.id          HELX_P 
_struct_conf_type.criteria    ? 
_struct_conf_type.reference   ? 
# 
loop_
_struct_site.id 
_struct_site.pdbx_evidence_code 
_struct_site.pdbx_auth_asym_id 
_struct_site.pdbx_auth_comp_id 
_struct_site.pdbx_auth_seq_id 
_struct_site.pdbx_auth_ins_code 
_struct_site.pdbx_num_residues 
_struct_site.details 
AC1 Software A NO3 100 ? 6 'BINDING SITE FOR RESIDUE NO3 A 100' 
AC2 Software B NO3 100 ? 4 'BINDING SITE FOR RESIDUE NO3 B 100' 
AC3 Software A NO3 101 ? 6 'BINDING SITE FOR RESIDUE NO3 A 101' 
AC4 Software A NO3 102 ? 6 'BINDING SITE FOR RESIDUE NO3 A 102' 
AC5 Software A NO3 103 ? 4 'BINDING SITE FOR RESIDUE NO3 A 103' 
# 
loop_
_struct_site_gen.id 
_struct_site_gen.site_id 
_struct_site_gen.pdbx_num_res 
_struct_site_gen.label_comp_id 
_struct_site_gen.label_asym_id 
_struct_site_gen.label_seq_id 
_struct_site_gen.pdbx_auth_ins_code 
_struct_site_gen.auth_comp_id 
_struct_site_gen.auth_asym_id 
_struct_site_gen.auth_seq_id 
_struct_site_gen.label_atom_id 
_struct_site_gen.label_alt_id 
_struct_site_gen.symmetry 
_struct_site_gen.details 
1  AC1 6 ARG A 31 ? ARG A 31  . ? 1_555 ? 
2  AC1 6 ARG A 53 ? ARG A 53  . ? 1_555 ? 
3  AC1 6 MET A 57 ? MET A 57  . ? 1_555 ? 
4  AC1 6 ILE A 83 ? ILE A 83  . ? 1_555 ? 
5  AC1 6 TYR A 86 ? TYR A 86  . ? 1_555 ? 
6  AC1 6 ILE B 17 ? ILE B 17  . ? 1_555 ? 
7  AC2 4 ARG B 31 ? ARG B 31  . ? 1_555 ? 
8  AC2 4 PRO B 49 ? PRO B 49  . ? 1_555 ? 
9  AC2 4 MET B 57 ? MET B 57  . ? 1_555 ? 
10 AC2 4 HOH I .  ? HOH B 101 . ? 1_555 ? 
11 AC3 6 GLN A 26 ? GLN A 26  . ? 1_555 ? 
12 AC3 6 GLY B 9  ? GLY B 9   . ? 4_555 ? 
13 AC3 6 ALA B 11 ? ALA B 11  . ? 4_555 ? 
14 AC3 6 ASP B 12 ? ASP B 12  . ? 4_555 ? 
15 AC3 6 GLU B 67 ? GLU B 67  . ? 1_555 ? 
16 AC3 6 ASN B 68 ? ASN B 68  . ? 1_555 ? 
17 AC4 6 LYS A 36 ? LYS A 36  . ? 1_555 ? 
18 AC4 6 ALA A 37 ? ALA A 37  . ? 1_555 ? 
19 AC4 6 ARG A 40 ? ARG A 40  . ? 1_555 ? 
20 AC4 6 HOH H .  ? HOH A 120 . ? 1_555 ? 
21 AC4 6 PRO B 4  ? PRO B 4   . ? 1_555 ? 
22 AC4 6 GLU B 5  ? GLU B 5   . ? 1_555 ? 
23 AC5 4 GLN A 26 ? GLN A 26  . ? 1_555 ? 
24 AC5 4 ARG A 30 ? ARG A 30  . ? 1_555 ? 
25 AC5 4 LYS B 2  ? LYS B 2   . ? 4_555 ? 
26 AC5 4 THR B 8  ? THR B 8   . ? 4_555 ? 
# 
_atom_sites.entry_id                    2H9C 
_atom_sites.fract_transf_matrix[1][1]   -0.00987486 
_atom_sites.fract_transf_matrix[1][2]   -0.00152267 
_atom_sites.fract_transf_matrix[1][3]   0.00392814 
_atom_sites.fract_transf_matrix[2][1]   -0.00206069 
_atom_sites.fract_transf_matrix[2][2]   0.01047677 
_atom_sites.fract_transf_matrix[2][3]   -0.00111919 
_atom_sites.fract_transf_matrix[3][1]   -0.00568640 
_atom_sites.fract_transf_matrix[3][2]   -0.00275981 
_atom_sites.fract_transf_matrix[3][3]   -0.01536468 
_atom_sites.fract_transf_vector[1]      0.325505 
_atom_sites.fract_transf_vector[2]      0.148480 
_atom_sites.fract_transf_vector[3]      0.022930 
# 
loop_
_atom_type.symbol 
C 
N 
O 
S 
# 
loop_
_atom_site.group_PDB 
_atom_site.id 
_atom_site.type_symbol 
_atom_site.label_atom_id 
_atom_site.label_alt_id 
_atom_site.label_comp_id 
_atom_site.label_asym_id 
_atom_site.label_entity_id 
_atom_site.label_seq_id 
_atom_site.pdbx_PDB_ins_code 
_atom_site.Cartn_x 
_atom_site.Cartn_y 
_atom_site.Cartn_z 
_atom_site.occupancy 
_atom_site.B_iso_or_equiv 
_atom_site.pdbx_formal_charge 
_atom_site.auth_seq_id 
_atom_site.auth_comp_id 
_atom_site.auth_asym_id 
_atom_site.auth_atom_id 
_atom_site.pdbx_PDB_model_num 
ATOM   1    N N   . MET A 1 1  ? -16.404 -10.273 -3.707  1.00 48.23 ? 1   MET A N   1 
ATOM   2    C CA  . MET A 1 1  ? -16.121 -9.284  -4.787  1.00 48.12 ? 1   MET A CA  1 
ATOM   3    C C   . MET A 1 1  ? -15.955 -10.005 -6.118  1.00 47.28 ? 1   MET A C   1 
ATOM   4    O O   . MET A 1 1  ? -15.240 -11.001 -6.208  1.00 47.79 ? 1   MET A O   1 
ATOM   5    C CB  . MET A 1 1  ? -14.840 -8.502  -4.470  1.00 48.94 ? 1   MET A CB  1 
ATOM   6    C CG  . MET A 1 1  ? -14.526 -7.372  -5.442  1.00 49.71 ? 1   MET A CG  1 
ATOM   7    S SD  . MET A 1 1  ? -12.820 -6.778  -5.254  1.00 53.83 ? 1   MET A SD  1 
ATOM   8    C CE  . MET A 1 1  ? -12.908 -6.044  -3.613  1.00 50.42 ? 1   MET A CE  1 
ATOM   9    N N   . LYS A 1 2  ? -16.626 -9.507  -7.147  1.00 46.23 ? 2   LYS A N   1 
ATOM   10   C CA  . LYS A 1 2  ? -16.523 -10.109 -8.464  1.00 44.98 ? 2   LYS A CA  1 
ATOM   11   C C   . LYS A 1 2  ? -15.069 -10.034 -8.920  1.00 46.36 ? 2   LYS A C   1 
ATOM   12   O O   . LYS A 1 2  ? -14.342 -9.103  -8.569  1.00 44.94 ? 2   LYS A O   1 
ATOM   13   C CB  . LYS A 1 2  ? -17.383 -9.351  -9.476  1.00 43.56 ? 2   LYS A CB  1 
ATOM   14   C CG  . LYS A 1 2  ? -18.843 -9.198  -9.103  1.00 40.34 ? 2   LYS A CG  1 
ATOM   15   C CD  . LYS A 1 2  ? -19.571 -8.392  -10.164 1.00 39.34 ? 2   LYS A CD  1 
ATOM   16   C CE  . LYS A 1 2  ? -20.992 -8.057  -9.730  1.00 37.87 ? 2   LYS A CE  1 
ATOM   17   N NZ  . LYS A 1 2  ? -21.685 -7.215  -10.743 1.00 37.60 ? 2   LYS A NZ  1 
ATOM   18   N N   . THR A 1 3  ? -14.655 -11.023 -9.702  1.00 47.61 ? 3   THR A N   1 
ATOM   19   C CA  . THR A 1 3  ? -13.305 -11.055 -10.249 1.00 47.24 ? 3   THR A CA  1 
ATOM   20   C C   . THR A 1 3  ? -13.324 -10.006 -11.358 1.00 46.63 ? 3   THR A C   1 
ATOM   21   O O   . THR A 1 3  ? -14.393 -9.633  -11.839 1.00 47.06 ? 3   THR A O   1 
ATOM   22   C CB  . THR A 1 3  ? -13.001 -12.430 -10.872 1.00 46.55 ? 3   THR A CB  1 
ATOM   23   O OG1 . THR A 1 3  ? -13.828 -12.620 -12.027 1.00 45.86 ? 3   THR A OG1 1 
ATOM   24   C CG2 . THR A 1 3  ? -13.292 -13.543 -9.870  1.00 44.54 ? 3   THR A CG2 1 
ATOM   25   N N   . PRO A 1 4  ? -12.153 -9.507  -11.771 1.00 47.13 ? 4   PRO A N   1 
ATOM   26   C CA  . PRO A 1 4  ? -12.182 -8.502  -12.840 1.00 47.08 ? 4   PRO A CA  1 
ATOM   27   C C   . PRO A 1 4  ? -12.934 -8.925  -14.110 1.00 47.64 ? 4   PRO A C   1 
ATOM   28   O O   . PRO A 1 4  ? -13.552 -8.088  -14.768 1.00 47.26 ? 4   PRO A O   1 
ATOM   29   C CB  . PRO A 1 4  ? -10.695 -8.199  -13.082 1.00 45.78 ? 4   PRO A CB  1 
ATOM   30   C CG  . PRO A 1 4  ? -9.959  -9.337  -12.417 1.00 46.66 ? 4   PRO A CG  1 
ATOM   31   C CD  . PRO A 1 4  ? -10.796 -9.660  -11.225 1.00 45.64 ? 4   PRO A CD  1 
ATOM   32   N N   . GLU A 1 5  ? -12.899 -10.212 -14.451 1.00 49.16 ? 5   GLU A N   1 
ATOM   33   C CA  . GLU A 1 5  ? -13.603 -10.690 -15.645 1.00 51.01 ? 5   GLU A CA  1 
ATOM   34   C C   . GLU A 1 5  ? -15.108 -10.772 -15.382 1.00 51.14 ? 5   GLU A C   1 
ATOM   35   O O   . GLU A 1 5  ? -15.915 -10.602 -16.298 1.00 49.96 ? 5   GLU A O   1 
ATOM   36   C CB  . GLU A 1 5  ? -13.086 -12.069 -16.082 1.00 53.17 ? 5   GLU A CB  1 
ATOM   37   C CG  . GLU A 1 5  ? -13.417 -13.207 -15.121 1.00 58.13 ? 5   GLU A CG  1 
ATOM   38   C CD  . GLU A 1 5  ? -13.038 -14.582 -15.665 1.00 61.19 ? 5   GLU A CD  1 
ATOM   39   O OE1 . GLU A 1 5  ? -13.197 -15.577 -14.921 1.00 63.39 ? 5   GLU A OE1 1 
ATOM   40   O OE2 . GLU A 1 5  ? -12.587 -14.674 -16.830 1.00 61.25 ? 5   GLU A OE2 1 
ATOM   41   N N   . ASP A 1 6  ? -15.482 -11.037 -14.131 1.00 51.30 ? 6   ASP A N   1 
ATOM   42   C CA  . ASP A 1 6  ? -16.892 -11.121 -13.755 1.00 51.43 ? 6   ASP A CA  1 
ATOM   43   C C   . ASP A 1 6  ? -17.541 -9.741  -13.671 1.00 49.63 ? 6   ASP A C   1 
ATOM   44   O O   . ASP A 1 6  ? -18.766 -9.629  -13.699 1.00 50.30 ? 6   ASP A O   1 
ATOM   45   C CB  . ASP A 1 6  ? -17.056 -11.830 -12.407 1.00 53.81 ? 6   ASP A CB  1 
ATOM   46   C CG  . ASP A 1 6  ? -17.012 -13.345 -12.528 1.00 56.18 ? 6   ASP A CG  1 
ATOM   47   O OD1 . ASP A 1 6  ? -16.976 -14.020 -11.476 1.00 57.59 ? 6   ASP A OD1 1 
ATOM   48   O OD2 . ASP A 1 6  ? -17.019 -13.861 -13.666 1.00 56.59 ? 6   ASP A OD2 1 
ATOM   49   N N   . CYS A 1 7  ? -16.731 -8.694  -13.560 1.00 46.54 ? 7   CYS A N   1 
ATOM   50   C CA  . CYS A 1 7  ? -17.283 -7.350  -13.468 1.00 45.28 ? 7   CYS A CA  1 
ATOM   51   C C   . CYS A 1 7  ? -18.117 -7.068  -14.710 1.00 46.42 ? 7   CYS A C   1 
ATOM   52   O O   . CYS A 1 7  ? -17.740 -7.442  -15.826 1.00 46.29 ? 7   CYS A O   1 
ATOM   53   C CB  . CYS A 1 7  ? -16.162 -6.325  -13.314 1.00 43.40 ? 7   CYS A CB  1 
ATOM   54   S SG  . CYS A 1 7  ? -15.313 -6.438  -11.713 1.00 40.73 ? 7   CYS A SG  1 
ATOM   55   N N   . THR A 1 8  ? -19.253 -6.407  -14.512 1.00 45.74 ? 8   THR A N   1 
ATOM   56   C CA  . THR A 1 8  ? -20.161 -6.111  -15.614 1.00 45.30 ? 8   THR A CA  1 
ATOM   57   C C   . THR A 1 8  ? -20.196 -4.644  -16.013 1.00 44.54 ? 8   THR A C   1 
ATOM   58   O O   . THR A 1 8  ? -20.941 -4.261  -16.914 1.00 46.98 ? 8   THR A O   1 
ATOM   59   C CB  . THR A 1 8  ? -21.595 -6.549  -15.259 1.00 45.06 ? 8   THR A CB  1 
ATOM   60   O OG1 . THR A 1 8  ? -22.095 -5.732  -14.189 1.00 45.89 ? 8   THR A OG1 1 
ATOM   61   C CG2 . THR A 1 8  ? -21.607 -8.014  -14.817 1.00 43.75 ? 8   THR A CG2 1 
ATOM   62   N N   . GLY A 1 9  ? -19.399 -3.822  -15.344 1.00 43.63 ? 9   GLY A N   1 
ATOM   63   C CA  . GLY A 1 9  ? -19.385 -2.409  -15.669 1.00 42.22 ? 9   GLY A CA  1 
ATOM   64   C C   . GLY A 1 9  ? -18.361 -1.623  -14.874 1.00 41.55 ? 9   GLY A C   1 
ATOM   65   O O   . GLY A 1 9  ? -17.656 -2.184  -14.034 1.00 41.16 ? 9   GLY A O   1 
ATOM   66   N N   . LEU A 1 10 ? -18.285 -0.321  -15.142 1.00 40.25 ? 10  LEU A N   1 
ATOM   67   C CA  . LEU A 1 10 ? -17.348 0.563   -14.462 1.00 40.32 ? 10  LEU A CA  1 
ATOM   68   C C   . LEU A 1 10 ? -17.629 0.675   -12.962 1.00 38.41 ? 10  LEU A C   1 
ATOM   69   O O   . LEU A 1 10 ? -16.710 0.880   -12.158 1.00 38.15 ? 10  LEU A O   1 
ATOM   70   C CB  . LEU A 1 10 ? -17.385 1.956   -15.103 1.00 42.35 ? 10  LEU A CB  1 
ATOM   71   C CG  . LEU A 1 10 ? -16.117 2.428   -15.827 1.00 45.94 ? 10  LEU A CG  1 
ATOM   72   C CD1 . LEU A 1 10 ? -15.762 1.451   -16.931 1.00 46.09 ? 10  LEU A CD1 1 
ATOM   73   C CD2 . LEU A 1 10 ? -16.336 3.826   -16.402 1.00 46.21 ? 10  LEU A CD2 1 
ATOM   74   N N   . ALA A 1 11 ? -18.896 0.546   -12.586 1.00 35.35 ? 11  ALA A N   1 
ATOM   75   C CA  . ALA A 1 11 ? -19.277 0.633   -11.182 1.00 33.46 ? 11  ALA A CA  1 
ATOM   76   C C   . ALA A 1 11 ? -18.611 -0.489  -10.369 1.00 31.46 ? 11  ALA A C   1 
ATOM   77   O O   . ALA A 1 11 ? -18.073 -0.241  -9.292  1.00 30.35 ? 11  ALA A O   1 
ATOM   78   C CB  . ALA A 1 11 ? -20.796 0.568   -11.048 1.00 34.56 ? 11  ALA A CB  1 
ATOM   79   N N   . ASP A 1 12 ? -18.642 -1.715  -10.889 1.00 29.44 ? 12  ASP A N   1 
ATOM   80   C CA  . ASP A 1 12 ? -18.014 -2.838  -10.206 1.00 29.83 ? 12  ASP A CA  1 
ATOM   81   C C   . ASP A 1 12 ? -16.525 -2.553  -10.042 1.00 30.89 ? 12  ASP A C   1 
ATOM   82   O O   . ASP A 1 12 ? -15.957 -2.714  -8.955  1.00 29.41 ? 12  ASP A O   1 
ATOM   83   C CB  . ASP A 1 12 ? -18.165 -4.132  -11.010 1.00 31.34 ? 12  ASP A CB  1 
ATOM   84   C CG  . ASP A 1 12 ? -19.547 -4.759  -10.879 1.00 35.03 ? 12  ASP A CG  1 
ATOM   85   O OD1 . ASP A 1 12 ? -20.148 -4.701  -9.780  1.00 36.36 ? 12  ASP A OD1 1 
ATOM   86   O OD2 . ASP A 1 12 ? -20.023 -5.336  -11.880 1.00 37.35 ? 12  ASP A OD2 1 
ATOM   87   N N   . ILE A 1 13 ? -15.904 -2.136  -11.145 1.00 31.78 ? 13  ILE A N   1 
ATOM   88   C CA  . ILE A 1 13 ? -14.483 -1.825  -11.191 1.00 32.61 ? 13  ILE A CA  1 
ATOM   89   C C   . ILE A 1 13 ? -14.104 -0.760  -10.163 1.00 32.19 ? 13  ILE A C   1 
ATOM   90   O O   . ILE A 1 13 ? -13.150 -0.937  -9.409  1.00 31.95 ? 13  ILE A O   1 
ATOM   91   C CB  . ILE A 1 13 ? -14.079 -1.317  -12.598 1.00 35.34 ? 13  ILE A CB  1 
ATOM   92   C CG1 . ILE A 1 13 ? -14.447 -2.355  -13.668 1.00 35.66 ? 13  ILE A CG1 1 
ATOM   93   C CG2 . ILE A 1 13 ? -12.591 -1.019  -12.636 1.00 34.95 ? 13  ILE A CG2 1 
ATOM   94   C CD1 . ILE A 1 13 ? -13.594 -3.596  -13.652 1.00 36.62 ? 13  ILE A CD1 1 
ATOM   95   N N   . ARG A 1 14 ? -14.857 0.336   -10.142 1.00 31.43 ? 14  ARG A N   1 
ATOM   96   C CA  . ARG A 1 14 ? -14.597 1.434   -9.219  1.00 33.12 ? 14  ARG A CA  1 
ATOM   97   C C   . ARG A 1 14 ? -14.683 0.991   -7.764  1.00 31.88 ? 14  ARG A C   1 
ATOM   98   O O   . ARG A 1 14 ? -13.808 1.318   -6.952  1.00 29.66 ? 14  ARG A O   1 
ATOM   99   C CB  . ARG A 1 14 ? -15.585 2.577   -9.464  1.00 36.48 ? 14  ARG A CB  1 
ATOM   100  C CG  . ARG A 1 14 ? -15.299 3.429   -10.702 1.00 40.85 ? 14  ARG A CG  1 
ATOM   101  C CD  . ARG A 1 14 ? -16.574 4.153   -11.144 1.00 48.87 ? 14  ARG A CD  1 
ATOM   102  N NE  . ARG A 1 14 ? -16.343 5.331   -11.980 1.00 54.02 ? 14  ARG A NE  1 
ATOM   103  C CZ  . ARG A 1 14 ? -15.472 5.393   -12.986 1.00 58.27 ? 14  ARG A CZ  1 
ATOM   104  N NH1 . ARG A 1 14 ? -15.352 6.516   -13.687 1.00 58.28 ? 14  ARG A NH1 1 
ATOM   105  N NH2 . ARG A 1 14 ? -14.707 4.347   -13.280 1.00 59.01 ? 14  ARG A NH2 1 
ATOM   106  N N   . GLU A 1 15 ? -15.740 0.256   -7.429  1.00 30.23 ? 15  GLU A N   1 
ATOM   107  C CA  . GLU A 1 15 ? -15.904 -0.221  -6.065  1.00 29.70 ? 15  GLU A CA  1 
ATOM   108  C C   . GLU A 1 15 ? -14.789 -1.204  -5.725  1.00 27.53 ? 15  GLU A C   1 
ATOM   109  O O   . GLU A 1 15 ? -14.274 -1.197  -4.615  1.00 26.70 ? 15  GLU A O   1 
ATOM   110  C CB  . GLU A 1 15 ? -17.263 -0.899  -5.880  1.00 29.17 ? 15  GLU A CB  1 
ATOM   111  C CG  . GLU A 1 15 ? -18.432 0.000   -6.207  1.00 32.72 ? 15  GLU A CG  1 
ATOM   112  C CD  . GLU A 1 15 ? -19.708 -0.435  -5.518  1.00 34.98 ? 15  GLU A CD  1 
ATOM   113  O OE1 . GLU A 1 15 ? -19.908 -1.660  -5.354  1.00 37.08 ? 15  GLU A OE1 1 
ATOM   114  O OE2 . GLU A 1 15 ? -20.516 0.446   -5.150  1.00 34.08 ? 15  GLU A OE2 1 
ATOM   115  N N   . ALA A 1 16 ? -14.410 -2.039  -6.685  1.00 25.96 ? 16  ALA A N   1 
ATOM   116  C CA  . ALA A 1 16 ? -13.349 -3.007  -6.435  1.00 27.86 ? 16  ALA A CA  1 
ATOM   117  C C   . ALA A 1 16 ? -12.085 -2.235  -6.093  1.00 26.79 ? 16  ALA A C   1 
ATOM   118  O O   . ALA A 1 16 ? -11.402 -2.541  -5.116  1.00 28.11 ? 16  ALA A O   1 
ATOM   119  C CB  . ALA A 1 16 ? -13.118 -3.886  -7.668  1.00 26.72 ? 16  ALA A CB  1 
ATOM   120  N N   . ILE A 1 17 ? -11.788 -1.214  -6.890  1.00 24.76 ? 17  ILE A N   1 
ATOM   121  C CA  . ILE A 1 17 ? -10.609 -0.406  -6.648  1.00 24.30 ? 17  ILE A CA  1 
ATOM   122  C C   . ILE A 1 17 ? -10.704 0.355   -5.325  1.00 25.63 ? 17  ILE A C   1 
ATOM   123  O O   . ILE A 1 17 ? -9.697  0.537   -4.650  1.00 26.11 ? 17  ILE A O   1 
ATOM   124  C CB  . ILE A 1 17 ? -10.346 0.545   -7.836  1.00 22.93 ? 17  ILE A CB  1 
ATOM   125  C CG1 . ILE A 1 17 ? -9.940  -0.291  -9.057  1.00 21.82 ? 17  ILE A CG1 1 
ATOM   126  C CG2 . ILE A 1 17 ? -9.246  1.538   -7.494  1.00 20.64 ? 17  ILE A CG2 1 
ATOM   127  C CD1 . ILE A 1 17 ? -9.838  0.488   -10.348 1.00 26.51 ? 17  ILE A CD1 1 
ATOM   128  N N   . ASP A 1 18 ? -11.904 0.779   -4.935  1.00 25.22 ? 18  ASP A N   1 
ATOM   129  C CA  . ASP A 1 18 ? -12.060 1.484   -3.666  1.00 26.05 ? 18  ASP A CA  1 
ATOM   130  C C   . ASP A 1 18 ? -11.773 0.537   -2.502  1.00 27.06 ? 18  ASP A C   1 
ATOM   131  O O   . ASP A 1 18 ? -11.097 0.904   -1.538  1.00 26.29 ? 18  ASP A O   1 
ATOM   132  C CB  . ASP A 1 18 ? -13.481 2.035   -3.499  1.00 27.87 ? 18  ASP A CB  1 
ATOM   133  C CG  . ASP A 1 18 ? -13.728 3.301   -4.306  1.00 29.75 ? 18  ASP A CG  1 
ATOM   134  O OD1 . ASP A 1 18 ? -12.765 3.920   -4.805  1.00 31.67 ? 18  ASP A OD1 1 
ATOM   135  O OD2 . ASP A 1 18 ? -14.904 3.688   -4.429  1.00 33.69 ? 18  ASP A OD2 1 
ATOM   136  N N   . ARG A 1 19 ? -12.294 -0.683  -2.596  1.00 25.85 ? 19  ARG A N   1 
ATOM   137  C CA  . ARG A 1 19 ? -12.103 -1.673  -1.547  1.00 25.32 ? 19  ARG A CA  1 
ATOM   138  C C   . ARG A 1 19 ? -10.618 -2.010  -1.424  1.00 25.60 ? 19  ARG A C   1 
ATOM   139  O O   . ARG A 1 19 ? -10.083 -2.108  -0.323  1.00 25.72 ? 19  ARG A O   1 
ATOM   140  C CB  . ARG A 1 19 ? -12.910 -2.937  -1.870  1.00 26.91 ? 19  ARG A CB  1 
ATOM   141  C CG  . ARG A 1 19 ? -12.791 -4.053  -0.830  1.00 27.72 ? 19  ARG A CG  1 
ATOM   142  C CD  . ARG A 1 19 ? -13.237 -3.586  0.561   1.00 30.86 ? 19  ARG A CD  1 
ATOM   143  N NE  . ARG A 1 19 ? -12.118 -3.169  1.404   1.00 30.21 ? 19  ARG A NE  1 
ATOM   144  C CZ  . ARG A 1 19 ? -12.250 -2.687  2.636   1.00 31.35 ? 19  ARG A CZ  1 
ATOM   145  N NH1 . ARG A 1 19 ? -13.456 -2.556  3.177   1.00 31.95 ? 19  ARG A NH1 1 
ATOM   146  N NH2 . ARG A 1 19 ? -11.174 -2.348  3.338   1.00 30.86 ? 19  ARG A NH2 1 
ATOM   147  N N   . ILE A 1 20 ? -9.957  -2.177  -2.565  1.00 24.97 ? 20  ILE A N   1 
ATOM   148  C CA  . ILE A 1 20 ? -8.539  -2.493  -2.577  1.00 26.63 ? 20  ILE A CA  1 
ATOM   149  C C   . ILE A 1 20 ? -7.714  -1.328  -2.025  1.00 27.45 ? 20  ILE A C   1 
ATOM   150  O O   . ILE A 1 20 ? -6.832  -1.527  -1.195  1.00 29.34 ? 20  ILE A O   1 
ATOM   151  C CB  . ILE A 1 20 ? -8.053  -2.843  -4.004  1.00 26.63 ? 20  ILE A CB  1 
ATOM   152  C CG1 . ILE A 1 20 ? -8.622  -4.196  -4.428  1.00 24.98 ? 20  ILE A CG1 1 
ATOM   153  C CG2 . ILE A 1 20 ? -6.527  -2.902  -4.041  1.00 27.81 ? 20  ILE A CG2 1 
ATOM   154  C CD1 . ILE A 1 20 ? -8.314  -4.563  -5.868  1.00 24.44 ? 20  ILE A CD1 1 
ATOM   155  N N   . ASP A 1 21 ? -7.997  -0.114  -2.474  1.00 26.25 ? 21  ASP A N   1 
ATOM   156  C CA  . ASP A 1 21 ? -7.245  1.023   -1.966  1.00 27.27 ? 21  ASP A CA  1 
ATOM   157  C C   . ASP A 1 21 ? -7.417  1.136   -0.454  1.00 26.82 ? 21  ASP A C   1 
ATOM   158  O O   . ASP A 1 21 ? -6.442  1.344   0.270   1.00 25.67 ? 21  ASP A O   1 
ATOM   159  C CB  . ASP A 1 21 ? -7.682  2.322   -2.652  1.00 25.19 ? 21  ASP A CB  1 
ATOM   160  C CG  . ASP A 1 21 ? -7.146  2.437   -4.068  1.00 25.69 ? 21  ASP A CG  1 
ATOM   161  O OD1 . ASP A 1 21 ? -6.365  1.551   -4.485  1.00 24.71 ? 21  ASP A OD1 1 
ATOM   162  O OD2 . ASP A 1 21 ? -7.504  3.411   -4.764  1.00 26.16 ? 21  ASP A OD2 1 
ATOM   163  N N   . LEU A 1 22 ? -8.650  0.985   0.020   1.00 26.92 ? 22  LEU A N   1 
ATOM   164  C CA  . LEU A 1 22 ? -8.912  1.064   1.450   1.00 27.52 ? 22  LEU A CA  1 
ATOM   165  C C   . LEU A 1 22 ? -8.132  -0.024  2.193   1.00 28.03 ? 22  LEU A C   1 
ATOM   166  O O   . LEU A 1 22 ? -7.623  0.229   3.287   1.00 28.90 ? 22  LEU A O   1 
ATOM   167  C CB  . LEU A 1 22 ? -10.412 0.928   1.743   1.00 27.53 ? 22  LEU A CB  1 
ATOM   168  C CG  . LEU A 1 22 ? -10.788 0.995   3.230   1.00 27.47 ? 22  LEU A CG  1 
ATOM   169  C CD1 . LEU A 1 22 ? -10.269 2.288   3.838   1.00 27.57 ? 22  LEU A CD1 1 
ATOM   170  C CD2 . LEU A 1 22 ? -12.298 0.900   3.393   1.00 28.61 ? 22  LEU A CD2 1 
ATOM   171  N N   . ASP A 1 23 ? -8.042  -1.225  1.613   1.00 26.58 ? 23  ASP A N   1 
ATOM   172  C CA  . ASP A 1 23 ? -7.288  -2.313  2.251   1.00 28.67 ? 23  ASP A CA  1 
ATOM   173  C C   . ASP A 1 23 ? -5.831  -1.872  2.407   1.00 29.08 ? 23  ASP A C   1 
ATOM   174  O O   . ASP A 1 23 ? -5.196  -2.102  3.438   1.00 26.54 ? 23  ASP A O   1 
ATOM   175  C CB  . ASP A 1 23 ? -7.299  -3.597  1.401   1.00 30.31 ? 23  ASP A CB  1 
ATOM   176  C CG  . ASP A 1 23 ? -8.644  -4.306  1.398   1.00 30.84 ? 23  ASP A CG  1 
ATOM   177  O OD1 . ASP A 1 23 ? -9.489  -4.034  2.282   1.00 31.12 ? 23  ASP A OD1 1 
ATOM   178  O OD2 . ASP A 1 23 ? -8.843  -5.156  0.506   1.00 29.55 ? 23  ASP A OD2 1 
ATOM   179  N N   . ILE A 1 24 ? -5.305  -1.247  1.358   1.00 28.61 ? 24  ILE A N   1 
ATOM   180  C CA  . ILE A 1 24 ? -3.933  -0.767  1.375   1.00 29.27 ? 24  ILE A CA  1 
ATOM   181  C C   . ILE A 1 24 ? -3.747  0.243   2.515   1.00 29.03 ? 24  ILE A C   1 
ATOM   182  O O   . ILE A 1 24 ? -2.814  0.125   3.317   1.00 29.34 ? 24  ILE A O   1 
ATOM   183  C CB  . ILE A 1 24 ? -3.564  -0.141  0.003   1.00 28.92 ? 24  ILE A CB  1 
ATOM   184  C CG1 . ILE A 1 24 ? -3.633  -1.231  -1.077  1.00 29.40 ? 24  ILE A CG1 1 
ATOM   185  C CG2 . ILE A 1 24 ? -2.169  0.466   0.052   1.00 27.81 ? 24  ILE A CG2 1 
ATOM   186  C CD1 . ILE A 1 24 ? -3.287  -0.774  -2.480  1.00 28.51 ? 24  ILE A CD1 1 
ATOM   187  N N   . VAL A 1 25 ? -4.654  1.212   2.605   1.00 27.52 ? 25  VAL A N   1 
ATOM   188  C CA  . VAL A 1 25 ? -4.596  2.230   3.659   1.00 26.45 ? 25  VAL A CA  1 
ATOM   189  C C   . VAL A 1 25 ? -4.606  1.610   5.072   1.00 28.53 ? 25  VAL A C   1 
ATOM   190  O O   . VAL A 1 25 ? -3.786  1.966   5.927   1.00 27.27 ? 25  VAL A O   1 
ATOM   191  C CB  . VAL A 1 25 ? -5.786  3.220   3.538   1.00 23.26 ? 25  VAL A CB  1 
ATOM   192  C CG1 . VAL A 1 25 ? -5.797  4.180   4.726   1.00 20.44 ? 25  VAL A CG1 1 
ATOM   193  C CG2 . VAL A 1 25 ? -5.692  3.991   2.222   1.00 18.45 ? 25  VAL A CG2 1 
ATOM   194  N N   . GLN A 1 26 ? -5.544  0.698   5.313   1.00 28.80 ? 26  GLN A N   1 
ATOM   195  C CA  . GLN A 1 26 ? -5.657  0.036   6.611   1.00 29.57 ? 26  GLN A CA  1 
ATOM   196  C C   . GLN A 1 26 ? -4.390  -0.773  6.890   1.00 30.84 ? 26  GLN A C   1 
ATOM   197  O O   . GLN A 1 26 ? -3.904  -0.816  8.031   1.00 30.78 ? 26  GLN A O   1 
ATOM   198  C CB  . GLN A 1 26 ? -6.893  -0.878  6.628   1.00 28.67 ? 26  GLN A CB  1 
ATOM   199  C CG  . GLN A 1 26 ? -8.201  -0.141  6.282   1.00 28.27 ? 26  GLN A CG  1 
ATOM   200  C CD  . GLN A 1 26 ? -9.441  -1.036  6.330   1.00 27.36 ? 26  GLN A CD  1 
ATOM   201  O OE1 . GLN A 1 26 ? -9.427  -2.168  5.844   1.00 26.33 ? 26  GLN A OE1 1 
ATOM   202  N NE2 . GLN A 1 26 ? -10.523 -0.518  6.902   1.00 25.81 ? 26  GLN A NE2 1 
ATOM   203  N N   . ALA A 1 27 ? -3.862  -1.414  5.847   1.00 29.75 ? 27  ALA A N   1 
ATOM   204  C CA  . ALA A 1 27 ? -2.639  -2.200  5.971   1.00 28.87 ? 27  ALA A CA  1 
ATOM   205  C C   . ALA A 1 27 ? -1.500  -1.267  6.400   1.00 29.12 ? 27  ALA A C   1 
ATOM   206  O O   . ALA A 1 27 ? -0.685  -1.625  7.253   1.00 28.84 ? 27  ALA A O   1 
ATOM   207  C CB  . ALA A 1 27 ? -2.305  -2.872  4.644   1.00 26.53 ? 27  ALA A CB  1 
ATOM   208  N N   . LEU A 1 28 ? -1.445  -0.078  5.805   1.00 27.21 ? 28  LEU A N   1 
ATOM   209  C CA  . LEU A 1 28 ? -0.427  0.902   6.168   1.00 27.67 ? 28  LEU A CA  1 
ATOM   210  C C   . LEU A 1 28 ? -0.663  1.361   7.610   1.00 27.94 ? 28  LEU A C   1 
ATOM   211  O O   . LEU A 1 28 ? 0.286   1.607   8.362   1.00 29.37 ? 28  LEU A O   1 
ATOM   212  C CB  . LEU A 1 28 ? -0.480  2.111   5.223   1.00 26.43 ? 28  LEU A CB  1 
ATOM   213  C CG  . LEU A 1 28 ? 0.022   1.866   3.794   1.00 30.55 ? 28  LEU A CG  1 
ATOM   214  C CD1 . LEU A 1 28 ? -0.240  3.082   2.914   1.00 26.11 ? 28  LEU A CD1 1 
ATOM   215  C CD2 . LEU A 1 28 ? 1.520   1.553   3.834   1.00 29.97 ? 28  LEU A CD2 1 
ATOM   216  N N   . GLY A 1 29 ? -1.934  1.475   7.991   1.00 28.70 ? 29  GLY A N   1 
ATOM   217  C CA  . GLY A 1 29 ? -2.272  1.898   9.342   1.00 29.42 ? 29  GLY A CA  1 
ATOM   218  C C   . GLY A 1 29 ? -1.801  0.889   10.378  1.00 31.61 ? 29  GLY A C   1 
ATOM   219  O O   . GLY A 1 29 ? -1.252  1.261   11.421  1.00 32.03 ? 29  GLY A O   1 
ATOM   220  N N   . ARG A 1 30 ? -2.020  -0.395  10.105  1.00 31.07 ? 30  ARG A N   1 
ATOM   221  C CA  . ARG A 1 30 ? -1.581  -1.427  11.030  1.00 32.69 ? 30  ARG A CA  1 
ATOM   222  C C   . ARG A 1 30 ? -0.057  -1.469  10.992  1.00 32.92 ? 30  ARG A C   1 
ATOM   223  O O   . ARG A 1 30 ? 0.588   -1.722  12.007  1.00 34.26 ? 30  ARG A O   1 
ATOM   224  C CB  . ARG A 1 30 ? -2.134  -2.805  10.641  1.00 32.85 ? 30  ARG A CB  1 
ATOM   225  C CG  . ARG A 1 30 ? -3.654  -2.926  10.690  1.00 38.46 ? 30  ARG A CG  1 
ATOM   226  C CD  . ARG A 1 30 ? -4.104  -4.395  10.640  1.00 41.13 ? 30  ARG A CD  1 
ATOM   227  N NE  . ARG A 1 30 ? -3.526  -5.137  9.516   1.00 44.86 ? 30  ARG A NE  1 
ATOM   228  C CZ  . ARG A 1 30 ? -3.990  -5.114  8.265   1.00 47.98 ? 30  ARG A CZ  1 
ATOM   229  N NH1 . ARG A 1 30 ? -3.380  -5.828  7.321   1.00 46.74 ? 30  ARG A NH1 1 
ATOM   230  N NH2 . ARG A 1 30 ? -5.070  -4.394  7.957   1.00 45.68 ? 30  ARG A NH2 1 
ATOM   231  N N   . ARG A 1 31 ? 0.515   -1.207  9.822   1.00 32.46 ? 31  ARG A N   1 
ATOM   232  C CA  . ARG A 1 31 ? 1.966   -1.233  9.677   1.00 31.60 ? 31  ARG A CA  1 
ATOM   233  C C   . ARG A 1 31 ? 2.645   -0.229  10.600  1.00 33.30 ? 31  ARG A C   1 
ATOM   234  O O   . ARG A 1 31 ? 3.570   -0.581  11.333  1.00 31.04 ? 31  ARG A O   1 
ATOM   235  C CB  . ARG A 1 31 ? 2.370   -0.930  8.235   1.00 28.09 ? 31  ARG A CB  1 
ATOM   236  C CG  . ARG A 1 31 ? 3.833   -1.237  7.894   1.00 25.64 ? 31  ARG A CG  1 
ATOM   237  C CD  . ARG A 1 31 ? 4.156   -0.747  6.484   1.00 25.66 ? 31  ARG A CD  1 
ATOM   238  N NE  . ARG A 1 31 ? 5.356   -1.349  5.912   1.00 26.59 ? 31  ARG A NE  1 
ATOM   239  C CZ  . ARG A 1 31 ? 6.602   -1.066  6.283   1.00 26.43 ? 31  ARG A CZ  1 
ATOM   240  N NH1 . ARG A 1 31 ? 6.827   -0.178  7.245   1.00 24.39 ? 31  ARG A NH1 1 
ATOM   241  N NH2 . ARG A 1 31 ? 7.624   -1.659  5.675   1.00 24.09 ? 31  ARG A NH2 1 
ATOM   242  N N   . MET A 1 32 ? 2.191   1.020   10.569  1.00 34.67 ? 32  MET A N   1 
ATOM   243  C CA  . MET A 1 32 ? 2.810   2.036   11.404  1.00 37.38 ? 32  MET A CA  1 
ATOM   244  C C   . MET A 1 32 ? 2.596   1.791   12.892  1.00 37.81 ? 32  MET A C   1 
ATOM   245  O O   . MET A 1 32 ? 3.391   2.250   13.707  1.00 38.56 ? 32  MET A O   1 
ATOM   246  C CB  . MET A 1 32 ? 2.335   3.440   11.005  1.00 39.56 ? 32  MET A CB  1 
ATOM   247  C CG  . MET A 1 32 ? 2.665   3.837   9.535   1.00 45.22 ? 32  MET A CG  1 
ATOM   248  S SD  . MET A 1 32 ? 4.401   3.560   8.957   1.00 51.26 ? 32  MET A SD  1 
ATOM   249  C CE  . MET A 1 32 ? 4.242   3.781   7.172   1.00 47.93 ? 32  MET A CE  1 
ATOM   250  N N   . ASP A 1 33 ? 1.551   1.058   13.261  1.00 38.16 ? 33  ASP A N   1 
ATOM   251  C CA  . ASP A 1 33 ? 1.326   0.781   14.678  1.00 40.42 ? 33  ASP A CA  1 
ATOM   252  C C   . ASP A 1 33 ? 2.435   -0.089  15.254  1.00 42.86 ? 33  ASP A C   1 
ATOM   253  O O   . ASP A 1 33 ? 2.640   -0.120  16.473  1.00 43.01 ? 33  ASP A O   1 
ATOM   254  C CB  . ASP A 1 33 ? -0.017  0.087   14.914  1.00 40.45 ? 33  ASP A CB  1 
ATOM   255  C CG  . ASP A 1 33 ? -1.192  1.050   14.861  1.00 41.58 ? 33  ASP A CG  1 
ATOM   256  O OD1 . ASP A 1 33 ? -0.978  2.276   14.983  1.00 41.06 ? 33  ASP A OD1 1 
ATOM   257  O OD2 . ASP A 1 33 ? -2.334  0.570   14.709  1.00 42.39 ? 33  ASP A OD2 1 
ATOM   258  N N   . TYR A 1 34 ? 3.142   -0.810  14.386  1.00 44.92 ? 34  TYR A N   1 
ATOM   259  C CA  . TYR A 1 34 ? 4.235   -1.657  14.852  1.00 46.86 ? 34  TYR A CA  1 
ATOM   260  C C   . TYR A 1 34 ? 5.448   -0.823  15.237  1.00 49.11 ? 34  TYR A C   1 
ATOM   261  O O   . TYR A 1 34 ? 6.440   -1.355  15.722  1.00 51.28 ? 34  TYR A O   1 
ATOM   262  C CB  . TYR A 1 34 ? 4.615   -2.706  13.801  1.00 42.49 ? 34  TYR A CB  1 
ATOM   263  C CG  . TYR A 1 34 ? 3.605   -3.829  13.700  1.00 40.60 ? 34  TYR A CG  1 
ATOM   264  C CD1 . TYR A 1 34 ? 2.671   -3.865  12.667  1.00 39.99 ? 34  TYR A CD1 1 
ATOM   265  C CD2 . TYR A 1 34 ? 3.548   -4.829  14.670  1.00 40.28 ? 34  TYR A CD2 1 
ATOM   266  C CE1 . TYR A 1 34 ? 1.703   -4.869  12.603  1.00 37.98 ? 34  TYR A CE1 1 
ATOM   267  C CE2 . TYR A 1 34 ? 2.583   -5.840  14.616  1.00 38.75 ? 34  TYR A CE2 1 
ATOM   268  C CZ  . TYR A 1 34 ? 1.664   -5.849  13.578  1.00 39.54 ? 34  TYR A CZ  1 
ATOM   269  O OH  . TYR A 1 34 ? 0.700   -6.834  13.522  1.00 38.75 ? 34  TYR A OH  1 
ATOM   270  N N   . VAL A 1 35 ? 5.367   0.487   15.024  1.00 50.99 ? 35  VAL A N   1 
ATOM   271  C CA  . VAL A 1 35 ? 6.463   1.372   15.396  1.00 53.79 ? 35  VAL A CA  1 
ATOM   272  C C   . VAL A 1 35 ? 6.469   1.454   16.914  1.00 55.26 ? 35  VAL A C   1 
ATOM   273  O O   . VAL A 1 35 ? 7.523   1.424   17.551  1.00 56.92 ? 35  VAL A O   1 
ATOM   274  C CB  . VAL A 1 35 ? 6.277   2.791   14.809  1.00 56.23 ? 35  VAL A CB  1 
ATOM   275  C CG1 . VAL A 1 35 ? 6.971   3.822   15.693  1.00 57.13 ? 35  VAL A CG1 1 
ATOM   276  C CG2 . VAL A 1 35 ? 6.866   2.850   13.399  1.00 56.60 ? 35  VAL A CG2 1 
ATOM   277  N N   . LYS A 1 36 ? 5.281   1.568   17.494  1.00 55.45 ? 36  LYS A N   1 
ATOM   278  C CA  . LYS A 1 36 ? 5.156   1.624   18.943  1.00 55.89 ? 36  LYS A CA  1 
ATOM   279  C C   . LYS A 1 36 ? 5.769   0.354   19.526  1.00 54.13 ? 36  LYS A C   1 
ATOM   280  O O   . LYS A 1 36 ? 6.576   0.406   20.454  1.00 54.70 ? 36  LYS A O   1 
ATOM   281  C CB  . LYS A 1 36 ? 3.677   1.713   19.345  1.00 58.71 ? 36  LYS A CB  1 
ATOM   282  C CG  . LYS A 1 36 ? 3.410   1.655   20.852  1.00 60.91 ? 36  LYS A CG  1 
ATOM   283  C CD  . LYS A 1 36 ? 1.922   1.851   21.153  1.00 64.23 ? 36  LYS A CD  1 
ATOM   284  C CE  . LYS A 1 36 ? 1.595   1.657   22.636  1.00 65.36 ? 36  LYS A CE  1 
ATOM   285  N NZ  . LYS A 1 36 ? 2.225   2.683   23.513  1.00 65.34 ? 36  LYS A NZ  1 
ATOM   286  N N   . ALA A 1 37 ? 5.385   -0.786  18.963  1.00 52.19 ? 37  ALA A N   1 
ATOM   287  C CA  . ALA A 1 37 ? 5.868   -2.080  19.425  1.00 49.41 ? 37  ALA A CA  1 
ATOM   288  C C   . ALA A 1 37 ? 7.380   -2.211  19.326  1.00 48.35 ? 37  ALA A C   1 
ATOM   289  O O   . ALA A 1 37 ? 8.032   -2.639  20.272  1.00 47.91 ? 37  ALA A O   1 
ATOM   290  C CB  . ALA A 1 37 ? 5.188   -3.200  18.637  1.00 47.18 ? 37  ALA A CB  1 
ATOM   291  N N   . ALA A 1 38 ? 7.939   -1.834  18.185  1.00 47.35 ? 38  ALA A N   1 
ATOM   292  C CA  . ALA A 1 38 ? 9.374   -1.939  17.979  1.00 49.09 ? 38  ALA A CA  1 
ATOM   293  C C   . ALA A 1 38 ? 10.206  -1.154  18.980  1.00 51.53 ? 38  ALA A C   1 
ATOM   294  O O   . ALA A 1 38 ? 11.299  -1.587  19.345  1.00 52.11 ? 38  ALA A O   1 
ATOM   295  C CB  . ALA A 1 38 ? 9.731   -1.503  16.568  1.00 48.74 ? 38  ALA A CB  1 
ATOM   296  N N   . SER A 1 39 ? 9.698   -0.007  19.422  1.00 53.59 ? 39  SER A N   1 
ATOM   297  C CA  . SER A 1 39 ? 10.440  0.831   20.363  1.00 54.97 ? 39  SER A CA  1 
ATOM   298  C C   . SER A 1 39 ? 10.737  0.137   21.686  1.00 56.00 ? 39  SER A C   1 
ATOM   299  O O   . SER A 1 39 ? 11.756  0.415   22.317  1.00 58.49 ? 39  SER A O   1 
ATOM   300  C CB  . SER A 1 39 ? 9.694   2.146   20.630  1.00 54.88 ? 39  SER A CB  1 
ATOM   301  O OG  . SER A 1 39 ? 8.581   1.958   21.487  1.00 54.21 ? 39  SER A OG  1 
ATOM   302  N N   . ARG A 1 40 ? 9.861   -0.765  22.115  1.00 56.50 ? 40  ARG A N   1 
ATOM   303  C CA  . ARG A 1 40 ? 10.092  -1.459  23.375  1.00 57.37 ? 40  ARG A CA  1 
ATOM   304  C C   . ARG A 1 40 ? 10.907  -2.745  23.192  1.00 57.78 ? 40  ARG A C   1 
ATOM   305  O O   . ARG A 1 40 ? 10.642  -3.762  23.834  1.00 59.62 ? 40  ARG A O   1 
ATOM   306  C CB  . ARG A 1 40 ? 8.760   -1.763  24.076  1.00 56.81 ? 40  ARG A CB  1 
ATOM   307  C CG  . ARG A 1 40 ? 7.881   -2.766  23.377  1.00 57.01 ? 40  ARG A CG  1 
ATOM   308  C CD  . ARG A 1 40 ? 6.742   -3.211  24.280  1.00 57.21 ? 40  ARG A CD  1 
ATOM   309  N NE  . ARG A 1 40 ? 6.010   -4.330  23.694  1.00 57.12 ? 40  ARG A NE  1 
ATOM   310  C CZ  . ARG A 1 40 ? 5.220   -4.230  22.630  1.00 57.59 ? 40  ARG A CZ  1 
ATOM   311  N NH1 . ARG A 1 40 ? 4.597   -5.305  22.154  1.00 56.47 ? 40  ARG A NH1 1 
ATOM   312  N NH2 . ARG A 1 40 ? 5.037   -3.052  22.051  1.00 57.53 ? 40  ARG A NH2 1 
ATOM   313  N N   . PHE A 1 41 ? 11.901  -2.683  22.310  1.00 57.07 ? 41  PHE A N   1 
ATOM   314  C CA  . PHE A 1 41 ? 12.784  -3.813  22.029  1.00 57.17 ? 41  PHE A CA  1 
ATOM   315  C C   . PHE A 1 41 ? 14.145  -3.297  21.565  1.00 57.40 ? 41  PHE A C   1 
ATOM   316  O O   . PHE A 1 41 ? 14.236  -2.262  20.898  1.00 57.15 ? 41  PHE A O   1 
ATOM   317  C CB  . PHE A 1 41 ? 12.187  -4.724  20.943  1.00 56.95 ? 41  PHE A CB  1 
ATOM   318  C CG  . PHE A 1 41 ? 10.996  -5.523  21.399  1.00 55.66 ? 41  PHE A CG  1 
ATOM   319  C CD1 . PHE A 1 41 ? 9.761   -5.377  20.770  1.00 53.96 ? 41  PHE A CD1 1 
ATOM   320  C CD2 . PHE A 1 41 ? 11.102  -6.407  22.470  1.00 54.58 ? 41  PHE A CD2 1 
ATOM   321  C CE1 . PHE A 1 41 ? 8.647   -6.098  21.203  1.00 53.12 ? 41  PHE A CE1 1 
ATOM   322  C CE2 . PHE A 1 41 ? 9.994   -7.133  22.911  1.00 53.97 ? 41  PHE A CE2 1 
ATOM   323  C CZ  . PHE A 1 41 ? 8.763   -6.975  22.275  1.00 53.53 ? 41  PHE A CZ  1 
ATOM   324  N N   . ALA A 1 50 ? 19.230  -0.635  11.053  1.00 77.16 ? 50  ALA A N   1 
ATOM   325  C CA  . ALA A 1 50 ? 20.238  -0.009  10.207  1.00 77.02 ? 50  ALA A CA  1 
ATOM   326  C C   . ALA A 1 50 ? 19.800  -0.070  8.746   1.00 77.13 ? 50  ALA A C   1 
ATOM   327  O O   . ALA A 1 50 ? 18.992  -0.921  8.378   1.00 77.99 ? 50  ALA A O   1 
ATOM   328  C CB  . ALA A 1 50 ? 21.577  -0.724  10.384  1.00 75.82 ? 50  ALA A CB  1 
ATOM   329  N N   . PRO A 1 51 ? 20.314  0.843   7.896   1.00 76.90 ? 51  PRO A N   1 
ATOM   330  C CA  . PRO A 1 51 ? 19.962  0.868   6.469   1.00 75.77 ? 51  PRO A CA  1 
ATOM   331  C C   . PRO A 1 51 ? 20.133  -0.523  5.859   1.00 74.89 ? 51  PRO A C   1 
ATOM   332  O O   . PRO A 1 51 ? 19.657  -0.805  4.761   1.00 75.40 ? 51  PRO A O   1 
ATOM   333  C CB  . PRO A 1 51 ? 20.948  1.879   5.897   1.00 75.67 ? 51  PRO A CB  1 
ATOM   334  C CG  . PRO A 1 51 ? 21.058  2.872   7.011   1.00 76.33 ? 51  PRO A CG  1 
ATOM   335  C CD  . PRO A 1 51 ? 21.193  1.979   8.232   1.00 76.53 ? 51  PRO A CD  1 
ATOM   336  N N   . GLU A 1 52 ? 20.829  -1.379  6.596   1.00 73.34 ? 52  GLU A N   1 
ATOM   337  C CA  . GLU A 1 52 ? 21.076  -2.753  6.196   1.00 72.07 ? 52  GLU A CA  1 
ATOM   338  C C   . GLU A 1 52 ? 19.725  -3.463  6.051   1.00 70.06 ? 52  GLU A C   1 
ATOM   339  O O   . GLU A 1 52 ? 19.578  -4.392  5.256   1.00 68.86 ? 52  GLU A O   1 
ATOM   340  C CB  . GLU A 1 52 ? 21.938  -3.424  7.271   1.00 74.01 ? 52  GLU A CB  1 
ATOM   341  C CG  . GLU A 1 52 ? 22.213  -4.904  7.077   1.00 77.88 ? 52  GLU A CG  1 
ATOM   342  C CD  . GLU A 1 52 ? 23.127  -5.468  8.164   1.00 80.27 ? 52  GLU A CD  1 
ATOM   343  O OE1 . GLU A 1 52 ? 23.322  -6.706  8.198   1.00 81.45 ? 52  GLU A OE1 1 
ATOM   344  O OE2 . GLU A 1 52 ? 23.650  -4.672  8.980   1.00 78.91 ? 52  GLU A OE2 1 
ATOM   345  N N   . ARG A 1 53 ? 18.745  -3.003  6.826   1.00 67.93 ? 53  ARG A N   1 
ATOM   346  C CA  . ARG A 1 53 ? 17.390  -3.554  6.815   1.00 66.09 ? 53  ARG A CA  1 
ATOM   347  C C   . ARG A 1 53 ? 16.731  -3.217  5.478   1.00 63.49 ? 53  ARG A C   1 
ATOM   348  O O   . ARG A 1 53 ? 16.191  -4.088  4.796   1.00 61.72 ? 53  ARG A O   1 
ATOM   349  C CB  . ARG A 1 53 ? 16.573  -2.937  7.957   1.00 67.71 ? 53  ARG A CB  1 
ATOM   350  C CG  . ARG A 1 53 ? 15.272  -3.658  8.299   1.00 70.38 ? 53  ARG A CG  1 
ATOM   351  C CD  . ARG A 1 53 ? 14.360  -2.753  9.126   1.00 72.56 ? 53  ARG A CD  1 
ATOM   352  N NE  . ARG A 1 53 ? 15.101  -2.031  10.162  1.00 74.97 ? 53  ARG A NE  1 
ATOM   353  C CZ  . ARG A 1 53 ? 14.585  -1.076  10.933  1.00 75.87 ? 53  ARG A CZ  1 
ATOM   354  N NH1 . ARG A 1 53 ? 15.341  -0.478  11.846  1.00 76.82 ? 53  ARG A NH1 1 
ATOM   355  N NH2 . ARG A 1 53 ? 13.315  -0.714  10.797  1.00 76.47 ? 53  ARG A NH2 1 
ATOM   356  N N   . VAL A 1 54 ? 16.779  -1.940  5.117   1.00 61.43 ? 54  VAL A N   1 
ATOM   357  C CA  . VAL A 1 54 ? 16.200  -1.471  3.865   1.00 60.11 ? 54  VAL A CA  1 
ATOM   358  C C   . VAL A 1 54 ? 16.842  -2.208  2.704   1.00 58.83 ? 54  VAL A C   1 
ATOM   359  O O   . VAL A 1 54 ? 16.171  -2.588  1.744   1.00 57.98 ? 54  VAL A O   1 
ATOM   360  C CB  . VAL A 1 54 ? 16.437  0.047   3.673   1.00 60.32 ? 54  VAL A CB  1 
ATOM   361  C CG1 . VAL A 1 54 ? 16.077  0.461   2.249   1.00 60.31 ? 54  VAL A CG1 1 
ATOM   362  C CG2 . VAL A 1 54 ? 15.617  0.831   4.684   1.00 59.13 ? 54  VAL A CG2 1 
ATOM   363  N N   . ALA A 1 55 ? 18.152  -2.408  2.804   1.00 57.40 ? 55  ALA A N   1 
ATOM   364  C CA  . ALA A 1 55 ? 18.899  -3.088  1.762   1.00 55.74 ? 55  ALA A CA  1 
ATOM   365  C C   . ALA A 1 55 ? 18.352  -4.481  1.531   1.00 53.95 ? 55  ALA A C   1 
ATOM   366  O O   . ALA A 1 55 ? 18.358  -4.974  0.409   1.00 56.17 ? 55  ALA A O   1 
ATOM   367  C CB  . ALA A 1 55 ? 20.375  -3.159  2.140   1.00 58.02 ? 55  ALA A CB  1 
ATOM   368  N N   . ALA A 1 56 ? 17.869  -5.113  2.590   1.00 52.21 ? 56  ALA A N   1 
ATOM   369  C CA  . ALA A 1 56 ? 17.328  -6.461  2.487   1.00 51.87 ? 56  ALA A CA  1 
ATOM   370  C C   . ALA A 1 56 ? 15.862  -6.494  2.041   1.00 51.49 ? 56  ALA A C   1 
ATOM   371  O O   . ALA A 1 56 ? 15.459  -7.357  1.257   1.00 52.19 ? 56  ALA A O   1 
ATOM   372  C CB  . ALA A 1 56 ? 17.473  -7.174  3.825   1.00 52.00 ? 56  ALA A CB  1 
ATOM   373  N N   . MET A 1 57 ? 15.074  -5.549  2.543   1.00 49.19 ? 57  MET A N   1 
ATOM   374  C CA  . MET A 1 57 ? 13.649  -5.484  2.234   1.00 47.24 ? 57  MET A CA  1 
ATOM   375  C C   . MET A 1 57 ? 13.284  -5.176  0.783   1.00 46.04 ? 57  MET A C   1 
ATOM   376  O O   . MET A 1 57 ? 12.490  -5.888  0.178   1.00 46.17 ? 57  MET A O   1 
ATOM   377  C CB  . MET A 1 57 ? 12.971  -4.464  3.157   1.00 43.87 ? 57  MET A CB  1 
ATOM   378  C CG  . MET A 1 57 ? 13.045  -4.832  4.630   1.00 44.00 ? 57  MET A CG  1 
ATOM   379  S SD  . MET A 1 57 ? 12.288  -3.612  5.731   1.00 43.62 ? 57  MET A SD  1 
ATOM   380  C CE  . MET A 1 57 ? 10.535  -3.924  5.409   1.00 42.61 ? 57  MET A CE  1 
ATOM   381  N N   . LEU A 1 58 ? 13.856  -4.114  0.230   1.00 46.68 ? 58  LEU A N   1 
ATOM   382  C CA  . LEU A 1 58 ? 13.552  -3.709  -1.135  1.00 48.43 ? 58  LEU A CA  1 
ATOM   383  C C   . LEU A 1 58 ? 13.625  -4.819  -2.180  1.00 49.85 ? 58  LEU A C   1 
ATOM   384  O O   . LEU A 1 58 ? 12.712  -4.968  -2.989  1.00 50.04 ? 58  LEU A O   1 
ATOM   385  C CB  . LEU A 1 58 ? 14.447  -2.539  -1.543  1.00 47.81 ? 58  LEU A CB  1 
ATOM   386  C CG  . LEU A 1 58 ? 14.183  -1.286  -0.705  1.00 48.60 ? 58  LEU A CG  1 
ATOM   387  C CD1 . LEU A 1 58 ? 15.160  -0.187  -1.069  1.00 46.98 ? 58  LEU A CD1 1 
ATOM   388  C CD2 . LEU A 1 58 ? 12.748  -0.833  -0.923  1.00 48.43 ? 58  LEU A CD2 1 
ATOM   389  N N   . PRO A 1 59 ? 14.704  -5.617  -2.178  1.00 50.98 ? 59  PRO A N   1 
ATOM   390  C CA  . PRO A 1 59 ? 14.799  -6.690  -3.171  1.00 50.59 ? 59  PRO A CA  1 
ATOM   391  C C   . PRO A 1 59 ? 13.744  -7.780  -2.976  1.00 48.92 ? 59  PRO A C   1 
ATOM   392  O O   . PRO A 1 59 ? 13.355  -8.461  -3.925  1.00 49.25 ? 59  PRO A O   1 
ATOM   393  C CB  . PRO A 1 59 ? 16.223  -7.209  -2.980  1.00 51.53 ? 59  PRO A CB  1 
ATOM   394  C CG  . PRO A 1 59 ? 16.454  -6.999  -1.514  1.00 52.18 ? 59  PRO A CG  1 
ATOM   395  C CD  . PRO A 1 59 ? 15.894  -5.605  -1.308  1.00 52.37 ? 59  PRO A CD  1 
ATOM   396  N N   . GLU A 1 60 ? 13.284  -7.949  -1.743  1.00 47.43 ? 60  GLU A N   1 
ATOM   397  C CA  . GLU A 1 60 ? 12.275  -8.959  -1.457  1.00 44.86 ? 60  GLU A CA  1 
ATOM   398  C C   . GLU A 1 60 ? 10.927  -8.483  -2.014  1.00 42.92 ? 60  GLU A C   1 
ATOM   399  O O   . GLU A 1 60 ? 10.155  -9.262  -2.569  1.00 41.81 ? 60  GLU A O   1 
ATOM   400  C CB  . GLU A 1 60 ? 12.200  -9.192  0.054   1.00 45.74 ? 60  GLU A CB  1 
ATOM   401  C CG  . GLU A 1 60 ? 11.173  -10.223 0.495   1.00 48.51 ? 60  GLU A CG  1 
ATOM   402  C CD  . GLU A 1 60 ? 11.182  -10.445 2.004   1.00 51.17 ? 60  GLU A CD  1 
ATOM   403  O OE1 . GLU A 1 60 ? 11.368  -9.461  2.757   1.00 50.99 ? 60  GLU A OE1 1 
ATOM   404  O OE2 . GLU A 1 60 ? 10.986  -11.601 2.440   1.00 52.91 ? 60  GLU A OE2 1 
ATOM   405  N N   . ARG A 1 61 ? 10.655  -7.193  -1.882  1.00 40.20 ? 61  ARG A N   1 
ATOM   406  C CA  . ARG A 1 61 ? 9.406   -6.644  -2.389  1.00 39.99 ? 61  ARG A CA  1 
ATOM   407  C C   . ARG A 1 61 ? 9.437   -6.603  -3.915  1.00 41.45 ? 61  ARG A C   1 
ATOM   408  O O   . ARG A 1 61 ? 8.404   -6.757  -4.574  1.00 39.31 ? 61  ARG A O   1 
ATOM   409  C CB  . ARG A 1 61 ? 9.170   -5.249  -1.804  1.00 36.63 ? 61  ARG A CB  1 
ATOM   410  C CG  . ARG A 1 61 ? 8.642   -5.302  -0.371  1.00 34.87 ? 61  ARG A CG  1 
ATOM   411  C CD  . ARG A 1 61 ? 9.345   -4.336  0.566   1.00 33.85 ? 61  ARG A CD  1 
ATOM   412  N NE  . ARG A 1 61 ? 8.973   -4.610  1.951   1.00 33.04 ? 61  ARG A NE  1 
ATOM   413  C CZ  . ARG A 1 61 ? 9.327   -5.705  2.617   1.00 32.66 ? 61  ARG A CZ  1 
ATOM   414  N NH1 . ARG A 1 61 ? 10.074  -6.628  2.032   1.00 33.43 ? 61  ARG A NH1 1 
ATOM   415  N NH2 . ARG A 1 61 ? 8.904   -5.898  3.860   1.00 33.20 ? 61  ARG A NH2 1 
ATOM   416  N N   . ALA A 1 62 ? 10.632  -6.406  -4.470  1.00 42.04 ? 62  ALA A N   1 
ATOM   417  C CA  . ALA A 1 62 ? 10.804  -6.365  -5.914  1.00 42.47 ? 62  ALA A CA  1 
ATOM   418  C C   . ALA A 1 62 ? 10.447  -7.740  -6.461  1.00 42.45 ? 62  ALA A C   1 
ATOM   419  O O   . ALA A 1 62 ? 9.825   -7.856  -7.516  1.00 42.47 ? 62  ALA A O   1 
ATOM   420  C CB  . ALA A 1 62 ? 12.243  -6.010  -6.265  1.00 42.90 ? 62  ALA A CB  1 
ATOM   421  N N   . ARG A 1 63 ? 10.834  -8.785  -5.739  1.00 43.23 ? 63  ARG A N   1 
ATOM   422  C CA  . ARG A 1 63 ? 10.510  -10.141 -6.166  1.00 45.37 ? 63  ARG A CA  1 
ATOM   423  C C   . ARG A 1 63 ? 8.993   -10.325 -6.127  1.00 43.31 ? 63  ARG A C   1 
ATOM   424  O O   . ARG A 1 63 ? 8.399   -10.900 -7.040  1.00 43.40 ? 63  ARG A O   1 
ATOM   425  C CB  . ARG A 1 63 ? 11.171  -11.179 -5.251  1.00 48.35 ? 63  ARG A CB  1 
ATOM   426  C CG  . ARG A 1 63 ? 12.671  -11.318 -5.434  1.00 55.66 ? 63  ARG A CG  1 
ATOM   427  C CD  . ARG A 1 63 ? 13.200  -12.577 -4.740  1.00 62.00 ? 63  ARG A CD  1 
ATOM   428  N NE  . ARG A 1 63 ? 14.598  -12.846 -5.079  1.00 67.20 ? 63  ARG A NE  1 
ATOM   429  C CZ  . ARG A 1 63 ? 15.250  -13.968 -4.773  1.00 69.73 ? 63  ARG A CZ  1 
ATOM   430  N NH1 . ARG A 1 63 ? 16.521  -14.116 -5.129  1.00 69.33 ? 63  ARG A NH1 1 
ATOM   431  N NH2 . ARG A 1 63 ? 14.633  -14.945 -4.113  1.00 70.16 ? 63  ARG A NH2 1 
ATOM   432  N N   . TRP A 1 64 ? 8.376   -9.828  -5.061  1.00 41.68 ? 64  TRP A N   1 
ATOM   433  C CA  . TRP A 1 64 ? 6.932   -9.927  -4.887  1.00 40.33 ? 64  TRP A CA  1 
ATOM   434  C C   . TRP A 1 64 ? 6.163   -9.239  -6.017  1.00 38.50 ? 64  TRP A C   1 
ATOM   435  O O   . TRP A 1 64 ? 5.166   -9.772  -6.506  1.00 36.28 ? 64  TRP A O   1 
ATOM   436  C CB  . TRP A 1 64 ? 6.527   -9.340  -3.529  1.00 38.22 ? 64  TRP A CB  1 
ATOM   437  C CG  . TRP A 1 64 ? 7.057   -10.133 -2.364  1.00 39.14 ? 64  TRP A CG  1 
ATOM   438  C CD1 . TRP A 1 64 ? 7.478   -11.433 -2.383  1.00 38.47 ? 64  TRP A CD1 1 
ATOM   439  C CD2 . TRP A 1 64 ? 7.154   -9.702  -0.997  1.00 38.83 ? 64  TRP A CD2 1 
ATOM   440  N NE1 . TRP A 1 64 ? 7.825   -11.841 -1.117  1.00 39.05 ? 64  TRP A NE1 1 
ATOM   441  C CE2 . TRP A 1 64 ? 7.636   -10.801 -0.246  1.00 39.33 ? 64  TRP A CE2 1 
ATOM   442  C CE3 . TRP A 1 64 ? 6.876   -8.498  -0.332  1.00 39.31 ? 64  TRP A CE3 1 
ATOM   443  C CZ2 . TRP A 1 64 ? 7.849   -10.732 1.141   1.00 38.56 ? 64  TRP A CZ2 1 
ATOM   444  C CZ3 . TRP A 1 64 ? 7.088   -8.428  1.050   1.00 38.27 ? 64  TRP A CZ3 1 
ATOM   445  C CH2 . TRP A 1 64 ? 7.570   -9.541  1.769   1.00 39.00 ? 64  TRP A CH2 1 
ATOM   446  N N   . ALA A 1 65 ? 6.631   -8.065  -6.436  1.00 37.56 ? 65  ALA A N   1 
ATOM   447  C CA  . ALA A 1 65 ? 5.977   -7.333  -7.517  1.00 39.70 ? 65  ALA A CA  1 
ATOM   448  C C   . ALA A 1 65 ? 5.987   -8.210  -8.759  1.00 40.53 ? 65  ALA A C   1 
ATOM   449  O O   . ALA A 1 65 ? 4.972   -8.369  -9.432  1.00 40.56 ? 65  ALA A O   1 
ATOM   450  C CB  . ALA A 1 65 ? 6.710   -6.027  -7.797  1.00 37.94 ? 65  ALA A CB  1 
ATOM   451  N N   . GLU A 1 66 ? 7.153   -8.780  -9.041  1.00 42.81 ? 66  GLU A N   1 
ATOM   452  C CA  . GLU A 1 66 ? 7.348   -9.657  -10.188 1.00 44.63 ? 66  GLU A CA  1 
ATOM   453  C C   . GLU A 1 66 ? 6.312   -10.777 -10.150 1.00 43.68 ? 66  GLU A C   1 
ATOM   454  O O   . GLU A 1 66 ? 5.611   -11.024 -11.136 1.00 43.17 ? 66  GLU A O   1 
ATOM   455  C CB  . GLU A 1 66 ? 8.744   -10.275 -10.133 1.00 48.32 ? 66  GLU A CB  1 
ATOM   456  C CG  . GLU A 1 66 ? 9.510   -10.291 -11.447 1.00 54.89 ? 66  GLU A CG  1 
ATOM   457  C CD  . GLU A 1 66 ? 10.286  -9.004  -11.685 1.00 59.46 ? 66  GLU A CD  1 
ATOM   458  O OE1 . GLU A 1 66 ? 9.658   -7.976  -12.026 1.00 62.92 ? 66  GLU A OE1 1 
ATOM   459  O OE2 . GLU A 1 66 ? 11.529  -9.019  -11.521 1.00 60.61 ? 66  GLU A OE2 1 
ATOM   460  N N   . GLU A 1 67 ? 6.225   -11.446 -9.003  1.00 42.18 ? 67  GLU A N   1 
ATOM   461  C CA  . GLU A 1 67 ? 5.296   -12.556 -8.816  1.00 43.08 ? 67  GLU A CA  1 
ATOM   462  C C   . GLU A 1 67 ? 3.845   -12.116 -8.915  1.00 43.13 ? 67  GLU A C   1 
ATOM   463  O O   . GLU A 1 67 ? 2.945   -12.952 -8.957  1.00 43.94 ? 67  GLU A O   1 
ATOM   464  C CB  . GLU A 1 67 ? 5.507   -13.215 -7.449  1.00 45.92 ? 67  GLU A CB  1 
ATOM   465  C CG  . GLU A 1 67 ? 6.922   -13.683 -7.155  1.00 51.96 ? 67  GLU A CG  1 
ATOM   466  C CD  . GLU A 1 67 ? 7.056   -14.246 -5.747  1.00 55.81 ? 67  GLU A CD  1 
ATOM   467  O OE1 . GLU A 1 67 ? 6.435   -15.293 -5.459  1.00 58.30 ? 67  GLU A OE1 1 
ATOM   468  O OE2 . GLU A 1 67 ? 7.773   -13.636 -4.921  1.00 58.10 ? 67  GLU A OE2 1 
ATOM   469  N N   . ASN A 1 68 ? 3.604   -10.809 -8.934  1.00 40.97 ? 68  ASN A N   1 
ATOM   470  C CA  . ASN A 1 68 ? 2.233   -10.331 -9.020  1.00 39.27 ? 68  ASN A CA  1 
ATOM   471  C C   . ASN A 1 68 ? 1.940   -9.525  -10.291 1.00 39.37 ? 68  ASN A C   1 
ATOM   472  O O   . ASN A 1 68 ? 0.995   -8.733  -10.338 1.00 40.14 ? 68  ASN A O   1 
ATOM   473  C CB  . ASN A 1 68 ? 1.894   -9.540  -7.756  1.00 35.29 ? 68  ASN A CB  1 
ATOM   474  C CG  . ASN A 1 68 ? 1.670   -10.446 -6.556  1.00 36.06 ? 68  ASN A CG  1 
ATOM   475  O OD1 . ASN A 1 68 ? 0.595   -11.018 -6.395  1.00 35.76 ? 68  ASN A OD1 1 
ATOM   476  N ND2 . ASN A 1 68 ? 2.688   -10.596 -5.719  1.00 33.23 ? 68  ASN A ND2 1 
ATOM   477  N N   . GLY A 1 69 ? 2.749   -9.755  -11.321 1.00 37.31 ? 69  GLY A N   1 
ATOM   478  C CA  . GLY A 1 69 ? 2.561   -9.077  -12.590 1.00 36.65 ? 69  GLY A CA  1 
ATOM   479  C C   . GLY A 1 69 ? 2.760   -7.578  -12.551 1.00 37.63 ? 69  GLY A C   1 
ATOM   480  O O   . GLY A 1 69 ? 2.235   -6.853  -13.401 1.00 37.91 ? 69  GLY A O   1 
ATOM   481  N N   . LEU A 1 70 ? 3.527   -7.108  -11.577 1.00 37.69 ? 70  LEU A N   1 
ATOM   482  C CA  . LEU A 1 70 ? 3.775   -5.678  -11.440 1.00 39.12 ? 70  LEU A CA  1 
ATOM   483  C C   . LEU A 1 70 ? 5.192   -5.311  -11.857 1.00 40.56 ? 70  LEU A C   1 
ATOM   484  O O   . LEU A 1 70 ? 6.059   -6.178  -11.986 1.00 40.08 ? 70  LEU A O   1 
ATOM   485  C CB  . LEU A 1 70 ? 3.544   -5.243  -9.990  1.00 37.37 ? 70  LEU A CB  1 
ATOM   486  C CG  . LEU A 1 70 ? 2.121   -5.343  -9.429  1.00 37.61 ? 70  LEU A CG  1 
ATOM   487  C CD1 . LEU A 1 70 ? 2.148   -5.184  -7.916  1.00 36.23 ? 70  LEU A CD1 1 
ATOM   488  C CD2 . LEU A 1 70 ? 1.247   -4.272  -10.069 1.00 35.15 ? 70  LEU A CD2 1 
ATOM   489  N N   . ASP A 1 71 ? 5.415   -4.018  -12.075 1.00 42.23 ? 71  ASP A N   1 
ATOM   490  C CA  . ASP A 1 71 ? 6.729   -3.517  -12.451 1.00 44.01 ? 71  ASP A CA  1 
ATOM   491  C C   . ASP A 1 71 ? 7.548   -3.360  -11.175 1.00 42.77 ? 71  ASP A C   1 
ATOM   492  O O   . ASP A 1 71 ? 7.256   -2.498  -10.345 1.00 43.93 ? 71  ASP A O   1 
ATOM   493  C CB  . ASP A 1 71 ? 6.605   -2.158  -13.139 1.00 48.02 ? 71  ASP A CB  1 
ATOM   494  C CG  . ASP A 1 71 ? 7.956   -1.582  -13.522 1.00 53.07 ? 71  ASP A CG  1 
ATOM   495  O OD1 . ASP A 1 71 ? 8.592   -2.121  -14.457 1.00 56.30 ? 71  ASP A OD1 1 
ATOM   496  O OD2 . ASP A 1 71 ? 8.391   -0.602  -12.875 1.00 54.51 ? 71  ASP A OD2 1 
ATOM   497  N N   . ALA A 1 72 ? 8.577   -4.185  -11.024 1.00 39.66 ? 72  ALA A N   1 
ATOM   498  C CA  . ALA A 1 72 ? 9.417   -4.149  -9.836  1.00 37.60 ? 72  ALA A CA  1 
ATOM   499  C C   . ALA A 1 72 ? 9.930   -2.763  -9.439  1.00 36.72 ? 72  ALA A C   1 
ATOM   500  O O   . ALA A 1 72 ? 9.693   -2.314  -8.316  1.00 36.47 ? 72  ALA A O   1 
ATOM   501  C CB  . ALA A 1 72 ? 10.585  -5.116  -10.003 1.00 37.39 ? 72  ALA A CB  1 
ATOM   502  N N   . PRO A 1 73 ? 10.636  -2.061  -10.349 1.00 36.28 ? 73  PRO A N   1 
ATOM   503  C CA  . PRO A 1 73 ? 11.159  -0.727  -10.025 1.00 35.25 ? 73  PRO A CA  1 
ATOM   504  C C   . PRO A 1 73 ? 10.159  0.188   -9.325  1.00 35.25 ? 73  PRO A C   1 
ATOM   505  O O   . PRO A 1 73 ? 10.476  0.796   -8.299  1.00 34.36 ? 73  PRO A O   1 
ATOM   506  C CB  . PRO A 1 73 ? 11.580  -0.180  -11.389 1.00 33.63 ? 73  PRO A CB  1 
ATOM   507  C CG  . PRO A 1 73 ? 12.023  -1.404  -12.097 1.00 33.81 ? 73  PRO A CG  1 
ATOM   508  C CD  . PRO A 1 73 ? 10.935  -2.402  -11.751 1.00 34.06 ? 73  PRO A CD  1 
ATOM   509  N N   . PHE A 1 74 ? 8.953   0.285   -9.876  1.00 35.68 ? 74  PHE A N   1 
ATOM   510  C CA  . PHE A 1 74 ? 7.929   1.149   -9.298  1.00 35.49 ? 74  PHE A CA  1 
ATOM   511  C C   . PHE A 1 74 ? 7.503   0.707   -7.900  1.00 35.09 ? 74  PHE A C   1 
ATOM   512  O O   . PHE A 1 74 ? 7.358   1.528   -6.995  1.00 35.21 ? 74  PHE A O   1 
ATOM   513  C CB  . PHE A 1 74 ? 6.695   1.203   -10.194 1.00 35.11 ? 74  PHE A CB  1 
ATOM   514  C CG  . PHE A 1 74 ? 5.595   2.051   -9.631  1.00 35.32 ? 74  PHE A CG  1 
ATOM   515  C CD1 . PHE A 1 74 ? 5.699   3.439   -9.641  1.00 34.47 ? 74  PHE A CD1 1 
ATOM   516  C CD2 . PHE A 1 74 ? 4.490   1.465   -9.026  1.00 34.34 ? 74  PHE A CD2 1 
ATOM   517  C CE1 . PHE A 1 74 ? 4.719   4.228   -9.052  1.00 35.87 ? 74  PHE A CE1 1 
ATOM   518  C CE2 . PHE A 1 74 ? 3.503   2.247   -8.432  1.00 34.99 ? 74  PHE A CE2 1 
ATOM   519  C CZ  . PHE A 1 74 ? 3.616   3.627   -8.443  1.00 35.00 ? 74  PHE A CZ  1 
ATOM   520  N N   . VAL A 1 75 ? 7.301   -0.595  -7.738  1.00 34.76 ? 75  VAL A N   1 
ATOM   521  C CA  . VAL A 1 75 ? 6.889   -1.158  -6.460  1.00 34.51 ? 75  VAL A CA  1 
ATOM   522  C C   . VAL A 1 75 ? 7.996   -0.979  -5.431  1.00 36.04 ? 75  VAL A C   1 
ATOM   523  O O   . VAL A 1 75 ? 7.743   -0.766  -4.244  1.00 36.37 ? 75  VAL A O   1 
ATOM   524  C CB  . VAL A 1 75 ? 6.565   -2.660  -6.608  1.00 32.03 ? 75  VAL A CB  1 
ATOM   525  C CG1 . VAL A 1 75 ? 6.317   -3.289  -5.245  1.00 31.50 ? 75  VAL A CG1 1 
ATOM   526  C CG2 . VAL A 1 75 ? 5.348   -2.827  -7.484  1.00 31.39 ? 75  VAL A CG2 1 
ATOM   527  N N   . GLU A 1 76 ? 9.231   -1.067  -5.898  1.00 36.89 ? 76  GLU A N   1 
ATOM   528  C CA  . GLU A 1 76 ? 10.375  -0.918  -5.022  1.00 39.18 ? 76  GLU A CA  1 
ATOM   529  C C   . GLU A 1 76 ? 10.422  0.520   -4.508  1.00 37.73 ? 76  GLU A C   1 
ATOM   530  O O   . GLU A 1 76 ? 10.613  0.765   -3.315  1.00 38.83 ? 76  GLU A O   1 
ATOM   531  C CB  . GLU A 1 76 ? 11.643  -1.265  -5.795  1.00 41.65 ? 76  GLU A CB  1 
ATOM   532  C CG  . GLU A 1 76 ? 12.747  -1.817  -4.942  1.00 47.86 ? 76  GLU A CG  1 
ATOM   533  C CD  . GLU A 1 76 ? 13.883  -2.393  -5.765  1.00 50.80 ? 76  GLU A CD  1 
ATOM   534  O OE1 . GLU A 1 76 ? 14.851  -2.898  -5.156  1.00 52.74 ? 76  GLU A OE1 1 
ATOM   535  O OE2 . GLU A 1 76 ? 13.806  -2.345  -7.016  1.00 51.49 ? 76  GLU A OE2 1 
ATOM   536  N N   . GLY A 1 77 ? 10.217  1.469   -5.414  1.00 36.40 ? 77  GLY A N   1 
ATOM   537  C CA  . GLY A 1 77 ? 10.237  2.866   -5.031  1.00 34.38 ? 77  GLY A CA  1 
ATOM   538  C C   . GLY A 1 77 ? 9.167   3.200   -4.013  1.00 34.80 ? 77  GLY A C   1 
ATOM   539  O O   . GLY A 1 77 ? 9.396   4.008   -3.117  1.00 36.29 ? 77  GLY A O   1 
ATOM   540  N N   . LEU A 1 78 ? 7.992   2.590   -4.144  1.00 34.28 ? 78  LEU A N   1 
ATOM   541  C CA  . LEU A 1 78 ? 6.910   2.855   -3.198  1.00 33.30 ? 78  LEU A CA  1 
ATOM   542  C C   . LEU A 1 78 ? 7.320   2.452   -1.787  1.00 30.99 ? 78  LEU A C   1 
ATOM   543  O O   . LEU A 1 78 ? 7.109   3.196   -0.830  1.00 27.98 ? 78  LEU A O   1 
ATOM   544  C CB  . LEU A 1 78 ? 5.642   2.091   -3.584  1.00 35.12 ? 78  LEU A CB  1 
ATOM   545  C CG  . LEU A 1 78 ? 4.764   2.619   -4.715  1.00 36.37 ? 78  LEU A CG  1 
ATOM   546  C CD1 . LEU A 1 78 ? 3.541   1.717   -4.874  1.00 37.32 ? 78  LEU A CD1 1 
ATOM   547  C CD2 . LEU A 1 78 ? 4.330   4.037   -4.394  1.00 37.30 ? 78  LEU A CD2 1 
ATOM   548  N N   . PHE A 1 79 ? 7.907   1.270   -1.656  1.00 29.25 ? 79  PHE A N   1 
ATOM   549  C CA  . PHE A 1 79 ? 8.313   0.813   -0.338  1.00 31.15 ? 79  PHE A CA  1 
ATOM   550  C C   . PHE A 1 79 ? 9.490   1.578   0.248   1.00 32.23 ? 79  PHE A C   1 
ATOM   551  O O   . PHE A 1 79 ? 9.619   1.671   1.467   1.00 33.55 ? 79  PHE A O   1 
ATOM   552  C CB  . PHE A 1 79 ? 8.576   -0.700  -0.347  1.00 29.72 ? 79  PHE A CB  1 
ATOM   553  C CG  . PHE A 1 79 ? 7.312   -1.513  -0.318  1.00 30.68 ? 79  PHE A CG  1 
ATOM   554  C CD1 . PHE A 1 79 ? 6.689   -1.908  -1.501  1.00 30.00 ? 79  PHE A CD1 1 
ATOM   555  C CD2 . PHE A 1 79 ? 6.681   -1.792  0.896   1.00 29.45 ? 79  PHE A CD2 1 
ATOM   556  C CE1 . PHE A 1 79 ? 5.455   -2.559  -1.480  1.00 30.35 ? 79  PHE A CE1 1 
ATOM   557  C CE2 . PHE A 1 79 ? 5.443   -2.444  0.932   1.00 28.64 ? 79  PHE A CE2 1 
ATOM   558  C CZ  . PHE A 1 79 ? 4.830   -2.826  -0.258  1.00 30.92 ? 79  PHE A CZ  1 
ATOM   559  N N   . ALA A 1 80 ? 10.345  2.136   -0.605  1.00 32.85 ? 80  ALA A N   1 
ATOM   560  C CA  . ALA A 1 80 ? 11.471  2.914   -0.095  1.00 32.49 ? 80  ALA A CA  1 
ATOM   561  C C   . ALA A 1 80 ? 10.820  4.142   0.529   1.00 31.45 ? 80  ALA A C   1 
ATOM   562  O O   . ALA A 1 80 ? 11.235  4.645   1.576   1.00 30.52 ? 80  ALA A O   1 
ATOM   563  C CB  . ALA A 1 80 ? 12.404  3.325   -1.238  1.00 31.58 ? 80  ALA A CB  1 
ATOM   564  N N   . GLN A 1 81 ? 9.765   4.596   -0.131  1.00 30.21 ? 81  GLN A N   1 
ATOM   565  C CA  . GLN A 1 81 ? 9.011   5.753   0.312   1.00 32.44 ? 81  GLN A CA  1 
ATOM   566  C C   . GLN A 1 81 ? 8.345   5.393   1.645   1.00 31.54 ? 81  GLN A C   1 
ATOM   567  O O   . GLN A 1 81 ? 8.436   6.129   2.628   1.00 30.87 ? 81  GLN A O   1 
ATOM   568  C CB  . GLN A 1 81 ? 7.957   6.066   -0.742  1.00 33.21 ? 81  GLN A CB  1 
ATOM   569  C CG  . GLN A 1 81 ? 7.618   7.509   -0.924  1.00 39.08 ? 81  GLN A CG  1 
ATOM   570  C CD  . GLN A 1 81 ? 6.643   7.708   -2.076  1.00 40.82 ? 81  GLN A CD  1 
ATOM   571  O OE1 . GLN A 1 81 ? 6.853   7.193   -3.180  1.00 41.49 ? 81  GLN A OE1 1 
ATOM   572  N NE2 . GLN A 1 81 ? 5.574   8.455   -1.824  1.00 41.20 ? 81  GLN A NE2 1 
ATOM   573  N N   . ILE A 1 82 ? 7.686   4.240   1.664   1.00 30.05 ? 82  ILE A N   1 
ATOM   574  C CA  . ILE A 1 82 ? 6.995   3.755   2.849   1.00 27.23 ? 82  ILE A CA  1 
ATOM   575  C C   . ILE A 1 82 ? 7.969   3.447   3.978   1.00 27.51 ? 82  ILE A C   1 
ATOM   576  O O   . ILE A 1 82 ? 7.725   3.805   5.129   1.00 28.82 ? 82  ILE A O   1 
ATOM   577  C CB  . ILE A 1 82 ? 6.191   2.466   2.512   1.00 27.53 ? 82  ILE A CB  1 
ATOM   578  C CG1 . ILE A 1 82 ? 4.961   2.817   1.675   1.00 26.97 ? 82  ILE A CG1 1 
ATOM   579  C CG2 . ILE A 1 82 ? 5.788   1.725   3.782   1.00 25.55 ? 82  ILE A CG2 1 
ATOM   580  C CD1 . ILE A 1 82 ? 4.340   1.598   0.970   1.00 23.99 ? 82  ILE A CD1 1 
ATOM   581  N N   . ILE A 1 83 ? 9.075   2.787   3.655   1.00 26.46 ? 83  ILE A N   1 
ATOM   582  C CA  . ILE A 1 83 ? 10.047  2.410   4.679   1.00 27.40 ? 83  ILE A CA  1 
ATOM   583  C C   . ILE A 1 83 ? 10.739  3.603   5.330   1.00 28.31 ? 83  ILE A C   1 
ATOM   584  O O   . ILE A 1 83 ? 10.951  3.619   6.546   1.00 26.94 ? 83  ILE A O   1 
ATOM   585  C CB  . ILE A 1 83 ? 11.094  1.425   4.102   1.00 27.88 ? 83  ILE A CB  1 
ATOM   586  C CG1 . ILE A 1 83 ? 10.390  0.104   3.741   1.00 29.54 ? 83  ILE A CG1 1 
ATOM   587  C CG2 . ILE A 1 83 ? 12.218  1.182   5.115   1.00 27.74 ? 83  ILE A CG2 1 
ATOM   588  C CD1 . ILE A 1 83 ? 11.274  -0.942  3.053   1.00 26.65 ? 83  ILE A CD1 1 
ATOM   589  N N   . HIS A 1 84 ? 11.085  4.607   4.533   1.00 28.17 ? 84  HIS A N   1 
ATOM   590  C CA  . HIS A 1 84 ? 11.728  5.788   5.085   1.00 29.82 ? 84  HIS A CA  1 
ATOM   591  C C   . HIS A 1 84 ? 10.772  6.561   5.985   1.00 30.41 ? 84  HIS A C   1 
ATOM   592  O O   . HIS A 1 84 ? 11.191  7.148   6.979   1.00 30.05 ? 84  HIS A O   1 
ATOM   593  C CB  . HIS A 1 84 ? 12.257  6.665   3.953   1.00 29.56 ? 84  HIS A CB  1 
ATOM   594  C CG  . HIS A 1 84 ? 13.442  6.073   3.267   1.00 28.50 ? 84  HIS A CG  1 
ATOM   595  N ND1 . HIS A 1 84 ? 13.655  6.180   1.911   1.00 28.47 ? 84  HIS A ND1 1 
ATOM   596  C CD2 . HIS A 1 84 ? 14.476  5.347   3.757   1.00 27.38 ? 84  HIS A CD2 1 
ATOM   597  C CE1 . HIS A 1 84 ? 14.769  5.544   1.593   1.00 29.37 ? 84  HIS A CE1 1 
ATOM   598  N NE2 . HIS A 1 84 ? 15.286  5.029   2.696   1.00 28.56 ? 84  HIS A NE2 1 
ATOM   599  N N   . TRP A 1 85 ? 9.484   6.548   5.658   1.00 31.09 ? 85  TRP A N   1 
ATOM   600  C CA  . TRP A 1 85 ? 8.514   7.250   6.490   1.00 31.01 ? 85  TRP A CA  1 
ATOM   601  C C   . TRP A 1 85 ? 8.404   6.535   7.844   1.00 32.17 ? 85  TRP A C   1 
ATOM   602  O O   . TRP A 1 85 ? 8.369   7.172   8.899   1.00 31.18 ? 85  TRP A O   1 
ATOM   603  C CB  . TRP A 1 85 ? 7.142   7.289   5.800   1.00 29.00 ? 85  TRP A CB  1 
ATOM   604  C CG  . TRP A 1 85 ? 6.118   8.027   6.601   1.00 30.12 ? 85  TRP A CG  1 
ATOM   605  C CD1 . TRP A 1 85 ? 5.455   7.569   7.710   1.00 25.58 ? 85  TRP A CD1 1 
ATOM   606  C CD2 . TRP A 1 85 ? 5.721   9.396   6.434   1.00 29.81 ? 85  TRP A CD2 1 
ATOM   607  N NE1 . TRP A 1 85 ? 4.680   8.568   8.243   1.00 28.11 ? 85  TRP A NE1 1 
ATOM   608  C CE2 . TRP A 1 85 ? 4.822   9.701   7.484   1.00 30.03 ? 85  TRP A CE2 1 
ATOM   609  C CE3 . TRP A 1 85 ? 6.041   10.393  5.504   1.00 30.68 ? 85  TRP A CE3 1 
ATOM   610  C CZ2 . TRP A 1 85 ? 4.238   10.970  7.633   1.00 30.07 ? 85  TRP A CZ2 1 
ATOM   611  C CZ3 . TRP A 1 85 ? 5.458   11.662  5.652   1.00 30.38 ? 85  TRP A CZ3 1 
ATOM   612  C CH2 . TRP A 1 85 ? 4.567   11.933  6.711   1.00 29.91 ? 85  TRP A CH2 1 
ATOM   613  N N   . TYR A 1 86 ? 8.361   5.207   7.797   1.00 32.88 ? 86  TYR A N   1 
ATOM   614  C CA  . TYR A 1 86 ? 8.246   4.382   8.999   1.00 34.87 ? 86  TYR A CA  1 
ATOM   615  C C   . TYR A 1 86 ? 9.446   4.581   9.930   1.00 33.83 ? 86  TYR A C   1 
ATOM   616  O O   . TYR A 1 86 ? 9.285   4.756   11.136  1.00 30.96 ? 86  TYR A O   1 
ATOM   617  C CB  . TYR A 1 86 ? 8.115   2.907   8.588   1.00 36.21 ? 86  TYR A CB  1 
ATOM   618  C CG  . TYR A 1 86 ? 8.071   1.914   9.734   1.00 41.13 ? 86  TYR A CG  1 
ATOM   619  C CD1 . TYR A 1 86 ? 9.248   1.433   10.318  1.00 41.59 ? 86  TYR A CD1 1 
ATOM   620  C CD2 . TYR A 1 86 ? 6.851   1.443   10.230  1.00 42.16 ? 86  TYR A CD2 1 
ATOM   621  C CE1 . TYR A 1 86 ? 9.203   0.510   11.363  1.00 43.40 ? 86  TYR A CE1 1 
ATOM   622  C CE2 . TYR A 1 86 ? 6.798   0.522   11.274  1.00 40.46 ? 86  TYR A CE2 1 
ATOM   623  C CZ  . TYR A 1 86 ? 7.972   0.062   11.834  1.00 42.16 ? 86  TYR A CZ  1 
ATOM   624  O OH  . TYR A 1 86 ? 7.919   -0.838  12.867  1.00 42.65 ? 86  TYR A OH  1 
ATOM   625  N N   . ILE A 1 87 ? 10.646  4.554   9.357   1.00 34.72 ? 87  ILE A N   1 
ATOM   626  C CA  . ILE A 1 87 ? 11.873  4.748   10.120  1.00 35.99 ? 87  ILE A CA  1 
ATOM   627  C C   . ILE A 1 87 ? 11.857  6.110   10.801  1.00 36.40 ? 87  ILE A C   1 
ATOM   628  O O   . ILE A 1 87 ? 12.084  6.219   12.009  1.00 35.52 ? 87  ILE A O   1 
ATOM   629  C CB  . ILE A 1 87 ? 13.108  4.699   9.210   1.00 37.01 ? 87  ILE A CB  1 
ATOM   630  C CG1 . ILE A 1 87 ? 13.342  3.272   8.719   1.00 36.74 ? 87  ILE A CG1 1 
ATOM   631  C CG2 . ILE A 1 87 ? 14.327  5.217   9.958   1.00 37.73 ? 87  ILE A CG2 1 
ATOM   632  C CD1 . ILE A 1 87 ? 14.465  3.180   7.707   1.00 38.34 ? 87  ILE A CD1 1 
ATOM   633  N N   . ALA A 1 88 ? 11.592  7.147   10.011  1.00 35.57 ? 88  ALA A N   1 
ATOM   634  C CA  . ALA A 1 88 ? 11.552  8.504   10.530  1.00 35.82 ? 88  ALA A CA  1 
ATOM   635  C C   . ALA A 1 88 ? 10.505  8.596   11.625  1.00 36.24 ? 88  ALA A C   1 
ATOM   636  O O   . ALA A 1 88 ? 10.718  9.246   12.643  1.00 33.77 ? 88  ALA A O   1 
ATOM   637  C CB  . ALA A 1 88 ? 11.229  9.483   9.412   1.00 35.65 ? 88  ALA A CB  1 
ATOM   638  N N   . GLU A 1 89 ? 9.368   7.938   11.410  1.00 37.12 ? 89  GLU A N   1 
ATOM   639  C CA  . GLU A 1 89 ? 8.294   7.956   12.395  1.00 39.02 ? 89  GLU A CA  1 
ATOM   640  C C   . GLU A 1 89 ? 8.777   7.295   13.685  1.00 40.76 ? 89  GLU A C   1 
ATOM   641  O O   . GLU A 1 89 ? 8.402   7.714   14.779  1.00 39.54 ? 89  GLU A O   1 
ATOM   642  C CB  . GLU A 1 89 ? 7.060   7.233   11.842  1.00 37.81 ? 89  GLU A CB  1 
ATOM   643  C CG  . GLU A 1 89 ? 5.795   7.373   12.681  1.00 40.78 ? 89  GLU A CG  1 
ATOM   644  C CD  . GLU A 1 89 ? 5.455   8.818   13.046  1.00 42.77 ? 89  GLU A CD  1 
ATOM   645  O OE1 . GLU A 1 89 ? 5.705   9.734   12.233  1.00 43.82 ? 89  GLU A OE1 1 
ATOM   646  O OE2 . GLU A 1 89 ? 4.915   9.037   14.149  1.00 43.38 ? 89  GLU A OE2 1 
ATOM   647  N N   . GLN A 1 90 ? 9.613   6.266   13.552  1.00 43.94 ? 90  GLN A N   1 
ATOM   648  C CA  . GLN A 1 90 ? 10.160  5.572   14.717  1.00 46.77 ? 90  GLN A CA  1 
ATOM   649  C C   . GLN A 1 90 ? 10.917  6.561   15.595  1.00 48.46 ? 90  GLN A C   1 
ATOM   650  O O   . GLN A 1 90 ? 10.661  6.667   16.795  1.00 47.31 ? 90  GLN A O   1 
ATOM   651  C CB  . GLN A 1 90 ? 11.131  4.465   14.292  1.00 47.77 ? 90  GLN A CB  1 
ATOM   652  C CG  . GLN A 1 90 ? 10.496  3.143   13.927  1.00 51.26 ? 90  GLN A CG  1 
ATOM   653  C CD  . GLN A 1 90 ? 11.531  2.034   13.743  1.00 53.56 ? 90  GLN A CD  1 
ATOM   654  O OE1 . GLN A 1 90 ? 12.450  2.150   12.927  1.00 55.00 ? 90  GLN A OE1 1 
ATOM   655  N NE2 . GLN A 1 90 ? 11.381  0.954   14.502  1.00 52.27 ? 90  GLN A NE2 1 
ATOM   656  N N   . ILE A 1 91 ? 11.859  7.268   14.977  1.00 50.99 ? 91  ILE A N   1 
ATOM   657  C CA  . ILE A 1 91 ? 12.686  8.263   15.654  1.00 52.49 ? 91  ILE A CA  1 
ATOM   658  C C   . ILE A 1 91 ? 11.822  9.348   16.266  1.00 54.63 ? 91  ILE A C   1 
ATOM   659  O O   . ILE A 1 91 ? 12.106  9.842   17.354  1.00 56.23 ? 91  ILE A O   1 
ATOM   660  C CB  . ILE A 1 91 ? 13.638  8.963   14.674  1.00 51.63 ? 91  ILE A CB  1 
ATOM   661  C CG1 . ILE A 1 91 ? 14.413  7.933   13.857  1.00 50.70 ? 91  ILE A CG1 1 
ATOM   662  C CG2 . ILE A 1 91 ? 14.595  9.853   15.442  1.00 53.25 ? 91  ILE A CG2 1 
ATOM   663  C CD1 . ILE A 1 91 ? 15.253  8.549   12.760  1.00 48.96 ? 91  ILE A CD1 1 
ATOM   664  N N   . LYS A 1 92 ? 10.775  9.727   15.541  1.00 57.54 ? 92  LYS A N   1 
ATOM   665  C CA  . LYS A 1 92 ? 9.860   10.767  15.984  1.00 59.70 ? 92  LYS A CA  1 
ATOM   666  C C   . LYS A 1 92 ? 9.055   10.262  17.169  1.00 61.69 ? 92  LYS A C   1 
ATOM   667  O O   . LYS A 1 92 ? 8.829   10.990  18.133  1.00 60.60 ? 92  LYS A O   1 
ATOM   668  C CB  . LYS A 1 92 ? 8.937   11.164  14.831  1.00 59.41 ? 92  LYS A CB  1 
ATOM   669  C CG  . LYS A 1 92 ? 8.107   12.404  15.083  1.00 59.98 ? 92  LYS A CG  1 
ATOM   670  C CD  . LYS A 1 92 ? 7.431   12.859  13.799  1.00 60.72 ? 92  LYS A CD  1 
ATOM   671  C CE  . LYS A 1 92 ? 6.578   14.095  14.024  1.00 61.11 ? 92  LYS A CE  1 
ATOM   672  N NZ  . LYS A 1 92 ? 6.038   14.612  12.731  1.00 64.29 ? 92  LYS A NZ  1 
ATOM   673  N N   . TYR A 1 93 ? 8.625   9.007   17.098  1.00 64.89 ? 93  TYR A N   1 
ATOM   674  C CA  . TYR A 1 93 ? 7.871   8.417   18.191  1.00 68.77 ? 93  TYR A CA  1 
ATOM   675  C C   . TYR A 1 93 ? 8.826   8.226   19.363  1.00 72.00 ? 93  TYR A C   1 
ATOM   676  O O   . TYR A 1 93 ? 8.425   8.306   20.521  1.00 71.37 ? 93  TYR A O   1 
ATOM   677  C CB  . TYR A 1 93 ? 7.266   7.080   17.760  1.00 68.31 ? 93  TYR A CB  1 
ATOM   678  C CG  . TYR A 1 93 ? 6.620   6.301   18.886  1.00 68.09 ? 93  TYR A CG  1 
ATOM   679  C CD1 . TYR A 1 93 ? 7.401   5.627   19.829  1.00 68.48 ? 93  TYR A CD1 1 
ATOM   680  C CD2 . TYR A 1 93 ? 5.233   6.241   19.015  1.00 67.42 ? 93  TYR A CD2 1 
ATOM   681  C CE1 . TYR A 1 93 ? 6.820   4.917   20.873  1.00 68.40 ? 93  TYR A CE1 1 
ATOM   682  C CE2 . TYR A 1 93 ? 4.640   5.530   20.059  1.00 68.26 ? 93  TYR A CE2 1 
ATOM   683  C CZ  . TYR A 1 93 ? 5.442   4.872   20.983  1.00 68.25 ? 93  TYR A CZ  1 
ATOM   684  O OH  . TYR A 1 93 ? 4.875   4.179   22.026  1.00 69.48 ? 93  TYR A OH  1 
ATOM   685  N N   . TRP A 1 94 ? 10.094  7.974   19.053  1.00 76.78 ? 94  TRP A N   1 
ATOM   686  C CA  . TRP A 1 94 ? 11.112  7.795   20.081  1.00 82.26 ? 94  TRP A CA  1 
ATOM   687  C C   . TRP A 1 94 ? 11.085  9.002   21.011  1.00 84.81 ? 94  TRP A C   1 
ATOM   688  O O   . TRP A 1 94 ? 11.033  8.861   22.233  1.00 84.91 ? 94  TRP A O   1 
ATOM   689  C CB  . TRP A 1 94 ? 12.500  7.687   19.445  1.00 85.07 ? 94  TRP A CB  1 
ATOM   690  C CG  . TRP A 1 94 ? 13.627  7.655   20.445  1.00 88.39 ? 94  TRP A CG  1 
ATOM   691  C CD1 . TRP A 1 94 ? 14.832  8.295   20.344  1.00 89.23 ? 94  TRP A CD1 1 
ATOM   692  C CD2 . TRP A 1 94 ? 13.663  6.927   21.681  1.00 89.77 ? 94  TRP A CD2 1 
ATOM   693  N NE1 . TRP A 1 94 ? 15.613  8.013   21.439  1.00 89.55 ? 94  TRP A NE1 1 
ATOM   694  C CE2 . TRP A 1 94 ? 14.922  7.175   22.275  1.00 90.14 ? 94  TRP A CE2 1 
ATOM   695  C CE3 . TRP A 1 94 ? 12.755  6.088   22.344  1.00 90.34 ? 94  TRP A CE3 1 
ATOM   696  C CZ2 . TRP A 1 94 ? 15.296  6.615   23.503  1.00 91.23 ? 94  TRP A CZ2 1 
ATOM   697  C CZ3 . TRP A 1 94 ? 13.127  5.531   23.566  1.00 90.93 ? 94  TRP A CZ3 1 
ATOM   698  C CH2 . TRP A 1 94 ? 14.388  5.798   24.131  1.00 91.31 ? 94  TRP A CH2 1 
ATOM   699  N N   . ARG A 1 95 ? 11.125  10.190  20.415  1.00 87.42 ? 95  ARG A N   1 
ATOM   700  C CA  . ARG A 1 95 ? 11.101  11.434  21.172  1.00 90.10 ? 95  ARG A CA  1 
ATOM   701  C C   . ARG A 1 95 ? 9.671   11.741  21.624  1.00 91.07 ? 95  ARG A C   1 
ATOM   702  O O   . ARG A 1 95 ? 9.139   12.821  21.364  1.00 91.22 ? 95  ARG A O   1 
ATOM   703  C CB  . ARG A 1 95 ? 11.652  12.573  20.308  1.00 91.31 ? 95  ARG A CB  1 
ATOM   704  C CG  . ARG A 1 95 ? 11.806  13.898  21.034  1.00 93.56 ? 95  ARG A CG  1 
ATOM   705  C CD  . ARG A 1 95 ? 12.443  14.942  20.135  1.00 95.36 ? 95  ARG A CD  1 
ATOM   706  N NE  . ARG A 1 95 ? 12.477  16.260  20.764  1.00 97.40 ? 95  ARG A NE  1 
ATOM   707  C CZ  . ARG A 1 95 ? 13.011  17.341  20.202  1.00 98.36 ? 95  ARG A CZ  1 
ATOM   708  N NH1 . ARG A 1 95 ? 12.998  18.503  20.844  1.00 98.63 ? 95  ARG A NH1 1 
ATOM   709  N NH2 . ARG A 1 95 ? 13.561  17.259  18.997  1.00 98.96 ? 95  ARG A NH2 1 
ATOM   710  N N   . GLN A 1 96 ? 9.060   10.773  22.301  1.00 92.48 ? 96  GLN A N   1 
ATOM   711  C CA  . GLN A 1 96 ? 7.696   10.896  22.805  1.00 93.37 ? 96  GLN A CA  1 
ATOM   712  C C   . GLN A 1 96 ? 7.459   12.244  23.472  1.00 93.97 ? 96  GLN A C   1 
ATOM   713  O O   . GLN A 1 96 ? 6.868   12.316  24.550  1.00 94.22 ? 96  GLN A O   1 
ATOM   714  C CB  . GLN A 1 96 ? 7.413   9.780   23.811  1.00 93.88 ? 96  GLN A CB  1 
ATOM   715  C CG  . GLN A 1 96 ? 7.523   8.384   23.230  1.00 94.93 ? 96  GLN A CG  1 
ATOM   716  C CD  . GLN A 1 96 ? 7.560   7.308   24.293  1.00 95.88 ? 96  GLN A CD  1 
ATOM   717  O OE1 . GLN A 1 96 ? 7.546   6.115   23.985  1.00 96.46 ? 96  GLN A OE1 1 
ATOM   718  N NE2 . GLN A 1 96 ? 7.617   7.723   25.556  1.00 96.23 ? 96  GLN A NE2 1 
ATOM   719  N N   . MET B 1 1  ? -1.078  -12.985 12.012  1.00 61.37 ? 1   MET B N   1 
ATOM   720  C CA  . MET B 1 1  ? 0.061   -12.392 12.707  1.00 60.19 ? 1   MET B CA  1 
ATOM   721  C C   . MET B 1 1  ? -0.360  -11.860 14.075  1.00 59.03 ? 1   MET B C   1 
ATOM   722  O O   . MET B 1 1  ? -1.550  -11.745 14.372  1.00 58.62 ? 1   MET B O   1 
ATOM   723  C CB  . MET B 1 1  ? 0.640   -11.248 11.877  1.00 61.02 ? 1   MET B CB  1 
ATOM   724  C CG  . MET B 1 1  ? -0.266  -10.038 11.808  1.00 61.92 ? 1   MET B CG  1 
ATOM   725  S SD  . MET B 1 1  ? 0.287   -8.827  10.614  1.00 64.28 ? 1   MET B SD  1 
ATOM   726  C CE  . MET B 1 1  ? -0.584  -9.385  9.141   1.00 64.10 ? 1   MET B CE  1 
ATOM   727  N N   . LYS B 1 2  ? 0.627   -11.534 14.904  1.00 58.01 ? 2   LYS B N   1 
ATOM   728  C CA  . LYS B 1 2  ? 0.360   -11.006 16.238  1.00 56.03 ? 2   LYS B CA  1 
ATOM   729  C C   . LYS B 1 2  ? 0.095   -9.508  16.162  1.00 53.68 ? 2   LYS B C   1 
ATOM   730  O O   . LYS B 1 2  ? 0.693   -8.806  15.342  1.00 53.74 ? 2   LYS B O   1 
ATOM   731  C CB  . LYS B 1 2  ? 1.562   -11.231 17.162  1.00 56.64 ? 2   LYS B CB  1 
ATOM   732  C CG  . LYS B 1 2  ? 1.921   -12.680 17.443  1.00 56.60 ? 2   LYS B CG  1 
ATOM   733  C CD  . LYS B 1 2  ? 3.110   -12.738 18.391  1.00 53.91 ? 2   LYS B CD  1 
ATOM   734  C CE  . LYS B 1 2  ? 3.537   -14.159 18.701  1.00 50.47 ? 2   LYS B CE  1 
ATOM   735  N NZ  . LYS B 1 2  ? 4.725   -14.139 19.593  1.00 48.46 ? 2   LYS B NZ  1 
ATOM   736  N N   . THR B 1 3  ? -0.800  -9.018  17.018  1.00 50.80 ? 3   THR B N   1 
ATOM   737  C CA  . THR B 1 3  ? -1.094  -7.594  17.051  1.00 47.83 ? 3   THR B CA  1 
ATOM   738  C C   . THR B 1 3  ? 0.151   -6.910  17.599  1.00 45.64 ? 3   THR B C   1 
ATOM   739  O O   . THR B 1 3  ? 0.971   -7.543  18.261  1.00 44.62 ? 3   THR B O   1 
ATOM   740  C CB  . THR B 1 3  ? -2.277  -7.272  17.986  1.00 48.98 ? 3   THR B CB  1 
ATOM   741  O OG1 . THR B 1 3  ? -2.010  -7.785  19.295  1.00 49.46 ? 3   THR B OG1 1 
ATOM   742  C CG2 . THR B 1 3  ? -3.561  -7.886  17.460  1.00 49.56 ? 3   THR B CG2 1 
ATOM   743  N N   . PRO B 1 4  ? 0.324   -5.613  17.316  1.00 44.27 ? 4   PRO B N   1 
ATOM   744  C CA  . PRO B 1 4  ? 1.511   -4.934  17.835  1.00 43.06 ? 4   PRO B CA  1 
ATOM   745  C C   . PRO B 1 4  ? 1.742   -5.208  19.330  1.00 43.35 ? 4   PRO B C   1 
ATOM   746  O O   . PRO B 1 4  ? 2.846   -5.582  19.738  1.00 40.54 ? 4   PRO B O   1 
ATOM   747  C CB  . PRO B 1 4  ? 1.216   -3.467  17.540  1.00 40.84 ? 4   PRO B CB  1 
ATOM   748  C CG  . PRO B 1 4  ? 0.494   -3.552  16.231  1.00 41.40 ? 4   PRO B CG  1 
ATOM   749  C CD  . PRO B 1 4  ? -0.461  -4.718  16.447  1.00 42.08 ? 4   PRO B CD  1 
ATOM   750  N N   . GLU B 1 5  ? 0.695   -5.042  20.136  1.00 44.10 ? 5   GLU B N   1 
ATOM   751  C CA  . GLU B 1 5  ? 0.814   -5.258  21.572  1.00 46.77 ? 5   GLU B CA  1 
ATOM   752  C C   . GLU B 1 5  ? 1.159   -6.700  21.940  1.00 45.58 ? 5   GLU B C   1 
ATOM   753  O O   . GLU B 1 5  ? 1.736   -6.949  22.997  1.00 43.41 ? 5   GLU B O   1 
ATOM   754  C CB  . GLU B 1 5  ? -0.475  -4.833  22.288  1.00 50.18 ? 5   GLU B CB  1 
ATOM   755  C CG  . GLU B 1 5  ? -1.740  -5.528  21.806  1.00 57.54 ? 5   GLU B CG  1 
ATOM   756  C CD  . GLU B 1 5  ? -2.592  -6.069  22.957  1.00 61.86 ? 5   GLU B CD  1 
ATOM   757  O OE1 . GLU B 1 5  ? -2.707  -5.379  24.002  1.00 63.58 ? 5   GLU B OE1 1 
ATOM   758  O OE2 . GLU B 1 5  ? -3.156  -7.181  22.808  1.00 62.61 ? 5   GLU B OE2 1 
ATOM   759  N N   . ASP B 1 6  ? 0.815   -7.641  21.066  1.00 45.43 ? 6   ASP B N   1 
ATOM   760  C CA  . ASP B 1 6  ? 1.092   -9.058  21.308  1.00 46.75 ? 6   ASP B CA  1 
ATOM   761  C C   . ASP B 1 6  ? 2.528   -9.460  20.981  1.00 46.42 ? 6   ASP B C   1 
ATOM   762  O O   . ASP B 1 6  ? 3.012   -10.491 21.449  1.00 48.79 ? 6   ASP B O   1 
ATOM   763  C CB  . ASP B 1 6  ? 0.130   -9.930  20.496  1.00 48.90 ? 6   ASP B CB  1 
ATOM   764  C CG  . ASP B 1 6  ? -1.233  -10.061 21.149  1.00 50.36 ? 6   ASP B CG  1 
ATOM   765  O OD1 . ASP B 1 6  ? -2.168  -10.542 20.472  1.00 50.60 ? 6   ASP B OD1 1 
ATOM   766  O OD2 . ASP B 1 6  ? -1.361  -9.694  22.337  1.00 49.03 ? 6   ASP B OD2 1 
ATOM   767  N N   . CYS B 1 7  ? 3.208   -8.652  20.178  1.00 43.55 ? 7   CYS B N   1 
ATOM   768  C CA  . CYS B 1 7  ? 4.583   -8.944  19.802  1.00 41.67 ? 7   CYS B CA  1 
ATOM   769  C C   . CYS B 1 7  ? 5.482   -9.067  21.015  1.00 41.24 ? 7   CYS B C   1 
ATOM   770  O O   . CYS B 1 7  ? 5.428   -8.247  21.927  1.00 43.14 ? 7   CYS B O   1 
ATOM   771  C CB  . CYS B 1 7  ? 5.113   -7.864  18.865  1.00 39.49 ? 7   CYS B CB  1 
ATOM   772  S SG  . CYS B 1 7  ? 4.274   -7.916  17.284  1.00 38.97 ? 7   CYS B SG  1 
ATOM   773  N N   . THR B 1 8  ? 6.317   -10.099 21.006  1.00 39.69 ? 8   THR B N   1 
ATOM   774  C CA  . THR B 1 8  ? 7.231   -10.374 22.104  1.00 38.20 ? 8   THR B CA  1 
ATOM   775  C C   . THR B 1 8  ? 8.680   -10.114 21.721  1.00 37.66 ? 8   THR B C   1 
ATOM   776  O O   . THR B 1 8  ? 9.580   -10.349 22.518  1.00 38.25 ? 8   THR B O   1 
ATOM   777  C CB  . THR B 1 8  ? 7.099   -11.844 22.552  1.00 39.30 ? 8   THR B CB  1 
ATOM   778  O OG1 . THR B 1 8  ? 7.361   -12.704 21.432  1.00 37.22 ? 8   THR B OG1 1 
ATOM   779  C CG2 . THR B 1 8  ? 5.685   -12.123 23.074  1.00 34.30 ? 8   THR B CG2 1 
ATOM   780  N N   . GLY B 1 9  ? 8.904   -9.633  20.502  1.00 36.00 ? 9   GLY B N   1 
ATOM   781  C CA  . GLY B 1 9  ? 10.254  -9.360  20.051  1.00 34.00 ? 9   GLY B CA  1 
ATOM   782  C C   . GLY B 1 9  ? 10.278  -8.803  18.642  1.00 34.90 ? 9   GLY B C   1 
ATOM   783  O O   . GLY B 1 9  ? 9.232   -8.686  18.001  1.00 34.93 ? 9   GLY B O   1 
ATOM   784  N N   . LEU B 1 10 ? 11.465  -8.464  18.152  1.00 34.28 ? 10  LEU B N   1 
ATOM   785  C CA  . LEU B 1 10 ? 11.601  -7.909  16.807  1.00 36.72 ? 10  LEU B CA  1 
ATOM   786  C C   . LEU B 1 10 ? 11.245  -8.909  15.691  1.00 37.19 ? 10  LEU B C   1 
ATOM   787  O O   . LEU B 1 10 ? 10.855  -8.512  14.585  1.00 37.32 ? 10  LEU B O   1 
ATOM   788  C CB  . LEU B 1 10 ? 13.025  -7.375  16.604  1.00 36.54 ? 10  LEU B CB  1 
ATOM   789  C CG  . LEU B 1 10 ? 13.425  -6.220  17.536  1.00 40.81 ? 10  LEU B CG  1 
ATOM   790  C CD1 . LEU B 1 10 ? 14.892  -5.815  17.315  1.00 40.32 ? 10  LEU B CD1 1 
ATOM   791  C CD2 . LEU B 1 10 ? 12.510  -5.041  17.272  1.00 40.31 ? 10  LEU B CD2 1 
ATOM   792  N N   . ALA B 1 11 ? 11.387  -10.201 15.967  1.00 34.81 ? 11  ALA B N   1 
ATOM   793  C CA  . ALA B 1 11 ? 11.051  -11.201 14.964  1.00 32.95 ? 11  ALA B CA  1 
ATOM   794  C C   . ALA B 1 11 ? 9.566   -11.078 14.650  1.00 31.07 ? 11  ALA B C   1 
ATOM   795  O O   . ALA B 1 11 ? 9.173   -11.050 13.488  1.00 30.20 ? 11  ALA B O   1 
ATOM   796  C CB  . ALA B 1 11 ? 11.363  -12.598 15.475  1.00 34.87 ? 11  ALA B CB  1 
ATOM   797  N N   . ASP B 1 12 ? 8.739   -11.010 15.689  1.00 29.88 ? 12  ASP B N   1 
ATOM   798  C CA  . ASP B 1 12 ? 7.297   -10.879 15.486  1.00 29.82 ? 12  ASP B CA  1 
ATOM   799  C C   . ASP B 1 12 ? 7.002   -9.662  14.619  1.00 30.04 ? 12  ASP B C   1 
ATOM   800  O O   . ASP B 1 12 ? 6.212   -9.729  13.674  1.00 27.45 ? 12  ASP B O   1 
ATOM   801  C CB  . ASP B 1 12 ? 6.559   -10.704 16.817  1.00 30.28 ? 12  ASP B CB  1 
ATOM   802  C CG  . ASP B 1 12 ? 6.320   -12.020 17.543  1.00 32.52 ? 12  ASP B CG  1 
ATOM   803  O OD1 . ASP B 1 12 ? 6.211   -13.077 16.877  1.00 29.10 ? 12  ASP B OD1 1 
ATOM   804  O OD2 . ASP B 1 12 ? 6.218   -11.986 18.790  1.00 33.24 ? 12  ASP B OD2 1 
ATOM   805  N N   . ILE B 1 13 ? 7.649   -8.550  14.947  1.00 30.20 ? 13  ILE B N   1 
ATOM   806  C CA  . ILE B 1 13 ? 7.438   -7.308  14.225  1.00 31.37 ? 13  ILE B CA  1 
ATOM   807  C C   . ILE B 1 13 ? 7.865   -7.386  12.770  1.00 32.03 ? 13  ILE B C   1 
ATOM   808  O O   . ILE B 1 13 ? 7.113   -6.988  11.881  1.00 31.62 ? 13  ILE B O   1 
ATOM   809  C CB  . ILE B 1 13 ? 8.149   -6.142  14.944  1.00 32.17 ? 13  ILE B CB  1 
ATOM   810  C CG1 . ILE B 1 13 ? 7.456   -5.914  16.298  1.00 32.27 ? 13  ILE B CG1 1 
ATOM   811  C CG2 . ILE B 1 13 ? 8.126   -4.874  14.074  1.00 29.48 ? 13  ILE B CG2 1 
ATOM   812  C CD1 . ILE B 1 13 ? 8.140   -4.908  17.200  1.00 33.47 ? 13  ILE B CD1 1 
ATOM   813  N N   . ARG B 1 14 ? 9.056   -7.918  12.527  1.00 32.62 ? 14  ARG B N   1 
ATOM   814  C CA  . ARG B 1 14 ? 9.555   -8.039  11.168  1.00 34.48 ? 14  ARG B CA  1 
ATOM   815  C C   . ARG B 1 14 ? 8.689   -8.950  10.311  1.00 32.57 ? 14  ARG B C   1 
ATOM   816  O O   . ARG B 1 14 ? 8.500   -8.689  9.126   1.00 28.90 ? 14  ARG B O   1 
ATOM   817  C CB  . ARG B 1 14 ? 10.999  -8.529  11.185  1.00 37.41 ? 14  ARG B CB  1 
ATOM   818  C CG  . ARG B 1 14 ? 11.910  -7.518  11.828  1.00 46.51 ? 14  ARG B CG  1 
ATOM   819  C CD  . ARG B 1 14 ? 13.349  -7.985  11.945  1.00 55.88 ? 14  ARG B CD  1 
ATOM   820  N NE  . ARG B 1 14 ? 14.151  -6.930  12.564  1.00 64.02 ? 14  ARG B NE  1 
ATOM   821  C CZ  . ARG B 1 14 ? 15.422  -7.053  12.927  1.00 67.28 ? 14  ARG B CZ  1 
ATOM   822  N NH1 . ARG B 1 14 ? 16.049  -6.020  13.483  1.00 68.80 ? 14  ARG B NH1 1 
ATOM   823  N NH2 . ARG B 1 14 ? 16.065  -8.201  12.740  1.00 69.39 ? 14  ARG B NH2 1 
ATOM   824  N N   . GLU B 1 15 ? 8.155   -10.013 10.903  1.00 32.56 ? 15  GLU B N   1 
ATOM   825  C CA  . GLU B 1 15 ? 7.296   -10.914 10.143  1.00 32.28 ? 15  GLU B CA  1 
ATOM   826  C C   . GLU B 1 15 ? 5.946   -10.257 9.851   1.00 31.07 ? 15  GLU B C   1 
ATOM   827  O O   . GLU B 1 15 ? 5.412   -10.400 8.753   1.00 29.44 ? 15  GLU B O   1 
ATOM   828  C CB  . GLU B 1 15 ? 7.098   -12.235 10.891  1.00 32.99 ? 15  GLU B CB  1 
ATOM   829  C CG  . GLU B 1 15 ? 8.311   -13.141 10.821  1.00 36.46 ? 15  GLU B CG  1 
ATOM   830  C CD  . GLU B 1 15 ? 8.022   -14.552 11.301  1.00 38.36 ? 15  GLU B CD  1 
ATOM   831  O OE1 . GLU B 1 15 ? 8.892   -15.432 11.111  1.00 38.81 ? 15  GLU B OE1 1 
ATOM   832  O OE2 . GLU B 1 15 ? 6.930   -14.781 11.870  1.00 39.03 ? 15  GLU B OE2 1 
ATOM   833  N N   . ALA B 1 16 ? 5.401   -9.529  10.824  1.00 27.08 ? 16  ALA B N   1 
ATOM   834  C CA  . ALA B 1 16 ? 4.121   -8.858  10.624  1.00 27.44 ? 16  ALA B CA  1 
ATOM   835  C C   . ALA B 1 16 ? 4.256   -7.855  9.469   1.00 27.71 ? 16  ALA B C   1 
ATOM   836  O O   . ALA B 1 16 ? 3.387   -7.754  8.611   1.00 25.54 ? 16  ALA B O   1 
ATOM   837  C CB  . ALA B 1 16 ? 3.696   -8.133  11.903  1.00 24.18 ? 16  ALA B CB  1 
ATOM   838  N N   . ILE B 1 17 ? 5.366   -7.125  9.459   1.00 28.03 ? 17  ILE B N   1 
ATOM   839  C CA  . ILE B 1 17 ? 5.618   -6.141  8.426   1.00 28.69 ? 17  ILE B CA  1 
ATOM   840  C C   . ILE B 1 17 ? 5.844   -6.792  7.065   1.00 30.13 ? 17  ILE B C   1 
ATOM   841  O O   . ILE B 1 17 ? 5.390   -6.260  6.049   1.00 28.43 ? 17  ILE B O   1 
ATOM   842  C CB  . ILE B 1 17 ? 6.819   -5.237  8.811   1.00 29.76 ? 17  ILE B CB  1 
ATOM   843  C CG1 . ILE B 1 17 ? 6.414   -4.331  9.977   1.00 30.99 ? 17  ILE B CG1 1 
ATOM   844  C CG2 . ILE B 1 17 ? 7.250   -4.386  7.630   1.00 29.38 ? 17  ILE B CG2 1 
ATOM   845  C CD1 . ILE B 1 17 ? 7.524   -3.422  10.464  1.00 31.70 ? 17  ILE B CD1 1 
ATOM   846  N N   . ASP B 1 18 ? 6.538   -7.930  7.025   1.00 28.92 ? 18  ASP B N   1 
ATOM   847  C CA  . ASP B 1 18 ? 6.746   -8.593  5.742   1.00 29.57 ? 18  ASP B CA  1 
ATOM   848  C C   . ASP B 1 18 ? 5.415   -9.130  5.228   1.00 29.96 ? 18  ASP B C   1 
ATOM   849  O O   . ASP B 1 18 ? 5.175   -9.173  4.015   1.00 28.18 ? 18  ASP B O   1 
ATOM   850  C CB  . ASP B 1 18 ? 7.747   -9.742  5.852   1.00 31.38 ? 18  ASP B CB  1 
ATOM   851  C CG  . ASP B 1 18 ? 9.185   -9.261  5.860   1.00 33.29 ? 18  ASP B CG  1 
ATOM   852  O OD1 . ASP B 1 18 ? 9.436   -8.106  5.459   1.00 36.31 ? 18  ASP B OD1 1 
ATOM   853  O OD2 . ASP B 1 18 ? 10.070  -10.042 6.256   1.00 34.54 ? 18  ASP B OD2 1 
ATOM   854  N N   . ARG B 1 19 ? 4.551   -9.532  6.158   1.00 27.94 ? 19  ARG B N   1 
ATOM   855  C CA  . ARG B 1 19 ? 3.237   -10.055 5.807   1.00 27.94 ? 19  ARG B CA  1 
ATOM   856  C C   . ARG B 1 19 ? 2.342   -8.916  5.317   1.00 29.19 ? 19  ARG B C   1 
ATOM   857  O O   . ARG B 1 19 ? 1.560   -9.084  4.374   1.00 31.05 ? 19  ARG B O   1 
ATOM   858  C CB  . ARG B 1 19 ? 2.602   -10.735 7.022   1.00 25.92 ? 19  ARG B CB  1 
ATOM   859  C CG  . ARG B 1 19 ? 1.227   -11.341 6.770   1.00 26.17 ? 19  ARG B CG  1 
ATOM   860  C CD  . ARG B 1 19 ? 1.250   -12.352 5.632   1.00 28.60 ? 19  ARG B CD  1 
ATOM   861  N NE  . ARG B 1 19 ? 0.823   -11.775 4.357   1.00 30.01 ? 19  ARG B NE  1 
ATOM   862  C CZ  . ARG B 1 19 ? 0.722   -12.468 3.226   1.00 33.12 ? 19  ARG B CZ  1 
ATOM   863  N NH1 . ARG B 1 19 ? 1.020   -13.764 3.207   1.00 32.79 ? 19  ARG B NH1 1 
ATOM   864  N NH2 . ARG B 1 19 ? 0.317   -11.872 2.112   1.00 31.60 ? 19  ARG B NH2 1 
ATOM   865  N N   . ILE B 1 20 ? 2.463   -7.758  5.955   1.00 27.06 ? 20  ILE B N   1 
ATOM   866  C CA  . ILE B 1 20 ? 1.669   -6.595  5.579   1.00 29.53 ? 20  ILE B CA  1 
ATOM   867  C C   . ILE B 1 20 ? 2.103   -6.055  4.216   1.00 29.57 ? 20  ILE B C   1 
ATOM   868  O O   . ILE B 1 20 ? 1.265   -5.753  3.356   1.00 30.18 ? 20  ILE B O   1 
ATOM   869  C CB  . ILE B 1 20 ? 1.790   -5.477  6.640   1.00 30.65 ? 20  ILE B CB  1 
ATOM   870  C CG1 . ILE B 1 20 ? 0.965   -5.853  7.874   1.00 29.90 ? 20  ILE B CG1 1 
ATOM   871  C CG2 . ILE B 1 20 ? 1.352   -4.138  6.050   1.00 30.26 ? 20  ILE B CG2 1 
ATOM   872  C CD1 . ILE B 1 20 ? 1.111   -4.882  9.040   1.00 33.25 ? 20  ILE B CD1 1 
ATOM   873  N N   . ASP B 1 21 ? 3.413   -5.934  4.027   1.00 26.78 ? 21  ASP B N   1 
ATOM   874  C CA  . ASP B 1 21 ? 3.948   -5.443  2.768   1.00 27.98 ? 21  ASP B CA  1 
ATOM   875  C C   . ASP B 1 21 ? 3.547   -6.367  1.617   1.00 27.85 ? 21  ASP B C   1 
ATOM   876  O O   . ASP B 1 21 ? 3.208   -5.897  0.528   1.00 27.86 ? 21  ASP B O   1 
ATOM   877  C CB  . ASP B 1 21 ? 5.473   -5.304  2.859   1.00 27.57 ? 21  ASP B CB  1 
ATOM   878  C CG  . ASP B 1 21 ? 5.901   -4.112  3.712   1.00 28.47 ? 21  ASP B CG  1 
ATOM   879  O OD1 . ASP B 1 21 ? 5.015   -3.370  4.203   1.00 26.03 ? 21  ASP B OD1 1 
ATOM   880  O OD2 . ASP B 1 21 ? 7.122   -3.912  3.890   1.00 28.64 ? 21  ASP B OD2 1 
ATOM   881  N N   . LEU B 1 22 ? 3.569   -7.677  1.862   1.00 29.01 ? 22  LEU B N   1 
ATOM   882  C CA  . LEU B 1 22 ? 3.175   -8.643  0.835   1.00 27.98 ? 22  LEU B CA  1 
ATOM   883  C C   . LEU B 1 22 ? 1.677   -8.470  0.523   1.00 27.36 ? 22  LEU B C   1 
ATOM   884  O O   . LEU B 1 22 ? 1.268   -8.584  -0.634  1.00 27.24 ? 22  LEU B O   1 
ATOM   885  C CB  . LEU B 1 22 ? 3.472   -10.079 1.291   1.00 25.98 ? 22  LEU B CB  1 
ATOM   886  C CG  . LEU B 1 22 ? 3.116   -11.212 0.312   1.00 29.03 ? 22  LEU B CG  1 
ATOM   887  C CD1 . LEU B 1 22 ? 3.742   -10.962 -1.067  1.00 25.13 ? 22  LEU B CD1 1 
ATOM   888  C CD2 . LEU B 1 22 ? 3.608   -12.545 0.878   1.00 28.96 ? 22  LEU B CD2 1 
ATOM   889  N N   . ASP B 1 23 ? 0.867   -8.195  1.550   1.00 27.72 ? 23  ASP B N   1 
ATOM   890  C CA  . ASP B 1 23 ? -0.568  -7.969  1.339   1.00 28.11 ? 23  ASP B CA  1 
ATOM   891  C C   . ASP B 1 23 ? -0.738  -6.765  0.412   1.00 28.75 ? 23  ASP B C   1 
ATOM   892  O O   . ASP B 1 23 ? -1.582  -6.768  -0.484  1.00 28.37 ? 23  ASP B O   1 
ATOM   893  C CB  . ASP B 1 23 ? -1.299  -7.660  2.655   1.00 27.83 ? 23  ASP B CB  1 
ATOM   894  C CG  . ASP B 1 23 ? -1.487  -8.887  3.534   1.00 30.17 ? 23  ASP B CG  1 
ATOM   895  O OD1 . ASP B 1 23 ? -1.476  -10.017 2.999   1.00 30.13 ? 23  ASP B OD1 1 
ATOM   896  O OD2 . ASP B 1 23 ? -1.664  -8.715  4.764   1.00 29.93 ? 23  ASP B OD2 1 
ATOM   897  N N   . ILE B 1 24 ? 0.071   -5.734  0.640   1.00 28.37 ? 24  ILE B N   1 
ATOM   898  C CA  . ILE B 1 24 ? 0.014   -4.524  -0.165  1.00 29.40 ? 24  ILE B CA  1 
ATOM   899  C C   . ILE B 1 24 ? 0.412   -4.790  -1.619  1.00 31.10 ? 24  ILE B C   1 
ATOM   900  O O   . ILE B 1 24 ? -0.243  -4.308  -2.550  1.00 32.10 ? 24  ILE B O   1 
ATOM   901  C CB  . ILE B 1 24 ? 0.925   -3.425  0.441   1.00 28.30 ? 24  ILE B CB  1 
ATOM   902  C CG1 . ILE B 1 24 ? 0.317   -2.929  1.758   1.00 27.42 ? 24  ILE B CG1 1 
ATOM   903  C CG2 . ILE B 1 24 ? 1.087   -2.273  -0.535  1.00 26.82 ? 24  ILE B CG2 1 
ATOM   904  C CD1 . ILE B 1 24 ? 1.225   -1.986  2.568   1.00 25.72 ? 24  ILE B CD1 1 
ATOM   905  N N   . VAL B 1 25 ? 1.481   -5.558  -1.816  1.00 31.06 ? 25  VAL B N   1 
ATOM   906  C CA  . VAL B 1 25 ? 1.936   -5.880  -3.167  1.00 30.52 ? 25  VAL B CA  1 
ATOM   907  C C   . VAL B 1 25 ? 0.847   -6.668  -3.890  1.00 31.13 ? 25  VAL B C   1 
ATOM   908  O O   . VAL B 1 25 ? 0.528   -6.397  -5.049  1.00 29.63 ? 25  VAL B O   1 
ATOM   909  C CB  . VAL B 1 25 ? 3.230   -6.729  -3.140  1.00 30.97 ? 25  VAL B CB  1 
ATOM   910  C CG1 . VAL B 1 25 ? 3.588   -7.197  -4.554  1.00 27.65 ? 25  VAL B CG1 1 
ATOM   911  C CG2 . VAL B 1 25 ? 4.363   -5.920  -2.536  1.00 29.89 ? 25  VAL B CG2 1 
ATOM   912  N N   . GLN B 1 26 ? 0.282   -7.652  -3.200  1.00 29.94 ? 26  GLN B N   1 
ATOM   913  C CA  . GLN B 1 26 ? -0.765  -8.470  -3.796  1.00 30.01 ? 26  GLN B CA  1 
ATOM   914  C C   . GLN B 1 26 ? -1.986  -7.601  -4.089  1.00 28.52 ? 26  GLN B C   1 
ATOM   915  O O   . GLN B 1 26 ? -2.653  -7.776  -5.113  1.00 27.02 ? 26  GLN B O   1 
ATOM   916  C CB  . GLN B 1 26 ? -1.126  -9.636  -2.860  1.00 30.21 ? 26  GLN B CB  1 
ATOM   917  C CG  . GLN B 1 26 ? 0.069   -10.538 -2.542  1.00 28.89 ? 26  GLN B CG  1 
ATOM   918  C CD  . GLN B 1 26 ? -0.298  -11.748 -1.700  1.00 31.32 ? 26  GLN B CD  1 
ATOM   919  O OE1 . GLN B 1 26 ? -1.125  -11.659 -0.790  1.00 31.17 ? 26  GLN B OE1 1 
ATOM   920  N NE2 . GLN B 1 26 ? 0.333   -12.886 -1.989  1.00 29.76 ? 26  GLN B NE2 1 
ATOM   921  N N   . ALA B 1 27 ? -2.275  -6.654  -3.202  1.00 26.58 ? 27  ALA B N   1 
ATOM   922  C CA  . ALA B 1 27 ? -3.420  -5.777  -3.423  1.00 28.40 ? 27  ALA B CA  1 
ATOM   923  C C   . ALA B 1 27 ? -3.148  -4.958  -4.691  1.00 28.27 ? 27  ALA B C   1 
ATOM   924  O O   . ALA B 1 27 ? -4.038  -4.761  -5.523  1.00 26.16 ? 27  ALA B O   1 
ATOM   925  C CB  . ALA B 1 27 ? -3.631  -4.859  -2.228  1.00 24.99 ? 27  ALA B CB  1 
ATOM   926  N N   . LEU B 1 28 ? -1.907  -4.502  -4.838  1.00 27.78 ? 28  LEU B N   1 
ATOM   927  C CA  . LEU B 1 28 ? -1.525  -3.723  -6.007  1.00 28.75 ? 28  LEU B CA  1 
ATOM   928  C C   . LEU B 1 28 ? -1.653  -4.586  -7.248  1.00 29.42 ? 28  LEU B C   1 
ATOM   929  O O   . LEU B 1 28 ? -1.987  -4.096  -8.330  1.00 29.04 ? 28  LEU B O   1 
ATOM   930  C CB  . LEU B 1 28 ? -0.086  -3.226  -5.874  1.00 27.90 ? 28  LEU B CB  1 
ATOM   931  C CG  . LEU B 1 28 ? 0.154   -2.135  -4.830  1.00 29.87 ? 28  LEU B CG  1 
ATOM   932  C CD1 . LEU B 1 28 ? 1.635   -1.785  -4.763  1.00 26.03 ? 28  LEU B CD1 1 
ATOM   933  C CD2 . LEU B 1 28 ? -0.672  -0.914  -5.192  1.00 30.98 ? 28  LEU B CD2 1 
ATOM   934  N N   . GLY B 1 29 ? -1.381  -5.878  -7.087  1.00 29.18 ? 29  GLY B N   1 
ATOM   935  C CA  . GLY B 1 29 ? -1.479  -6.790  -8.207  1.00 27.50 ? 29  GLY B CA  1 
ATOM   936  C C   . GLY B 1 29 ? -2.915  -6.913  -8.674  1.00 28.26 ? 29  GLY B C   1 
ATOM   937  O O   . GLY B 1 29 ? -3.191  -6.867  -9.871  1.00 29.02 ? 29  GLY B O   1 
ATOM   938  N N   . ARG B 1 30 ? -3.838  -7.069  -7.735  1.00 29.06 ? 30  ARG B N   1 
ATOM   939  C CA  . ARG B 1 30 ? -5.246  -7.198  -8.093  1.00 30.95 ? 30  ARG B CA  1 
ATOM   940  C C   . ARG B 1 30 ? -5.774  -5.881  -8.659  1.00 30.09 ? 30  ARG B C   1 
ATOM   941  O O   . ARG B 1 30 ? -6.590  -5.874  -9.583  1.00 29.19 ? 30  ARG B O   1 
ATOM   942  C CB  . ARG B 1 30 ? -6.072  -7.607  -6.872  1.00 31.94 ? 30  ARG B CB  1 
ATOM   943  C CG  . ARG B 1 30 ? -5.695  -8.959  -6.298  1.00 35.99 ? 30  ARG B CG  1 
ATOM   944  C CD  . ARG B 1 30 ? -6.750  -9.448  -5.302  1.00 40.31 ? 30  ARG B CD  1 
ATOM   945  N NE  . ARG B 1 30 ? -6.941  -8.523  -4.180  1.00 44.19 ? 30  ARG B NE  1 
ATOM   946  C CZ  . ARG B 1 30 ? -6.163  -8.461  -3.098  1.00 44.66 ? 30  ARG B CZ  1 
ATOM   947  N NH1 . ARG B 1 30 ? -6.433  -7.572  -2.143  1.00 43.87 ? 30  ARG B NH1 1 
ATOM   948  N NH2 . ARG B 1 30 ? -5.129  -9.292  -2.956  1.00 40.60 ? 30  ARG B NH2 1 
ATOM   949  N N   . ARG B 1 31 ? -5.295  -4.772  -8.103  1.00 30.09 ? 31  ARG B N   1 
ATOM   950  C CA  . ARG B 1 31 ? -5.714  -3.436  -8.533  1.00 30.04 ? 31  ARG B CA  1 
ATOM   951  C C   . ARG B 1 31 ? -5.485  -3.307  -10.035 1.00 32.68 ? 31  ARG B C   1 
ATOM   952  O O   . ARG B 1 31 ? -6.373  -2.893  -10.781 1.00 32.89 ? 31  ARG B O   1 
ATOM   953  C CB  . ARG B 1 31 ? -4.908  -2.374  -7.785  1.00 26.90 ? 31  ARG B CB  1 
ATOM   954  C CG  . ARG B 1 31 ? -5.451  -0.953  -7.884  1.00 26.81 ? 31  ARG B CG  1 
ATOM   955  C CD  . ARG B 1 31 ? -4.567  0.021   -7.091  1.00 25.95 ? 31  ARG B CD  1 
ATOM   956  N NE  . ARG B 1 31 ? -5.244  1.292   -6.864  1.00 26.75 ? 31  ARG B NE  1 
ATOM   957  C CZ  . ARG B 1 31 ? -5.466  2.204   -7.804  1.00 23.39 ? 31  ARG B CZ  1 
ATOM   958  N NH1 . ARG B 1 31 ? -5.049  2.001   -9.040  1.00 23.59 ? 31  ARG B NH1 1 
ATOM   959  N NH2 . ARG B 1 31 ? -6.148  3.301   -7.515  1.00 24.67 ? 31  ARG B NH2 1 
ATOM   960  N N   . MET B 1 32 ? -4.290  -3.689  -10.473 1.00 32.23 ? 32  MET B N   1 
ATOM   961  C CA  . MET B 1 32 ? -3.941  -3.622  -11.880 1.00 34.46 ? 32  MET B CA  1 
ATOM   962  C C   . MET B 1 32 ? -4.896  -4.472  -12.713 1.00 34.57 ? 32  MET B C   1 
ATOM   963  O O   . MET B 1 32 ? -5.263  -4.085  -13.820 1.00 33.36 ? 32  MET B O   1 
ATOM   964  C CB  . MET B 1 32 ? -2.502  -4.101  -12.086 1.00 36.85 ? 32  MET B CB  1 
ATOM   965  C CG  . MET B 1 32 ? -1.957  -3.872  -13.489 1.00 41.75 ? 32  MET B CG  1 
ATOM   966  S SD  . MET B 1 32 ? -1.784  -2.109  -13.894 1.00 49.54 ? 32  MET B SD  1 
ATOM   967  C CE  . MET B 1 32 ? -2.840  -1.992  -15.330 1.00 48.44 ? 32  MET B CE  1 
ATOM   968  N N   . ASP B 1 33 ? -5.296  -5.631  -12.195 1.00 35.23 ? 33  ASP B N   1 
ATOM   969  C CA  . ASP B 1 33 ? -6.214  -6.484  -12.947 1.00 36.18 ? 33  ASP B CA  1 
ATOM   970  C C   . ASP B 1 33 ? -7.553  -5.778  -13.181 1.00 35.46 ? 33  ASP B C   1 
ATOM   971  O O   . ASP B 1 33 ? -8.099  -5.838  -14.284 1.00 35.81 ? 33  ASP B O   1 
ATOM   972  C CB  . ASP B 1 33 ? -6.441  -7.828  -12.240 1.00 37.70 ? 33  ASP B CB  1 
ATOM   973  C CG  . ASP B 1 33 ? -5.230  -8.759  -12.337 1.00 40.63 ? 33  ASP B CG  1 
ATOM   974  O OD1 . ASP B 1 33 ? -4.519  -8.712  -13.364 1.00 40.72 ? 33  ASP B OD1 1 
ATOM   975  O OD2 . ASP B 1 33 ? -4.998  -9.549  -11.394 1.00 42.95 ? 33  ASP B OD2 1 
ATOM   976  N N   . TYR B 1 34 ? -8.081  -5.107  -12.161 1.00 34.17 ? 34  TYR B N   1 
ATOM   977  C CA  . TYR B 1 34 ? -9.344  -4.394  -12.330 1.00 34.63 ? 34  TYR B CA  1 
ATOM   978  C C   . TYR B 1 34 ? -9.168  -3.199  -13.261 1.00 35.47 ? 34  TYR B C   1 
ATOM   979  O O   . TYR B 1 34 ? -10.011 -2.945  -14.119 1.00 36.22 ? 34  TYR B O   1 
ATOM   980  C CB  . TYR B 1 34 ? -9.914  -3.931  -10.979 1.00 32.85 ? 34  TYR B CB  1 
ATOM   981  C CG  . TYR B 1 34 ? -10.460 -5.070  -10.149 1.00 31.90 ? 34  TYR B CG  1 
ATOM   982  C CD1 . TYR B 1 34 ? -9.696  -5.647  -9.133  1.00 30.43 ? 34  TYR B CD1 1 
ATOM   983  C CD2 . TYR B 1 34 ? -11.718 -5.623  -10.425 1.00 31.36 ? 34  TYR B CD2 1 
ATOM   984  C CE1 . TYR B 1 34 ? -10.160 -6.745  -8.415  1.00 28.69 ? 34  TYR B CE1 1 
ATOM   985  C CE2 . TYR B 1 34 ? -12.194 -6.729  -9.709  1.00 29.16 ? 34  TYR B CE2 1 
ATOM   986  C CZ  . TYR B 1 34 ? -11.404 -7.280  -8.710  1.00 29.72 ? 34  TYR B CZ  1 
ATOM   987  O OH  . TYR B 1 34 ? -11.844 -8.372  -8.012  1.00 30.56 ? 34  TYR B OH  1 
ATOM   988  N N   . VAL B 1 35 ? -8.078  -2.459  -13.097 1.00 35.79 ? 35  VAL B N   1 
ATOM   989  C CA  . VAL B 1 35 ? -7.838  -1.319  -13.967 1.00 37.88 ? 35  VAL B CA  1 
ATOM   990  C C   . VAL B 1 35 ? -7.785  -1.783  -15.432 1.00 39.52 ? 35  VAL B C   1 
ATOM   991  O O   . VAL B 1 35 ? -8.292  -1.103  -16.323 1.00 40.62 ? 35  VAL B O   1 
ATOM   992  C CB  . VAL B 1 35 ? -6.522  -0.598  -13.592 1.00 37.75 ? 35  VAL B CB  1 
ATOM   993  C CG1 . VAL B 1 35 ? -6.040  0.263   -14.751 1.00 36.76 ? 35  VAL B CG1 1 
ATOM   994  C CG2 . VAL B 1 35 ? -6.745  0.269   -12.368 1.00 37.33 ? 35  VAL B CG2 1 
ATOM   995  N N   . LYS B 1 36 ? -7.181  -2.941  -15.683 1.00 39.72 ? 36  LYS B N   1 
ATOM   996  C CA  . LYS B 1 36 ? -7.103  -3.458  -17.047 1.00 41.75 ? 36  LYS B CA  1 
ATOM   997  C C   . LYS B 1 36 ? -8.489  -3.812  -17.578 1.00 42.95 ? 36  LYS B C   1 
ATOM   998  O O   . LYS B 1 36 ? -8.815  -3.522  -18.729 1.00 41.96 ? 36  LYS B O   1 
ATOM   999  C CB  . LYS B 1 36 ? -6.198  -4.692  -17.109 1.00 41.12 ? 36  LYS B CB  1 
ATOM   1000 C CG  . LYS B 1 36 ? -4.705  -4.378  -17.216 1.00 43.39 ? 36  LYS B CG  1 
ATOM   1001 C CD  . LYS B 1 36 ? -3.875  -5.633  -16.971 1.00 47.53 ? 36  LYS B CD  1 
ATOM   1002 C CE  . LYS B 1 36 ? -2.421  -5.469  -17.400 1.00 52.80 ? 36  LYS B CE  1 
ATOM   1003 N NZ  . LYS B 1 36 ? -1.673  -4.419  -16.649 1.00 55.12 ? 36  LYS B NZ  1 
ATOM   1004 N N   . ALA B 1 37 ? -9.303  -4.439  -16.735 1.00 43.65 ? 37  ALA B N   1 
ATOM   1005 C CA  . ALA B 1 37 ? -10.648 -4.826  -17.130 1.00 45.04 ? 37  ALA B CA  1 
ATOM   1006 C C   . ALA B 1 37 ? -11.501 -3.595  -17.420 1.00 46.01 ? 37  ALA B C   1 
ATOM   1007 O O   . ALA B 1 37 ? -12.469 -3.659  -18.177 1.00 44.65 ? 37  ALA B O   1 
ATOM   1008 C CB  . ALA B 1 37 ? -11.289 -5.664  -16.029 1.00 45.74 ? 37  ALA B CB  1 
ATOM   1009 N N   . ALA B 1 38 ? -11.131 -2.472  -16.818 1.00 47.43 ? 38  ALA B N   1 
ATOM   1010 C CA  . ALA B 1 38 ? -11.863 -1.227  -17.001 1.00 51.68 ? 38  ALA B CA  1 
ATOM   1011 C C   . ALA B 1 38 ? -11.998 -0.829  -18.472 1.00 55.11 ? 38  ALA B C   1 
ATOM   1012 O O   . ALA B 1 38 ? -12.978 -0.193  -18.861 1.00 56.38 ? 38  ALA B O   1 
ATOM   1013 C CB  . ALA B 1 38 ? -11.183 -0.108  -16.222 1.00 49.24 ? 38  ALA B CB  1 
ATOM   1014 N N   . SER B 1 39 ? -11.013 -1.202  -19.282 1.00 57.91 ? 39  SER B N   1 
ATOM   1015 C CA  . SER B 1 39 ? -11.018 -0.870  -20.701 1.00 62.05 ? 39  SER B CA  1 
ATOM   1016 C C   . SER B 1 39 ? -12.137 -1.590  -21.450 1.00 64.26 ? 39  SER B C   1 
ATOM   1017 O O   . SER B 1 39 ? -12.589 -1.137  -22.505 1.00 63.94 ? 39  SER B O   1 
ATOM   1018 C CB  . SER B 1 39 ? -9.672  -1.232  -21.322 1.00 63.63 ? 39  SER B CB  1 
ATOM   1019 O OG  . SER B 1 39 ? -9.430  -2.626  -21.226 1.00 65.88 ? 39  SER B OG  1 
ATOM   1020 N N   . ARG B 1 40 ? -12.581 -2.714  -20.896 1.00 66.44 ? 40  ARG B N   1 
ATOM   1021 C CA  . ARG B 1 40 ? -13.643 -3.508  -21.502 1.00 68.19 ? 40  ARG B CA  1 
ATOM   1022 C C   . ARG B 1 40 ? -14.933 -2.694  -21.618 1.00 69.08 ? 40  ARG B C   1 
ATOM   1023 O O   . ARG B 1 40 ? -15.944 -3.183  -22.130 1.00 69.05 ? 40  ARG B O   1 
ATOM   1024 C CB  . ARG B 1 40 ? -13.871 -4.775  -20.663 1.00 69.22 ? 40  ARG B CB  1 
ATOM   1025 C CG  . ARG B 1 40 ? -14.889 -5.755  -21.220 1.00 70.62 ? 40  ARG B CG  1 
ATOM   1026 C CD  . ARG B 1 40 ? -14.779 -7.114  -20.535 1.00 71.86 ? 40  ARG B CD  1 
ATOM   1027 N NE  . ARG B 1 40 ? -14.845 -7.012  -19.078 1.00 73.61 ? 40  ARG B NE  1 
ATOM   1028 C CZ  . ARG B 1 40 ? -14.843 -8.053  -18.249 1.00 73.76 ? 40  ARG B CZ  1 
ATOM   1029 N NH1 . ARG B 1 40 ? -14.780 -9.288  -18.732 1.00 74.16 ? 40  ARG B NH1 1 
ATOM   1030 N NH2 . ARG B 1 40 ? -14.902 -7.860  -16.938 1.00 71.64 ? 40  ARG B NH2 1 
ATOM   1031 N N   . PHE B 1 41 ? -14.887 -1.446  -21.149 1.00 69.80 ? 41  PHE B N   1 
ATOM   1032 C CA  . PHE B 1 41 ? -16.043 -0.552  -21.199 1.00 69.75 ? 41  PHE B CA  1 
ATOM   1033 C C   . PHE B 1 41 ? -15.667 0.858   -21.666 1.00 69.65 ? 41  PHE B C   1 
ATOM   1034 O O   . PHE B 1 41 ? -14.492 1.174   -21.873 1.00 68.99 ? 41  PHE B O   1 
ATOM   1035 C CB  . PHE B 1 41 ? -16.714 -0.463  -19.825 1.00 69.28 ? 41  PHE B CB  1 
ATOM   1036 C CG  . PHE B 1 41 ? -16.993 -1.797  -19.192 1.00 68.97 ? 41  PHE B CG  1 
ATOM   1037 C CD1 . PHE B 1 41 ? -16.024 -2.434  -18.421 1.00 69.17 ? 41  PHE B CD1 1 
ATOM   1038 C CD2 . PHE B 1 41 ? -18.226 -2.419  -19.367 1.00 68.41 ? 41  PHE B CD2 1 
ATOM   1039 C CE1 . PHE B 1 41 ? -16.279 -3.672  -17.829 1.00 68.13 ? 41  PHE B CE1 1 
ATOM   1040 C CE2 . PHE B 1 41 ? -18.490 -3.656  -18.781 1.00 68.40 ? 41  PHE B CE2 1 
ATOM   1041 C CZ  . PHE B 1 41 ? -17.515 -4.284  -18.011 1.00 68.58 ? 41  PHE B CZ  1 
ATOM   1042 N N   . PRO B 1 49 ? -8.649  6.609   -15.944 1.00 70.23 ? 49  PRO B N   1 
ATOM   1043 C CA  . PRO B 1 49 ? -9.692  7.337   -15.210 1.00 69.41 ? 49  PRO B CA  1 
ATOM   1044 C C   . PRO B 1 49 ? -9.784  8.830   -15.548 1.00 68.42 ? 49  PRO B C   1 
ATOM   1045 O O   . PRO B 1 49 ? -8.770  9.522   -15.685 1.00 68.24 ? 49  PRO B O   1 
ATOM   1046 C CB  . PRO B 1 49 ? -9.322  7.088   -13.746 1.00 69.45 ? 49  PRO B CB  1 
ATOM   1047 C CG  . PRO B 1 49 ? -7.826  6.951   -13.801 1.00 69.89 ? 49  PRO B CG  1 
ATOM   1048 C CD  . PRO B 1 49 ? -7.629  6.080   -15.021 1.00 70.28 ? 49  PRO B CD  1 
ATOM   1049 N N   . ALA B 1 50 ? -11.016 9.312   -15.681 1.00 67.26 ? 50  ALA B N   1 
ATOM   1050 C CA  . ALA B 1 50 ? -11.275 10.708  -16.001 1.00 66.47 ? 50  ALA B CA  1 
ATOM   1051 C C   . ALA B 1 50 ? -10.800 11.611  -14.866 1.00 65.25 ? 50  ALA B C   1 
ATOM   1052 O O   . ALA B 1 50 ? -10.709 11.180  -13.716 1.00 65.25 ? 50  ALA B O   1 
ATOM   1053 C CB  . ALA B 1 50 ? -12.765 10.914  -16.242 1.00 67.77 ? 50  ALA B CB  1 
ATOM   1054 N N   . PRO B 1 51 ? -10.488 12.879  -15.177 1.00 63.74 ? 51  PRO B N   1 
ATOM   1055 C CA  . PRO B 1 51 ? -10.023 13.825  -14.158 1.00 62.29 ? 51  PRO B CA  1 
ATOM   1056 C C   . PRO B 1 51 ? -11.018 13.987  -13.005 1.00 60.71 ? 51  PRO B C   1 
ATOM   1057 O O   . PRO B 1 51 ? -10.631 14.327  -11.887 1.00 60.58 ? 51  PRO B O   1 
ATOM   1058 C CB  . PRO B 1 51 ? -9.825  15.114  -14.954 1.00 62.47 ? 51  PRO B CB  1 
ATOM   1059 C CG  . PRO B 1 51 ? -9.417  14.606  -16.304 1.00 62.63 ? 51  PRO B CG  1 
ATOM   1060 C CD  . PRO B 1 51 ? -10.407 13.481  -16.520 1.00 63.87 ? 51  PRO B CD  1 
ATOM   1061 N N   . GLU B 1 52 ? -12.296 13.749  -13.283 1.00 58.37 ? 52  GLU B N   1 
ATOM   1062 C CA  . GLU B 1 52 ? -13.326 13.856  -12.255 1.00 57.18 ? 52  GLU B CA  1 
ATOM   1063 C C   . GLU B 1 52 ? -13.116 12.731  -11.241 1.00 54.61 ? 52  GLU B C   1 
ATOM   1064 O O   . GLU B 1 52 ? -13.039 12.970  -10.032 1.00 54.30 ? 52  GLU B O   1 
ATOM   1065 C CB  . GLU B 1 52 ? -14.726 13.746  -12.883 1.00 59.30 ? 52  GLU B CB  1 
ATOM   1066 C CG  . GLU B 1 52 ? -15.892 13.937  -11.896 1.00 63.72 ? 52  GLU B CG  1 
ATOM   1067 C CD  . GLU B 1 52 ? -16.251 12.670  -11.107 1.00 66.39 ? 52  GLU B CD  1 
ATOM   1068 O OE1 . GLU B 1 52 ? -16.814 12.800  -9.993  1.00 66.39 ? 52  GLU B OE1 1 
ATOM   1069 O OE2 . GLU B 1 52 ? -15.991 11.548  -11.606 1.00 66.02 ? 52  GLU B OE2 1 
ATOM   1070 N N   . ARG B 1 53 ? -13.023 11.506  -11.751 1.00 50.70 ? 53  ARG B N   1 
ATOM   1071 C CA  . ARG B 1 53 ? -12.816 10.322  -10.930 1.00 47.85 ? 53  ARG B CA  1 
ATOM   1072 C C   . ARG B 1 53 ? -11.630 10.522  -9.983  1.00 44.49 ? 53  ARG B C   1 
ATOM   1073 O O   . ARG B 1 53 ? -11.773 10.432  -8.764  1.00 42.63 ? 53  ARG B O   1 
ATOM   1074 C CB  . ARG B 1 53 ? -12.590 9.111   -11.851 1.00 49.55 ? 53  ARG B CB  1 
ATOM   1075 C CG  . ARG B 1 53 ? -12.147 7.813   -11.180 1.00 50.49 ? 53  ARG B CG  1 
ATOM   1076 C CD  . ARG B 1 53 ? -13.185 7.227   -10.239 1.00 50.48 ? 53  ARG B CD  1 
ATOM   1077 N NE  . ARG B 1 53 ? -12.684 5.994   -9.636  1.00 52.54 ? 53  ARG B NE  1 
ATOM   1078 C CZ  . ARG B 1 53 ? -13.179 5.429   -8.536  1.00 53.37 ? 53  ARG B CZ  1 
ATOM   1079 N NH1 . ARG B 1 53 ? -14.206 5.982   -7.901  1.00 51.27 ? 53  ARG B NH1 1 
ATOM   1080 N NH2 . ARG B 1 53 ? -12.630 4.313   -8.061  1.00 52.40 ? 53  ARG B NH2 1 
ATOM   1081 N N   . VAL B 1 54 ? -10.468 10.822  -10.553 1.00 42.41 ? 54  VAL B N   1 
ATOM   1082 C CA  . VAL B 1 54 ? -9.244  11.029  -9.784  1.00 40.88 ? 54  VAL B CA  1 
ATOM   1083 C C   . VAL B 1 54 ? -9.385  12.118  -8.719  1.00 41.14 ? 54  VAL B C   1 
ATOM   1084 O O   . VAL B 1 54 ? -8.973  11.939  -7.569  1.00 39.55 ? 54  VAL B O   1 
ATOM   1085 C CB  . VAL B 1 54 ? -8.077  11.392  -10.720 1.00 40.74 ? 54  VAL B CB  1 
ATOM   1086 C CG1 . VAL B 1 54 ? -6.803  11.598  -9.919  1.00 39.61 ? 54  VAL B CG1 1 
ATOM   1087 C CG2 . VAL B 1 54 ? -7.890  10.297  -11.756 1.00 41.12 ? 54  VAL B CG2 1 
ATOM   1088 N N   . ALA B 1 55 ? -9.967  13.247  -9.106  1.00 40.71 ? 55  ALA B N   1 
ATOM   1089 C CA  . ALA B 1 55 ? -10.153 14.361  -8.184  1.00 39.97 ? 55  ALA B CA  1 
ATOM   1090 C C   . ALA B 1 55 ? -11.056 13.958  -7.017  1.00 38.75 ? 55  ALA B C   1 
ATOM   1091 O O   . ALA B 1 55 ? -10.966 14.527  -5.932  1.00 40.11 ? 55  ALA B O   1 
ATOM   1092 C CB  . ALA B 1 55 ? -10.749 15.559  -8.926  1.00 39.42 ? 55  ALA B CB  1 
ATOM   1093 N N   . ALA B 1 56 ? -11.926 12.980  -7.239  1.00 37.69 ? 56  ALA B N   1 
ATOM   1094 C CA  . ALA B 1 56 ? -12.826 12.524  -6.185  1.00 37.44 ? 56  ALA B CA  1 
ATOM   1095 C C   . ALA B 1 56 ? -12.163 11.457  -5.315  1.00 38.30 ? 56  ALA B C   1 
ATOM   1096 O O   . ALA B 1 56 ? -12.379 11.410  -4.102  1.00 38.74 ? 56  ALA B O   1 
ATOM   1097 C CB  . ALA B 1 56 ? -14.106 11.967  -6.796  1.00 35.54 ? 56  ALA B CB  1 
ATOM   1098 N N   . MET B 1 57 ? -11.348 10.611  -5.942  1.00 37.39 ? 57  MET B N   1 
ATOM   1099 C CA  . MET B 1 57 ? -10.673 9.519   -5.250  1.00 36.47 ? 57  MET B CA  1 
ATOM   1100 C C   . MET B 1 57 ? -9.645  9.947   -4.220  1.00 36.30 ? 57  MET B C   1 
ATOM   1101 O O   . MET B 1 57 ? -9.628  9.434   -3.106  1.00 37.46 ? 57  MET B O   1 
ATOM   1102 C CB  . MET B 1 57 ? -9.956  8.615   -6.252  1.00 38.01 ? 57  MET B CB  1 
ATOM   1103 C CG  . MET B 1 57 ? -10.821 7.859   -7.222  1.00 34.75 ? 57  MET B CG  1 
ATOM   1104 S SD  . MET B 1 57 ? -9.740  7.028   -8.394  1.00 40.11 ? 57  MET B SD  1 
ATOM   1105 C CE  . MET B 1 57 ? -9.326  5.549   -7.474  1.00 31.97 ? 57  MET B CE  1 
ATOM   1106 N N   . LEU B 1 58 ? -8.776  10.874  -4.602  1.00 36.43 ? 58  LEU B N   1 
ATOM   1107 C CA  . LEU B 1 58 ? -7.709  11.312  -3.715  1.00 35.12 ? 58  LEU B CA  1 
ATOM   1108 C C   . LEU B 1 58 ? -8.196  11.816  -2.369  1.00 34.33 ? 58  LEU B C   1 
ATOM   1109 O O   . LEU B 1 58 ? -7.750  11.328  -1.332  1.00 34.13 ? 58  LEU B O   1 
ATOM   1110 C CB  . LEU B 1 58 ? -6.828  12.349  -4.425  1.00 34.79 ? 58  LEU B CB  1 
ATOM   1111 C CG  . LEU B 1 58 ? -6.097  11.731  -5.629  1.00 37.05 ? 58  LEU B CG  1 
ATOM   1112 C CD1 . LEU B 1 58 ? -5.228  12.776  -6.307  1.00 36.58 ? 58  LEU B CD1 1 
ATOM   1113 C CD2 . LEU B 1 58 ? -5.237  10.546  -5.168  1.00 35.22 ? 58  LEU B CD2 1 
ATOM   1114 N N   . PRO B 1 59 ? -9.113  12.795  -2.355  1.00 34.10 ? 59  PRO B N   1 
ATOM   1115 C CA  . PRO B 1 59 ? -9.614  13.301  -1.068  1.00 34.18 ? 59  PRO B CA  1 
ATOM   1116 C C   . PRO B 1 59 ? -10.135 12.134  -0.229  1.00 33.00 ? 59  PRO B C   1 
ATOM   1117 O O   . PRO B 1 59 ? -9.898  12.053  0.975   1.00 33.29 ? 59  PRO B O   1 
ATOM   1118 C CB  . PRO B 1 59 ? -10.731 14.253  -1.484  1.00 33.50 ? 59  PRO B CB  1 
ATOM   1119 C CG  . PRO B 1 59 ? -10.215 14.791  -2.798  1.00 35.23 ? 59  PRO B CG  1 
ATOM   1120 C CD  . PRO B 1 59 ? -9.689  13.552  -3.481  1.00 34.30 ? 59  PRO B CD  1 
ATOM   1121 N N   . GLU B 1 60 ? -10.846 11.228  -0.883  1.00 31.33 ? 60  GLU B N   1 
ATOM   1122 C CA  . GLU B 1 60 ? -11.391 10.073  -0.207  1.00 33.33 ? 60  GLU B CA  1 
ATOM   1123 C C   . GLU B 1 60 ? -10.274 9.280   0.487   1.00 33.01 ? 60  GLU B C   1 
ATOM   1124 O O   . GLU B 1 60 ? -10.385 8.950   1.671   1.00 31.13 ? 60  GLU B O   1 
ATOM   1125 C CB  . GLU B 1 60 ? -12.133 9.194   -1.216  1.00 35.83 ? 60  GLU B CB  1 
ATOM   1126 C CG  . GLU B 1 60 ? -12.791 7.977   -0.608  1.00 42.44 ? 60  GLU B CG  1 
ATOM   1127 C CD  . GLU B 1 60 ? -13.640 7.209   -1.603  1.00 47.31 ? 60  GLU B CD  1 
ATOM   1128 O OE1 . GLU B 1 60 ? -13.128 6.846   -2.695  1.00 46.34 ? 60  GLU B OE1 1 
ATOM   1129 O OE2 . GLU B 1 60 ? -14.825 6.964   -1.283  1.00 49.46 ? 60  GLU B OE2 1 
ATOM   1130 N N   . ARG B 1 61 ? -9.194  8.981   -0.238  1.00 31.10 ? 61  ARG B N   1 
ATOM   1131 C CA  . ARG B 1 61 ? -8.092  8.230   0.362   1.00 29.84 ? 61  ARG B CA  1 
ATOM   1132 C C   . ARG B 1 61 ? -7.448  9.010   1.505   1.00 30.41 ? 61  ARG B C   1 
ATOM   1133 O O   . ARG B 1 61 ? -7.004  8.427   2.502   1.00 28.67 ? 61  ARG B O   1 
ATOM   1134 C CB  . ARG B 1 61 ? -7.061  7.858   -0.702  1.00 28.39 ? 61  ARG B CB  1 
ATOM   1135 C CG  . ARG B 1 61 ? -7.480  6.634   -1.476  1.00 28.42 ? 61  ARG B CG  1 
ATOM   1136 C CD  . ARG B 1 61 ? -7.338  6.801   -2.963  1.00 28.92 ? 61  ARG B CD  1 
ATOM   1137 N NE  . ARG B 1 61 ? -8.025  5.717   -3.659  1.00 28.66 ? 61  ARG B NE  1 
ATOM   1138 C CZ  . ARG B 1 61 ? -9.347  5.639   -3.787  1.00 27.32 ? 61  ARG B CZ  1 
ATOM   1139 N NH1 . ARG B 1 61 ? -10.116 6.587   -3.274  1.00 25.79 ? 61  ARG B NH1 1 
ATOM   1140 N NH2 . ARG B 1 61 ? -9.902  4.609   -4.411  1.00 25.32 ? 61  ARG B NH2 1 
ATOM   1141 N N   . ALA B 1 62 ? -7.416  10.332  1.370   1.00 29.55 ? 62  ALA B N   1 
ATOM   1142 C CA  . ALA B 1 62 ? -6.851  11.162  2.418   1.00 31.50 ? 62  ALA B CA  1 
ATOM   1143 C C   . ALA B 1 62 ? -7.719  10.939  3.658   1.00 31.69 ? 62  ALA B C   1 
ATOM   1144 O O   . ALA B 1 62 ? -7.208  10.809  4.775   1.00 30.26 ? 62  ALA B O   1 
ATOM   1145 C CB  . ALA B 1 62 ? -6.872  12.635  2.001   1.00 30.46 ? 62  ALA B CB  1 
ATOM   1146 N N   . ARG B 1 63 ? -9.032  10.878  3.447   1.00 32.67 ? 63  ARG B N   1 
ATOM   1147 C CA  . ARG B 1 63 ? -9.979  10.648  4.537   1.00 35.45 ? 63  ARG B CA  1 
ATOM   1148 C C   . ARG B 1 63 ? -9.716  9.297   5.217   1.00 33.20 ? 63  ARG B C   1 
ATOM   1149 O O   . ARG B 1 63 ? -9.625  9.220   6.437   1.00 33.97 ? 63  ARG B O   1 
ATOM   1150 C CB  . ARG B 1 63 ? -11.423 10.683  4.016   1.00 38.65 ? 63  ARG B CB  1 
ATOM   1151 C CG  . ARG B 1 63 ? -12.484 10.458  5.100   1.00 45.51 ? 63  ARG B CG  1 
ATOM   1152 C CD  . ARG B 1 63 ? -13.894 10.390  4.515   1.00 51.40 ? 63  ARG B CD  1 
ATOM   1153 N NE  . ARG B 1 63 ? -14.339 9.025   4.223   1.00 58.16 ? 63  ARG B NE  1 
ATOM   1154 C CZ  . ARG B 1 63 ? -14.923 8.211   5.108   1.00 61.25 ? 63  ARG B CZ  1 
ATOM   1155 N NH1 . ARG B 1 63 ? -15.138 8.621   6.355   1.00 64.53 ? 63  ARG B NH1 1 
ATOM   1156 N NH2 . ARG B 1 63 ? -15.304 6.990   4.747   1.00 59.41 ? 63  ARG B NH2 1 
ATOM   1157 N N   . TRP B 1 64 ? -9.594  8.239   4.425   1.00 31.79 ? 64  TRP B N   1 
ATOM   1158 C CA  . TRP B 1 64 ? -9.341  6.914   4.985   1.00 32.57 ? 64  TRP B CA  1 
ATOM   1159 C C   . TRP B 1 64 ? -8.044  6.930   5.794   1.00 33.29 ? 64  TRP B C   1 
ATOM   1160 O O   . TRP B 1 64 ? -7.958  6.339   6.885   1.00 32.09 ? 64  TRP B O   1 
ATOM   1161 C CB  . TRP B 1 64 ? -9.251  5.867   3.865   1.00 28.93 ? 64  TRP B CB  1 
ATOM   1162 C CG  . TRP B 1 64 ? -10.526 5.716   3.071   1.00 30.90 ? 64  TRP B CG  1 
ATOM   1163 C CD1 . TRP B 1 64 ? -11.798 6.028   3.484   1.00 29.74 ? 64  TRP B CD1 1 
ATOM   1164 C CD2 . TRP B 1 64 ? -10.657 5.184   1.746   1.00 27.79 ? 64  TRP B CD2 1 
ATOM   1165 N NE1 . TRP B 1 64 ? -12.704 5.726   2.496   1.00 26.68 ? 64  TRP B NE1 1 
ATOM   1166 C CE2 . TRP B 1 64 ? -12.036 5.205   1.421   1.00 27.54 ? 64  TRP B CE2 1 
ATOM   1167 C CE3 . TRP B 1 64 ? -9.746  4.690   0.804   1.00 26.85 ? 64  TRP B CE3 1 
ATOM   1168 C CZ2 . TRP B 1 64 ? -12.527 4.752   0.188   1.00 27.37 ? 64  TRP B CZ2 1 
ATOM   1169 C CZ3 . TRP B 1 64 ? -10.234 4.238   -0.428  1.00 29.36 ? 64  TRP B CZ3 1 
ATOM   1170 C CH2 . TRP B 1 64 ? -11.617 4.274   -0.721  1.00 27.88 ? 64  TRP B CH2 1 
ATOM   1171 N N   . ALA B 1 65 ? -7.042  7.622   5.258   1.00 33.03 ? 65  ALA B N   1 
ATOM   1172 C CA  . ALA B 1 65 ? -5.752  7.729   5.928   1.00 34.84 ? 65  ALA B CA  1 
ATOM   1173 C C   . ALA B 1 65 ? -5.932  8.281   7.342   1.00 34.98 ? 65  ALA B C   1 
ATOM   1174 O O   . ALA B 1 65 ? -5.359  7.758   8.304   1.00 32.67 ? 65  ALA B O   1 
ATOM   1175 C CB  . ALA B 1 65 ? -4.814  8.636   5.122   1.00 33.17 ? 65  ALA B CB  1 
ATOM   1176 N N   . GLU B 1 66 ? -6.732  9.336   7.471   1.00 35.92 ? 66  GLU B N   1 
ATOM   1177 C CA  . GLU B 1 66 ? -6.957  9.927   8.783   1.00 39.03 ? 66  GLU B CA  1 
ATOM   1178 C C   . GLU B 1 66 ? -7.713  8.996   9.714   1.00 36.87 ? 66  GLU B C   1 
ATOM   1179 O O   . GLU B 1 66 ? -7.370  8.898   10.886  1.00 38.18 ? 66  GLU B O   1 
ATOM   1180 C CB  . GLU B 1 66 ? -7.703  11.250  8.656   1.00 43.18 ? 66  GLU B CB  1 
ATOM   1181 C CG  . GLU B 1 66 ? -7.014  12.208  7.735   1.00 51.35 ? 66  GLU B CG  1 
ATOM   1182 C CD  . GLU B 1 66 ? -7.545  13.611  7.866   1.00 56.30 ? 66  GLU B CD  1 
ATOM   1183 O OE1 . GLU B 1 66 ? -7.154  14.297  8.842   1.00 59.49 ? 66  GLU B OE1 1 
ATOM   1184 O OE2 . GLU B 1 66 ? -8.351  14.021  7.001   1.00 56.36 ? 66  GLU B OE2 1 
ATOM   1185 N N   . GLU B 1 67 ? -8.731  8.309   9.200   1.00 35.88 ? 67  GLU B N   1 
ATOM   1186 C CA  . GLU B 1 67 ? -9.499  7.384   10.030  1.00 35.48 ? 67  GLU B CA  1 
ATOM   1187 C C   . GLU B 1 67 ? -8.620  6.230   10.503  1.00 34.89 ? 67  GLU B C   1 
ATOM   1188 O O   . GLU B 1 67 ? -8.994  5.495   11.420  1.00 34.49 ? 67  GLU B O   1 
ATOM   1189 C CB  . GLU B 1 67 ? -10.684 6.804   9.264   1.00 36.91 ? 67  GLU B CB  1 
ATOM   1190 C CG  . GLU B 1 67 ? -11.676 7.803   8.716   1.00 40.14 ? 67  GLU B CG  1 
ATOM   1191 C CD  . GLU B 1 67 ? -12.729 7.117   7.859   1.00 44.56 ? 67  GLU B CD  1 
ATOM   1192 O OE1 . GLU B 1 67 ? -13.553 6.361   8.421   1.00 47.18 ? 67  GLU B OE1 1 
ATOM   1193 O OE2 . GLU B 1 67 ? -12.721 7.315   6.622   1.00 45.67 ? 67  GLU B OE2 1 
ATOM   1194 N N   . ASN B 1 68 ? -7.460  6.056   9.874   1.00 32.61 ? 68  ASN B N   1 
ATOM   1195 C CA  . ASN B 1 68 ? -6.562  4.981   10.274  1.00 30.77 ? 68  ASN B CA  1 
ATOM   1196 C C   . ASN B 1 68 ? -5.290  5.476   10.933  1.00 30.81 ? 68  ASN B C   1 
ATOM   1197 O O   . ASN B 1 68 ? -4.272  4.787   10.915  1.00 30.30 ? 68  ASN B O   1 
ATOM   1198 C CB  . ASN B 1 68 ? -6.214  4.082   9.089   1.00 30.81 ? 68  ASN B CB  1 
ATOM   1199 C CG  . ASN B 1 68 ? -7.383  3.216   8.656   1.00 29.30 ? 68  ASN B CG  1 
ATOM   1200 O OD1 . ASN B 1 68 ? -8.265  3.661   7.915   1.00 31.16 ? 68  ASN B OD1 1 
ATOM   1201 N ND2 . ASN B 1 68 ? -7.404  1.975   9.129   1.00 24.53 ? 68  ASN B ND2 1 
ATOM   1202 N N   . GLY B 1 69 ? -5.362  6.667   11.522  1.00 31.06 ? 69  GLY B N   1 
ATOM   1203 C CA  . GLY B 1 69 ? -4.222  7.242   12.221  1.00 30.84 ? 69  GLY B CA  1 
ATOM   1204 C C   . GLY B 1 69 ? -2.968  7.554   11.417  1.00 31.19 ? 69  GLY B C   1 
ATOM   1205 O O   . GLY B 1 69 ? -1.876  7.567   11.981  1.00 29.09 ? 69  GLY B O   1 
ATOM   1206 N N   . LEU B 1 70 ? -3.119  7.821   10.119  1.00 30.40 ? 70  LEU B N   1 
ATOM   1207 C CA  . LEU B 1 70 ? -1.981  8.123   9.252   1.00 31.98 ? 70  LEU B CA  1 
ATOM   1208 C C   . LEU B 1 70 ? -1.962  9.554   8.725   1.00 33.11 ? 70  LEU B C   1 
ATOM   1209 O O   . LEU B 1 70 ? -2.969  10.262  8.768   1.00 36.51 ? 70  LEU B O   1 
ATOM   1210 C CB  . LEU B 1 70 ? -1.980  7.183   8.048   1.00 29.92 ? 70  LEU B CB  1 
ATOM   1211 C CG  . LEU B 1 70 ? -1.779  5.692   8.289   1.00 29.93 ? 70  LEU B CG  1 
ATOM   1212 C CD1 . LEU B 1 70 ? -2.052  4.931   7.003   1.00 26.77 ? 70  LEU B CD1 1 
ATOM   1213 C CD2 . LEU B 1 70 ? -0.356  5.449   8.779   1.00 29.16 ? 70  LEU B CD2 1 
ATOM   1214 N N   . ASP B 1 71 ? -0.806  9.960   8.205   1.00 33.27 ? 71  ASP B N   1 
ATOM   1215 C CA  . ASP B 1 71 ? -0.611  11.286  7.616   1.00 32.25 ? 71  ASP B CA  1 
ATOM   1216 C C   . ASP B 1 71 ? -1.379  11.347  6.294   1.00 30.69 ? 71  ASP B C   1 
ATOM   1217 O O   . ASP B 1 71 ? -1.079  10.600  5.365   1.00 28.47 ? 71  ASP B O   1 
ATOM   1218 C CB  . ASP B 1 71 ? 0.874   11.507  7.323   1.00 34.63 ? 71  ASP B CB  1 
ATOM   1219 C CG  . ASP B 1 71 ? 1.195   12.944  6.983   1.00 34.52 ? 71  ASP B CG  1 
ATOM   1220 O OD1 . ASP B 1 71 ? 1.634   13.662  7.894   1.00 36.69 ? 71  ASP B OD1 1 
ATOM   1221 O OD2 . ASP B 1 71 ? 1.009   13.358  5.817   1.00 36.24 ? 71  ASP B OD2 1 
ATOM   1222 N N   . ALA B 1 72 ? -2.353  12.244  6.201   1.00 29.64 ? 72  ALA B N   1 
ATOM   1223 C CA  . ALA B 1 72 ? -3.160  12.373  4.991   1.00 29.88 ? 72  ALA B CA  1 
ATOM   1224 C C   . ALA B 1 72 ? -2.370  12.804  3.752   1.00 30.38 ? 72  ALA B C   1 
ATOM   1225 O O   . ALA B 1 72 ? -2.471  12.173  2.699   1.00 31.16 ? 72  ALA B O   1 
ATOM   1226 C CB  . ALA B 1 72 ? -4.316  13.343  5.242   1.00 30.41 ? 72  ALA B CB  1 
ATOM   1227 N N   . PRO B 1 73 ? -1.583  13.892  3.851   1.00 30.87 ? 73  PRO B N   1 
ATOM   1228 C CA  . PRO B 1 73 ? -0.811  14.333  2.679   1.00 31.60 ? 73  PRO B CA  1 
ATOM   1229 C C   . PRO B 1 73 ? 0.105   13.225  2.144   1.00 31.38 ? 73  PRO B C   1 
ATOM   1230 O O   . PRO B 1 73 ? 0.157   12.972  0.937   1.00 32.49 ? 73  PRO B O   1 
ATOM   1231 C CB  . PRO B 1 73 ? -0.021  15.536  3.211   1.00 30.58 ? 73  PRO B CB  1 
ATOM   1232 C CG  . PRO B 1 73 ? -0.932  16.093  4.270   1.00 30.95 ? 73  PRO B CG  1 
ATOM   1233 C CD  . PRO B 1 73 ? -1.420  14.833  4.975   1.00 29.62 ? 73  PRO B CD  1 
ATOM   1234 N N   . PHE B 1 74 ? 0.829   12.568  3.044   1.00 29.61 ? 74  PHE B N   1 
ATOM   1235 C CA  . PHE B 1 74 ? 1.723   11.485  2.642   1.00 29.65 ? 74  PHE B CA  1 
ATOM   1236 C C   . PHE B 1 74 ? 0.933   10.411  1.889   1.00 28.99 ? 74  PHE B C   1 
ATOM   1237 O O   . PHE B 1 74 ? 1.216   10.097  0.724   1.00 26.43 ? 74  PHE B O   1 
ATOM   1238 C CB  . PHE B 1 74 ? 2.385   10.869  3.879   1.00 30.05 ? 74  PHE B CB  1 
ATOM   1239 C CG  . PHE B 1 74 ? 3.188   9.624   3.590   1.00 32.51 ? 74  PHE B CG  1 
ATOM   1240 C CD1 . PHE B 1 74 ? 3.014   8.474   4.363   1.00 31.12 ? 74  PHE B CD1 1 
ATOM   1241 C CD2 . PHE B 1 74 ? 4.111   9.596   2.549   1.00 32.26 ? 74  PHE B CD2 1 
ATOM   1242 C CE1 . PHE B 1 74 ? 3.742   7.320   4.101   1.00 30.56 ? 74  PHE B CE1 1 
ATOM   1243 C CE2 . PHE B 1 74 ? 4.848   8.444   2.275   1.00 31.96 ? 74  PHE B CE2 1 
ATOM   1244 C CZ  . PHE B 1 74 ? 4.664   7.303   3.051   1.00 31.86 ? 74  PHE B CZ  1 
ATOM   1245 N N   . VAL B 1 75 ? -0.069  9.861   2.564   1.00 27.59 ? 75  VAL B N   1 
ATOM   1246 C CA  . VAL B 1 75 ? -0.891  8.812   1.980   1.00 27.92 ? 75  VAL B CA  1 
ATOM   1247 C C   . VAL B 1 75 ? -1.580  9.238   0.680   1.00 28.33 ? 75  VAL B C   1 
ATOM   1248 O O   . VAL B 1 75 ? -1.609  8.473   -0.291  1.00 27.11 ? 75  VAL B O   1 
ATOM   1249 C CB  . VAL B 1 75 ? -1.943  8.307   3.011   1.00 28.29 ? 75  VAL B CB  1 
ATOM   1250 C CG1 . VAL B 1 75 ? -2.885  7.310   2.365   1.00 26.62 ? 75  VAL B CG1 1 
ATOM   1251 C CG2 . VAL B 1 75 ? -1.236  7.663   4.183   1.00 24.30 ? 75  VAL B CG2 1 
ATOM   1252 N N   . GLU B 1 76 ? -2.123  10.452  0.639   1.00 29.51 ? 76  GLU B N   1 
ATOM   1253 C CA  . GLU B 1 76 ? -2.784  10.890  -0.585  1.00 30.03 ? 76  GLU B CA  1 
ATOM   1254 C C   . GLU B 1 76 ? -1.755  11.008  -1.703  1.00 29.31 ? 76  GLU B C   1 
ATOM   1255 O O   . GLU B 1 76 ? -2.019  10.631  -2.848  1.00 29.18 ? 76  GLU B O   1 
ATOM   1256 C CB  . GLU B 1 76 ? -3.497  12.234  -0.396  1.00 30.99 ? 76  GLU B CB  1 
ATOM   1257 C CG  . GLU B 1 76 ? -4.226  12.687  -1.664  1.00 33.68 ? 76  GLU B CG  1 
ATOM   1258 C CD  . GLU B 1 76 ? -5.036  13.959  -1.475  1.00 35.49 ? 76  GLU B CD  1 
ATOM   1259 O OE1 . GLU B 1 76 ? -5.478  14.543  -2.492  1.00 36.40 ? 76  GLU B OE1 1 
ATOM   1260 O OE2 . GLU B 1 76 ? -5.239  14.376  -0.316  1.00 37.39 ? 76  GLU B OE2 1 
ATOM   1261 N N   . GLY B 1 77 ? -0.580  11.530  -1.373  1.00 27.32 ? 77  GLY B N   1 
ATOM   1262 C CA  . GLY B 1 77 ? 0.451   11.653  -2.383  1.00 28.63 ? 77  GLY B CA  1 
ATOM   1263 C C   . GLY B 1 77 ? 0.773   10.271  -2.920  1.00 27.64 ? 77  GLY B C   1 
ATOM   1264 O O   . GLY B 1 77 ? 0.925   10.065  -4.126  1.00 27.90 ? 77  GLY B O   1 
ATOM   1265 N N   . LEU B 1 78 ? 0.863   9.317   -2.005  1.00 27.62 ? 78  LEU B N   1 
ATOM   1266 C CA  . LEU B 1 78 ? 1.161   7.929   -2.343  1.00 28.83 ? 78  LEU B CA  1 
ATOM   1267 C C   . LEU B 1 78 ? 0.180   7.370   -3.386  1.00 29.20 ? 78  LEU B C   1 
ATOM   1268 O O   . LEU B 1 78 ? 0.590   6.769   -4.387  1.00 28.80 ? 78  LEU B O   1 
ATOM   1269 C CB  . LEU B 1 78 ? 1.100   7.094   -1.068  1.00 30.42 ? 78  LEU B CB  1 
ATOM   1270 C CG  . LEU B 1 78 ? 1.991   5.867   -0.954  1.00 32.81 ? 78  LEU B CG  1 
ATOM   1271 C CD1 . LEU B 1 78 ? 3.437   6.263   -1.239  1.00 33.83 ? 78  LEU B CD1 1 
ATOM   1272 C CD2 . LEU B 1 78 ? 1.856   5.287   0.457   1.00 31.85 ? 78  LEU B CD2 1 
ATOM   1273 N N   . PHE B 1 79 ? -1.117  7.570   -3.162  1.00 27.03 ? 79  PHE B N   1 
ATOM   1274 C CA  . PHE B 1 79 ? -2.102  7.073   -4.116  1.00 27.83 ? 79  PHE B CA  1 
ATOM   1275 C C   . PHE B 1 79 ? -2.101  7.858   -5.426  1.00 26.81 ? 79  PHE B C   1 
ATOM   1276 O O   . PHE B 1 79 ? -2.432  7.314   -6.481  1.00 27.91 ? 79  PHE B O   1 
ATOM   1277 C CB  . PHE B 1 79 ? -3.507  7.044   -3.488  1.00 27.98 ? 79  PHE B CB  1 
ATOM   1278 C CG  . PHE B 1 79 ? -3.750  5.827   -2.635  1.00 26.24 ? 79  PHE B CG  1 
ATOM   1279 C CD1 . PHE B 1 79 ? -3.464  5.842   -1.273  1.00 27.44 ? 79  PHE B CD1 1 
ATOM   1280 C CD2 . PHE B 1 79 ? -4.190  4.635   -3.220  1.00 26.43 ? 79  PHE B CD2 1 
ATOM   1281 C CE1 . PHE B 1 79 ? -3.606  4.684   -0.501  1.00 30.48 ? 79  PHE B CE1 1 
ATOM   1282 C CE2 . PHE B 1 79 ? -4.336  3.473   -2.467  1.00 27.02 ? 79  PHE B CE2 1 
ATOM   1283 C CZ  . PHE B 1 79 ? -4.042  3.492   -1.102  1.00 28.90 ? 79  PHE B CZ  1 
ATOM   1284 N N   . ALA B 1 80 ? -1.717  9.127   -5.372  1.00 26.00 ? 80  ALA B N   1 
ATOM   1285 C CA  . ALA B 1 80 ? -1.659  9.917   -6.594  1.00 27.41 ? 80  ALA B CA  1 
ATOM   1286 C C   . ALA B 1 80 ? -0.607  9.282   -7.513  1.00 28.36 ? 80  ALA B C   1 
ATOM   1287 O O   . ALA B 1 80 ? -0.803  9.185   -8.725  1.00 29.18 ? 80  ALA B O   1 
ATOM   1288 C CB  . ALA B 1 80 ? -1.290  11.365  -6.277  1.00 27.59 ? 80  ALA B CB  1 
ATOM   1289 N N   . GLN B 1 81 ? 0.507   8.839   -6.933  1.00 28.41 ? 81  GLN B N   1 
ATOM   1290 C CA  . GLN B 1 81 ? 1.558   8.203   -7.725  1.00 28.59 ? 81  GLN B CA  1 
ATOM   1291 C C   . GLN B 1 81 ? 1.034   6.892   -8.294  1.00 29.31 ? 81  GLN B C   1 
ATOM   1292 O O   . GLN B 1 81 ? 1.277   6.565   -9.458  1.00 28.54 ? 81  GLN B O   1 
ATOM   1293 C CB  . GLN B 1 81 ? 2.796   7.913   -6.869  1.00 27.25 ? 81  GLN B CB  1 
ATOM   1294 C CG  . GLN B 1 81 ? 3.449   9.131   -6.259  1.00 28.92 ? 81  GLN B CG  1 
ATOM   1295 C CD  . GLN B 1 81 ? 4.659   8.772   -5.415  1.00 31.93 ? 81  GLN B CD  1 
ATOM   1296 O OE1 . GLN B 1 81 ? 4.929   9.415   -4.404  1.00 35.10 ? 81  GLN B OE1 1 
ATOM   1297 N NE2 . GLN B 1 81 ? 5.402   7.746   -5.831  1.00 30.82 ? 81  GLN B NE2 1 
ATOM   1298 N N   . ILE B 1 82 ? 0.311   6.139   -7.469  1.00 31.06 ? 82  ILE B N   1 
ATOM   1299 C CA  . ILE B 1 82 ? -0.233  4.865   -7.909  1.00 31.74 ? 82  ILE B CA  1 
ATOM   1300 C C   . ILE B 1 82 ? -1.189  5.072   -9.079  1.00 32.27 ? 82  ILE B C   1 
ATOM   1301 O O   . ILE B 1 82 ? -1.050  4.430   -10.121 1.00 30.51 ? 82  ILE B O   1 
ATOM   1302 C CB  . ILE B 1 82 ? -0.966  4.138   -6.756  1.00 31.95 ? 82  ILE B CB  1 
ATOM   1303 C CG1 . ILE B 1 82 ? 0.050   3.731   -5.683  1.00 32.36 ? 82  ILE B CG1 1 
ATOM   1304 C CG2 . ILE B 1 82 ? -1.702  2.913   -7.287  1.00 29.73 ? 82  ILE B CG2 1 
ATOM   1305 C CD1 . ILE B 1 82 ? -0.569  3.127   -4.444  1.00 29.79 ? 82  ILE B CD1 1 
ATOM   1306 N N   . ILE B 1 83 ? -2.150  5.973   -8.917  1.00 33.17 ? 83  ILE B N   1 
ATOM   1307 C CA  . ILE B 1 83 ? -3.106  6.235   -9.990  1.00 33.40 ? 83  ILE B CA  1 
ATOM   1308 C C   . ILE B 1 83 ? -2.363  6.711   -11.246 1.00 33.76 ? 83  ILE B C   1 
ATOM   1309 O O   . ILE B 1 83 ? -2.582  6.204   -12.349 1.00 33.11 ? 83  ILE B O   1 
ATOM   1310 C CB  . ILE B 1 83 ? -4.143  7.292   -9.543  1.00 31.55 ? 83  ILE B CB  1 
ATOM   1311 C CG1 . ILE B 1 83 ? -4.926  6.759   -8.339  1.00 31.14 ? 83  ILE B CG1 1 
ATOM   1312 C CG2 . ILE B 1 83 ? -5.098  7.606   -10.676 1.00 29.81 ? 83  ILE B CG2 1 
ATOM   1313 C CD1 . ILE B 1 83 ? -5.872  7.772   -7.713  1.00 30.02 ? 83  ILE B CD1 1 
ATOM   1314 N N   . HIS B 1 84 ? -1.462  7.669   -11.056 1.00 33.43 ? 84  HIS B N   1 
ATOM   1315 C CA  . HIS B 1 84 ? -0.667  8.227   -12.144 1.00 34.59 ? 84  HIS B CA  1 
ATOM   1316 C C   . HIS B 1 84 ? 0.083   7.131   -12.902 1.00 35.46 ? 84  HIS B C   1 
ATOM   1317 O O   . HIS B 1 84 ? 0.027   7.060   -14.129 1.00 37.24 ? 84  HIS B O   1 
ATOM   1318 C CB  . HIS B 1 84 ? 0.340   9.227   -11.566 1.00 35.14 ? 84  HIS B CB  1 
ATOM   1319 C CG  . HIS B 1 84 ? 1.225   9.877   -12.585 1.00 35.14 ? 84  HIS B CG  1 
ATOM   1320 N ND1 . HIS B 1 84 ? 0.785   10.871  -13.433 1.00 37.18 ? 84  HIS B ND1 1 
ATOM   1321 C CD2 . HIS B 1 84 ? 2.542   9.713   -12.852 1.00 35.87 ? 84  HIS B CD2 1 
ATOM   1322 C CE1 . HIS B 1 84 ? 1.794   11.297  -14.172 1.00 33.99 ? 84  HIS B CE1 1 
ATOM   1323 N NE2 . HIS B 1 84 ? 2.871   10.611  -13.839 1.00 36.34 ? 84  HIS B NE2 1 
ATOM   1324 N N   . TRP B 1 85 ? 0.790   6.282   -12.164 1.00 35.26 ? 85  TRP B N   1 
ATOM   1325 C CA  . TRP B 1 85 ? 1.571   5.207   -12.773 1.00 37.38 ? 85  TRP B CA  1 
ATOM   1326 C C   . TRP B 1 85 ? 0.710   4.145   -13.449 1.00 38.31 ? 85  TRP B C   1 
ATOM   1327 O O   . TRP B 1 85 ? 1.084   3.619   -14.500 1.00 37.58 ? 85  TRP B O   1 
ATOM   1328 C CB  . TRP B 1 85 ? 2.482   4.557   -11.721 1.00 36.25 ? 85  TRP B CB  1 
ATOM   1329 C CG  . TRP B 1 85 ? 3.334   3.439   -12.249 1.00 36.97 ? 85  TRP B CG  1 
ATOM   1330 C CD1 . TRP B 1 85 ? 3.034   2.103   -12.245 1.00 35.39 ? 85  TRP B CD1 1 
ATOM   1331 C CD2 . TRP B 1 85 ? 4.624   3.558   -12.868 1.00 36.67 ? 85  TRP B CD2 1 
ATOM   1332 N NE1 . TRP B 1 85 ? 4.053   1.390   -12.818 1.00 35.82 ? 85  TRP B NE1 1 
ATOM   1333 C CE2 . TRP B 1 85 ? 5.042   2.254   -13.210 1.00 35.98 ? 85  TRP B CE2 1 
ATOM   1334 C CE3 . TRP B 1 85 ? 5.464   4.639   -13.166 1.00 35.96 ? 85  TRP B CE3 1 
ATOM   1335 C CZ2 . TRP B 1 85 ? 6.270   1.999   -13.837 1.00 38.43 ? 85  TRP B CZ2 1 
ATOM   1336 C CZ3 . TRP B 1 85 ? 6.688   4.386   -13.792 1.00 38.83 ? 85  TRP B CZ3 1 
ATOM   1337 C CH2 . TRP B 1 85 ? 7.077   3.075   -14.119 1.00 38.02 ? 85  TRP B CH2 1 
ATOM   1338 N N   . TYR B 1 86 ? -0.433  3.823   -12.850 1.00 39.57 ? 86  TYR B N   1 
ATOM   1339 C CA  . TYR B 1 86 ? -1.328  2.829   -13.442 1.00 43.23 ? 86  TYR B CA  1 
ATOM   1340 C C   . TYR B 1 86 ? -1.935  3.371   -14.724 1.00 44.32 ? 86  TYR B C   1 
ATOM   1341 O O   . TYR B 1 86 ? -2.142  2.622   -15.674 1.00 43.32 ? 86  TYR B O   1 
ATOM   1342 C CB  . TYR B 1 86 ? -2.436  2.434   -12.466 1.00 41.45 ? 86  TYR B CB  1 
ATOM   1343 C CG  . TYR B 1 86 ? -2.035  1.321   -11.531 1.00 41.79 ? 86  TYR B CG  1 
ATOM   1344 C CD1 . TYR B 1 86 ? -0.804  1.351   -10.868 1.00 41.53 ? 86  TYR B CD1 1 
ATOM   1345 C CD2 . TYR B 1 86 ? -2.893  0.248   -11.284 1.00 41.32 ? 86  TYR B CD2 1 
ATOM   1346 C CE1 . TYR B 1 86 ? -0.435  0.346   -9.982  1.00 41.29 ? 86  TYR B CE1 1 
ATOM   1347 C CE2 . TYR B 1 86 ? -2.538  -0.765  -10.396 1.00 41.55 ? 86  TYR B CE2 1 
ATOM   1348 C CZ  . TYR B 1 86 ? -1.307  -0.709  -9.749  1.00 42.00 ? 86  TYR B CZ  1 
ATOM   1349 O OH  . TYR B 1 86 ? -0.955  -1.702  -8.870  1.00 40.49 ? 86  TYR B OH  1 
ATOM   1350 N N   . ILE B 1 87 ? -2.226  4.671   -14.740 1.00 46.89 ? 87  ILE B N   1 
ATOM   1351 C CA  . ILE B 1 87 ? -2.779  5.307   -15.929 1.00 49.87 ? 87  ILE B CA  1 
ATOM   1352 C C   . ILE B 1 87 ? -1.808  5.083   -17.086 1.00 51.94 ? 87  ILE B C   1 
ATOM   1353 O O   . ILE B 1 87 ? -2.212  4.725   -18.194 1.00 53.14 ? 87  ILE B O   1 
ATOM   1354 C CB  . ILE B 1 87 ? -2.963  6.829   -15.723 1.00 49.98 ? 87  ILE B CB  1 
ATOM   1355 C CG1 . ILE B 1 87 ? -4.175  7.095   -14.827 1.00 50.90 ? 87  ILE B CG1 1 
ATOM   1356 C CG2 . ILE B 1 87 ? -3.131  7.520   -17.067 1.00 51.45 ? 87  ILE B CG2 1 
ATOM   1357 C CD1 . ILE B 1 87 ? -4.375  8.567   -14.471 1.00 51.28 ? 87  ILE B CD1 1 
ATOM   1358 N N   . ALA B 1 88 ? -0.522  5.280   -16.815 1.00 54.06 ? 88  ALA B N   1 
ATOM   1359 C CA  . ALA B 1 88 ? 0.512   5.108   -17.827 1.00 56.45 ? 88  ALA B CA  1 
ATOM   1360 C C   . ALA B 1 88 ? 0.720   3.645   -18.220 1.00 57.93 ? 88  ALA B C   1 
ATOM   1361 O O   . ALA B 1 88 ? 1.108   3.353   -19.353 1.00 58.00 ? 88  ALA B O   1 
ATOM   1362 C CB  . ALA B 1 88 ? 1.826   5.705   -17.329 1.00 56.00 ? 88  ALA B CB  1 
ATOM   1363 N N   . GLU B 1 89 ? 0.477   2.732   -17.281 1.00 59.35 ? 89  GLU B N   1 
ATOM   1364 C CA  . GLU B 1 89 ? 0.633   1.300   -17.537 1.00 61.61 ? 89  GLU B CA  1 
ATOM   1365 C C   . GLU B 1 89 ? -0.442  0.799   -18.493 1.00 62.68 ? 89  GLU B C   1 
ATOM   1366 O O   . GLU B 1 89 ? -0.206  -0.118  -19.282 1.00 62.07 ? 89  GLU B O   1 
ATOM   1367 C CB  . GLU B 1 89 ? 0.566   0.513   -16.224 1.00 62.57 ? 89  GLU B CB  1 
ATOM   1368 C CG  . GLU B 1 89 ? 1.856   0.546   -15.419 1.00 64.52 ? 89  GLU B CG  1 
ATOM   1369 C CD  . GLU B 1 89 ? 2.927   -0.349  -16.012 1.00 66.17 ? 89  GLU B CD  1 
ATOM   1370 O OE1 . GLU B 1 89 ? 2.796   -0.714  -17.202 1.00 67.15 ? 89  GLU B OE1 1 
ATOM   1371 O OE2 . GLU B 1 89 ? 3.900   -0.681  -15.291 1.00 66.14 ? 89  GLU B OE2 1 
ATOM   1372 N N   . GLN B 1 90 ? -1.622  1.405   -18.405 1.00 64.14 ? 90  GLN B N   1 
ATOM   1373 C CA  . GLN B 1 90 ? -2.745  1.053   -19.263 1.00 66.08 ? 90  GLN B CA  1 
ATOM   1374 C C   . GLN B 1 90 ? -2.386  1.446   -20.690 1.00 67.29 ? 90  GLN B C   1 
ATOM   1375 O O   . GLN B 1 90 ? -2.335  0.603   -21.587 1.00 67.54 ? 90  GLN B O   1 
ATOM   1376 C CB  . GLN B 1 90 ? -3.997  1.811   -18.825 1.00 66.54 ? 90  GLN B CB  1 
ATOM   1377 C CG  . GLN B 1 90 ? -4.423  1.531   -17.398 1.00 67.89 ? 90  GLN B CG  1 
ATOM   1378 C CD  . GLN B 1 90 ? -5.592  2.397   -16.956 1.00 69.25 ? 90  GLN B CD  1 
ATOM   1379 O OE1 . GLN B 1 90 ? -6.658  2.387   -17.576 1.00 69.62 ? 90  GLN B OE1 1 
ATOM   1380 N NE2 . GLN B 1 90 ? -5.398  3.150   -15.874 1.00 70.46 ? 90  GLN B NE2 1 
ATOM   1381 N N   . ILE B 1 91 ? -2.137  2.737   -20.889 1.00 68.36 ? 91  ILE B N   1 
ATOM   1382 C CA  . ILE B 1 91 ? -1.767  3.253   -22.199 1.00 69.07 ? 91  ILE B CA  1 
ATOM   1383 C C   . ILE B 1 91 ? -0.733  2.327   -22.829 1.00 70.03 ? 91  ILE B C   1 
ATOM   1384 O O   . ILE B 1 91 ? -0.784  2.048   -24.029 1.00 70.55 ? 91  ILE B O   1 
ATOM   1385 C CB  . ILE B 1 91 ? -1.163  4.668   -22.088 1.00 68.36 ? 91  ILE B CB  1 
ATOM   1386 C CG1 . ILE B 1 91 ? -2.183  5.618   -21.458 1.00 67.26 ? 91  ILE B CG1 1 
ATOM   1387 C CG2 . ILE B 1 91 ? -0.737  5.163   -23.465 1.00 67.67 ? 91  ILE B CG2 1 
ATOM   1388 C CD1 . ILE B 1 91 ? -1.651  7.014   -21.213 1.00 67.52 ? 91  ILE B CD1 1 
ATOM   1389 N N   . LYS B 1 92 ? 0.195   1.847   -22.005 1.00 70.35 ? 92  LYS B N   1 
ATOM   1390 C CA  . LYS B 1 92 ? 1.255   0.949   -22.455 1.00 71.64 ? 92  LYS B CA  1 
ATOM   1391 C C   . LYS B 1 92 ? 0.699   -0.300  -23.140 1.00 70.88 ? 92  LYS B C   1 
ATOM   1392 O O   . LYS B 1 92 ? 0.201   -1.215  -22.484 1.00 70.63 ? 92  LYS B O   1 
ATOM   1393 C CB  . LYS B 1 92 ? 2.129   0.542   -21.264 1.00 73.10 ? 92  LYS B CB  1 
ATOM   1394 C CG  . LYS B 1 92 ? 3.260   -0.407  -21.613 1.00 75.69 ? 92  LYS B CG  1 
ATOM   1395 C CD  . LYS B 1 92 ? 4.005   -0.856  -20.361 1.00 76.89 ? 92  LYS B CD  1 
ATOM   1396 C CE  . LYS B 1 92 ? 5.063   -1.903  -20.685 1.00 76.46 ? 92  LYS B CE  1 
ATOM   1397 N NZ  . LYS B 1 92 ? 5.812   -2.340  -19.474 1.00 75.85 ? 92  LYS B NZ  1 
HETATM 1398 N N   . NO3 C 2 .  ? 10.297  -0.767  7.884   1.00 50.23 ? 100 NO3 A N   1 
HETATM 1399 O O1  . NO3 C 2 .  ? 9.763   -1.793  7.514   1.00 50.71 ? 100 NO3 A O1  1 
HETATM 1400 O O2  . NO3 C 2 .  ? 11.230  -0.817  8.665   1.00 49.66 ? 100 NO3 A O2  1 
HETATM 1401 O O3  . NO3 C 2 .  ? 9.901   0.306   7.470   1.00 50.33 ? 100 NO3 A O3  1 
HETATM 1402 N N   . NO3 D 2 .  ? -11.983 2.246   8.151   1.00 42.72 ? 101 NO3 A N   1 
HETATM 1403 O O1  . NO3 D 2 .  ? -12.711 1.266   8.163   1.00 43.13 ? 101 NO3 A O1  1 
HETATM 1404 O O2  . NO3 D 2 .  ? -10.799 2.121   7.877   1.00 41.25 ? 101 NO3 A O2  1 
HETATM 1405 O O3  . NO3 D 2 .  ? -12.441 3.351   8.415   1.00 41.65 ? 101 NO3 A O3  1 
HETATM 1406 N N   . NO3 E 2 .  ? 2.239   -1.601  21.268  1.00 78.54 ? 102 NO3 A N   1 
HETATM 1407 O O1  . NO3 E 2 .  ? 2.812   -1.440  22.329  1.00 78.88 ? 102 NO3 A O1  1 
HETATM 1408 O O2  . NO3 E 2 .  ? 2.873   -1.575  20.233  1.00 78.86 ? 102 NO3 A O2  1 
HETATM 1409 O O3  . NO3 E 2 .  ? 1.034   -1.786  21.243  1.00 77.81 ? 102 NO3 A O3  1 
HETATM 1410 N N   . NO3 F 2 .  ? -7.728  -2.324  9.859   1.00 67.43 ? 103 NO3 A N   1 
HETATM 1411 O O1  . NO3 F 2 .  ? -8.664  -2.464  9.086   1.00 66.85 ? 103 NO3 A O1  1 
HETATM 1412 O O2  . NO3 F 2 .  ? -6.681  -2.913  9.655   1.00 67.95 ? 103 NO3 A O2  1 
HETATM 1413 O O3  . NO3 F 2 .  ? -7.839  -1.596  10.836  1.00 66.55 ? 103 NO3 A O3  1 
HETATM 1414 N N   . NO3 G 2 .  ? -7.178  4.042   -10.833 1.00 51.52 ? 100 NO3 B N   1 
HETATM 1415 O O1  . NO3 G 2 .  ? -7.945  3.889   -11.777 1.00 52.15 ? 100 NO3 B O1  1 
HETATM 1416 O O2  . NO3 G 2 .  ? -5.977  3.914   -10.995 1.00 51.56 ? 100 NO3 B O2  1 
HETATM 1417 O O3  . NO3 G 2 .  ? -7.614  4.325   -9.730  1.00 51.35 ? 100 NO3 B O3  1 
HETATM 1418 O O   . HOH H 3 .  ? -12.429 4.354   -14.483 1.00 57.13 ? 104 HOH A O   1 
HETATM 1419 O O   . HOH H 3 .  ? 12.349  7.847   0.329   1.00 42.86 ? 105 HOH A O   1 
HETATM 1420 O O   . HOH H 3 .  ? 13.293  2.191   -8.126  1.00 34.13 ? 106 HOH A O   1 
HETATM 1421 O O   . HOH H 3 .  ? 14.417  2.162   -4.712  1.00 51.83 ? 107 HOH A O   1 
HETATM 1422 O O   . HOH H 3 .  ? 9.529   0.523   -16.710 1.00 46.24 ? 108 HOH A O   1 
HETATM 1423 O O   . HOH H 3 .  ? 17.805  3.514   4.089   1.00 35.02 ? 109 HOH A O   1 
HETATM 1424 O O   . HOH H 3 .  ? 8.961   -14.395 0.781   1.00 40.09 ? 110 HOH A O   1 
HETATM 1425 O O   . HOH H 3 .  ? -19.597 4.266   -12.418 1.00 44.41 ? 111 HOH A O   1 
HETATM 1426 O O   . HOH H 3 .  ? -21.194 0.941   -15.921 1.00 53.08 ? 112 HOH A O   1 
HETATM 1427 O O   . HOH H 3 .  ? -14.712 -14.629 -18.509 1.00 54.24 ? 113 HOH A O   1 
HETATM 1428 O O   . HOH H 3 .  ? -16.669 -4.541  -6.641  1.00 33.20 ? 114 HOH A O   1 
HETATM 1429 O O   . HOH H 3 .  ? -16.270 -4.097  -3.971  1.00 32.37 ? 115 HOH A O   1 
HETATM 1430 O O   . HOH H 3 .  ? -16.712 -3.219  -0.071  1.00 34.57 ? 116 HOH A O   1 
HETATM 1431 O O   . HOH H 3 .  ? -8.412  -4.732  5.391   1.00 39.45 ? 117 HOH A O   1 
HETATM 1432 O O   . HOH H 3 .  ? -2.350  -7.236  9.352   1.00 54.74 ? 118 HOH A O   1 
HETATM 1433 O O   . HOH H 3 .  ? 11.311  -2.768  12.881  1.00 42.67 ? 119 HOH A O   1 
HETATM 1434 O O   . HOH H 3 .  ? 1.058   0.251   18.565  1.00 39.67 ? 120 HOH A O   1 
HETATM 1435 O O   . HOH H 3 .  ? -16.275 -3.211  2.657   1.00 25.48 ? 121 HOH A O   1 
HETATM 1436 O O   . HOH H 3 .  ? 23.350  -0.791  2.536   1.00 51.96 ? 122 HOH A O   1 
HETATM 1437 O O   . HOH H 3 .  ? 3.794   12.504  11.583  1.00 45.80 ? 123 HOH A O   1 
HETATM 1438 O O   . HOH H 3 .  ? -16.868 -7.470  -2.438  1.00 50.78 ? 124 HOH A O   1 
HETATM 1439 O O   . HOH H 3 .  ? -16.373 -5.339  -1.742  1.00 60.38 ? 125 HOH A O   1 
HETATM 1440 O O   . HOH H 3 .  ? -24.987 -7.211  -13.134 1.00 40.17 ? 126 HOH A O   1 
HETATM 1441 O O   . HOH H 3 .  ? 1.760   8.336   9.927   1.00 32.99 ? 127 HOH A O   1 
HETATM 1442 O O   . HOH H 3 .  ? 5.608   15.604  10.400  1.00 39.78 ? 128 HOH A O   1 
HETATM 1443 O O   . HOH I 3 .  ? -10.632 4.251   -10.462 1.00 47.45 ? 101 HOH B O   1 
HETATM 1444 O O   . HOH I 3 .  ? -3.354  13.283  -8.983  1.00 29.89 ? 102 HOH B O   1 
HETATM 1445 O O   . HOH I 3 .  ? -6.115  15.229  -8.961  1.00 42.35 ? 103 HOH B O   1 
HETATM 1446 O O   . HOH I 3 .  ? 6.146   7.872   -8.569  1.00 37.11 ? 104 HOH B O   1 
HETATM 1447 O O   . HOH I 3 .  ? 4.050   7.856   -10.527 1.00 32.95 ? 105 HOH B O   1 
HETATM 1448 O O   . HOH I 3 .  ? 3.102   -2.084  -12.989 1.00 39.86 ? 106 HOH B O   1 
HETATM 1449 O O   . HOH I 3 .  ? -8.836  -10.568 -8.336  1.00 57.06 ? 107 HOH B O   1 
HETATM 1450 O O   . HOH I 3 .  ? -4.116  -11.881 11.444  1.00 56.53 ? 108 HOH B O   1 
HETATM 1451 O O   . HOH I 3 .  ? -0.157  -15.646 13.564  1.00 38.49 ? 109 HOH B O   1 
HETATM 1452 O O   . HOH I 3 .  ? -10.491 10.609  11.872  1.00 44.05 ? 110 HOH B O   1 
HETATM 1453 O O   . HOH I 3 .  ? 4.004   12.088  -3.245  1.00 29.44 ? 111 HOH B O   1 
HETATM 1454 O O   . HOH I 3 .  ? -6.401  -13.975 5.177   1.00 56.49 ? 112 HOH B O   1 
HETATM 1455 O O   . HOH I 3 .  ? -7.424  -14.949 2.392   1.00 49.61 ? 113 HOH B O   1 
HETATM 1456 O O   . HOH I 3 .  ? 10.291  -6.735  8.074   1.00 32.34 ? 114 HOH B O   1 
HETATM 1457 O O   . HOH I 3 .  ? 14.083  -9.325  20.052  1.00 44.55 ? 115 HOH B O   1 
HETATM 1458 O O   . HOH I 3 .  ? 6.960   -8.828  25.457  1.00 48.62 ? 116 HOH B O   1 
HETATM 1459 O O   . HOH I 3 .  ? -2.959  14.078  8.556   1.00 42.49 ? 117 HOH B O   1 
HETATM 1460 O O   . HOH I 3 .  ? -8.628  14.872  4.765   1.00 52.85 ? 118 HOH B O   1 
HETATM 1461 O O   . HOH I 3 .  ? -9.767  14.626  2.498   1.00 56.22 ? 119 HOH B O   1 
HETATM 1462 O O   . HOH I 3 .  ? -4.324  15.649  2.193   1.00 40.58 ? 120 HOH B O   1 
HETATM 1463 O O   . HOH I 3 .  ? -6.867  16.630  -3.186  1.00 46.92 ? 121 HOH B O   1 
HETATM 1464 O O   . HOH I 3 .  ? -8.051  16.060  0.726   1.00 55.30 ? 122 HOH B O   1 
HETATM 1465 O O   . HOH I 3 .  ? -5.399  0.513   9.970   1.00 29.50 ? 123 HOH B O   1 
HETATM 1466 O O   . HOH I 3 .  ? -18.589 -7.331  -19.585 1.00 65.85 ? 124 HOH B O   1 
HETATM 1467 O O   . HOH I 3 .  ? -8.635  3.483   13.549  1.00 46.04 ? 125 HOH B O   1 
HETATM 1468 O O   . HOH I 3 .  ? -0.281  -13.742 20.162  1.00 53.40 ? 126 HOH B O   1 
HETATM 1469 O O   . HOH I 3 .  ? -8.075  -7.369  -19.745 1.00 49.57 ? 127 HOH B O   1 
HETATM 1470 O O   . HOH I 3 .  ? -2.052  -3.470  19.469  1.00 36.47 ? 128 HOH B O   1 
HETATM 1471 O O   . HOH I 3 .  ? 2.473   -14.765 -3.339  1.00 45.09 ? 129 HOH B O   1 
HETATM 1472 O O   . HOH I 3 .  ? -1.483  -0.287  -26.494 1.00 43.74 ? 130 HOH B O   1 
# 
loop_
_pdbx_poly_seq_scheme.asym_id 
_pdbx_poly_seq_scheme.entity_id 
_pdbx_poly_seq_scheme.seq_id 
_pdbx_poly_seq_scheme.mon_id 
_pdbx_poly_seq_scheme.ndb_seq_num 
_pdbx_poly_seq_scheme.pdb_seq_num 
_pdbx_poly_seq_scheme.auth_seq_num 
_pdbx_poly_seq_scheme.pdb_mon_id 
_pdbx_poly_seq_scheme.auth_mon_id 
_pdbx_poly_seq_scheme.pdb_strand_id 
_pdbx_poly_seq_scheme.pdb_ins_code 
_pdbx_poly_seq_scheme.hetero 
A 1 1  MET 1  1  1  MET MET A . n 
A 1 2  LYS 2  2  2  LYS LYS A . n 
A 1 3  THR 3  3  3  THR THR A . n 
A 1 4  PRO 4  4  4  PRO PRO A . n 
A 1 5  GLU 5  5  5  GLU GLU A . n 
A 1 6  ASP 6  6  6  ASP ASP A . n 
A 1 7  CYS 7  7  7  CYS CYS A . n 
A 1 8  THR 8  8  8  THR THR A . n 
A 1 9  GLY 9  9  9  GLY GLY A . n 
A 1 10 LEU 10 10 10 LEU LEU A . n 
A 1 11 ALA 11 11 11 ALA ALA A . n 
A 1 12 ASP 12 12 12 ASP ASP A . n 
A 1 13 ILE 13 13 13 ILE ILE A . n 
A 1 14 ARG 14 14 14 ARG ARG A . n 
A 1 15 GLU 15 15 15 GLU GLU A . n 
A 1 16 ALA 16 16 16 ALA ALA A . n 
A 1 17 ILE 17 17 17 ILE ILE A . n 
A 1 18 ASP 18 18 18 ASP ASP A . n 
A 1 19 ARG 19 19 19 ARG ARG A . n 
A 1 20 ILE 20 20 20 ILE ILE A . n 
A 1 21 ASP 21 21 21 ASP ASP A . n 
A 1 22 LEU 22 22 22 LEU LEU A . n 
A 1 23 ASP 23 23 23 ASP ASP A . n 
A 1 24 ILE 24 24 24 ILE ILE A . n 
A 1 25 VAL 25 25 25 VAL VAL A . n 
A 1 26 GLN 26 26 26 GLN GLN A . n 
A 1 27 ALA 27 27 27 ALA ALA A . n 
A 1 28 LEU 28 28 28 LEU LEU A . n 
A 1 29 GLY 29 29 29 GLY GLY A . n 
A 1 30 ARG 30 30 30 ARG ARG A . n 
A 1 31 ARG 31 31 31 ARG ARG A . n 
A 1 32 MET 32 32 32 MET MET A . n 
A 1 33 ASP 33 33 33 ASP ASP A . n 
A 1 34 TYR 34 34 34 TYR TYR A . n 
A 1 35 VAL 35 35 35 VAL VAL A . n 
A 1 36 LYS 36 36 36 LYS LYS A . n 
A 1 37 ALA 37 37 37 ALA ALA A . n 
A 1 38 ALA 38 38 38 ALA ALA A . n 
A 1 39 SER 39 39 39 SER SER A . n 
A 1 40 ARG 40 40 40 ARG ARG A . n 
A 1 41 PHE 41 41 41 PHE PHE A . n 
A 1 42 LYS 42 42 ?  ?   ?   A . n 
A 1 43 ALA 43 43 ?  ?   ?   A . n 
A 1 44 SER 44 44 ?  ?   ?   A . n 
A 1 45 GLU 45 45 ?  ?   ?   A . n 
A 1 46 ALA 46 46 ?  ?   ?   A . n 
A 1 47 ALA 47 47 ?  ?   ?   A . n 
A 1 48 ILE 48 48 ?  ?   ?   A . n 
A 1 49 PRO 49 49 ?  ?   ?   A . n 
A 1 50 ALA 50 50 50 ALA ALA A . n 
A 1 51 PRO 51 51 51 PRO PRO A . n 
A 1 52 GLU 52 52 52 GLU GLU A . n 
A 1 53 ARG 53 53 53 ARG ARG A . n 
A 1 54 VAL 54 54 54 VAL VAL A . n 
A 1 55 ALA 55 55 55 ALA ALA A . n 
A 1 56 ALA 56 56 56 ALA ALA A . n 
A 1 57 MET 57 57 57 MET MET A . n 
A 1 58 LEU 58 58 58 LEU LEU A . n 
A 1 59 PRO 59 59 59 PRO PRO A . n 
A 1 60 GLU 60 60 60 GLU GLU A . n 
A 1 61 ARG 61 61 61 ARG ARG A . n 
A 1 62 ALA 62 62 62 ALA ALA A . n 
A 1 63 ARG 63 63 63 ARG ARG A . n 
A 1 64 TRP 64 64 64 TRP TRP A . n 
A 1 65 ALA 65 65 65 ALA ALA A . n 
A 1 66 GLU 66 66 66 GLU GLU A . n 
A 1 67 GLU 67 67 67 GLU GLU A . n 
A 1 68 ASN 68 68 68 ASN ASN A . n 
A 1 69 GLY 69 69 69 GLY GLY A . n 
A 1 70 LEU 70 70 70 LEU LEU A . n 
A 1 71 ASP 71 71 71 ASP ASP A . n 
A 1 72 ALA 72 72 72 ALA ALA A . n 
A 1 73 PRO 73 73 73 PRO PRO A . n 
A 1 74 PHE 74 74 74 PHE PHE A . n 
A 1 75 VAL 75 75 75 VAL VAL A . n 
A 1 76 GLU 76 76 76 GLU GLU A . n 
A 1 77 GLY 77 77 77 GLY GLY A . n 
A 1 78 LEU 78 78 78 LEU LEU A . n 
A 1 79 PHE 79 79 79 PHE PHE A . n 
A 1 80 ALA 80 80 80 ALA ALA A . n 
A 1 81 GLN 81 81 81 GLN GLN A . n 
A 1 82 ILE 82 82 82 ILE ILE A . n 
A 1 83 ILE 83 83 83 ILE ILE A . n 
A 1 84 HIS 84 84 84 HIS HIS A . n 
A 1 85 TRP 85 85 85 TRP TRP A . n 
A 1 86 TYR 86 86 86 TYR TYR A . n 
A 1 87 ILE 87 87 87 ILE ILE A . n 
A 1 88 ALA 88 88 88 ALA ALA A . n 
A 1 89 GLU 89 89 89 GLU GLU A . n 
A 1 90 GLN 90 90 90 GLN GLN A . n 
A 1 91 ILE 91 91 91 ILE ILE A . n 
A 1 92 LYS 92 92 92 LYS LYS A . n 
A 1 93 TYR 93 93 93 TYR TYR A . n 
A 1 94 TRP 94 94 94 TRP TRP A . n 
A 1 95 ARG 95 95 95 ARG ARG A . n 
A 1 96 GLN 96 96 96 GLN GLN A . n 
A 1 97 THR 97 97 ?  ?   ?   A . n 
A 1 98 ARG 98 98 ?  ?   ?   A . n 
A 1 99 GLY 99 99 ?  ?   ?   A . n 
B 1 1  MET 1  1  1  MET MET B . n 
B 1 2  LYS 2  2  2  LYS LYS B . n 
B 1 3  THR 3  3  3  THR THR B . n 
B 1 4  PRO 4  4  4  PRO PRO B . n 
B 1 5  GLU 5  5  5  GLU GLU B . n 
B 1 6  ASP 6  6  6  ASP ASP B . n 
B 1 7  CYS 7  7  7  CYS CYS B . n 
B 1 8  THR 8  8  8  THR THR B . n 
B 1 9  GLY 9  9  9  GLY GLY B . n 
B 1 10 LEU 10 10 10 LEU LEU B . n 
B 1 11 ALA 11 11 11 ALA ALA B . n 
B 1 12 ASP 12 12 12 ASP ASP B . n 
B 1 13 ILE 13 13 13 ILE ILE B . n 
B 1 14 ARG 14 14 14 ARG ARG B . n 
B 1 15 GLU 15 15 15 GLU GLU B . n 
B 1 16 ALA 16 16 16 ALA ALA B . n 
B 1 17 ILE 17 17 17 ILE ILE B . n 
B 1 18 ASP 18 18 18 ASP ASP B . n 
B 1 19 ARG 19 19 19 ARG ARG B . n 
B 1 20 ILE 20 20 20 ILE ILE B . n 
B 1 21 ASP 21 21 21 ASP ASP B . n 
B 1 22 LEU 22 22 22 LEU LEU B . n 
B 1 23 ASP 23 23 23 ASP ASP B . n 
B 1 24 ILE 24 24 24 ILE ILE B . n 
B 1 25 VAL 25 25 25 VAL VAL B . n 
B 1 26 GLN 26 26 26 GLN GLN B . n 
B 1 27 ALA 27 27 27 ALA ALA B . n 
B 1 28 LEU 28 28 28 LEU LEU B . n 
B 1 29 GLY 29 29 29 GLY GLY B . n 
B 1 30 ARG 30 30 30 ARG ARG B . n 
B 1 31 ARG 31 31 31 ARG ARG B . n 
B 1 32 MET 32 32 32 MET MET B . n 
B 1 33 ASP 33 33 33 ASP ASP B . n 
B 1 34 TYR 34 34 34 TYR TYR B . n 
B 1 35 VAL 35 35 35 VAL VAL B . n 
B 1 36 LYS 36 36 36 LYS LYS B . n 
B 1 37 ALA 37 37 37 ALA ALA B . n 
B 1 38 ALA 38 38 38 ALA ALA B . n 
B 1 39 SER 39 39 39 SER SER B . n 
B 1 40 ARG 40 40 40 ARG ARG B . n 
B 1 41 PHE 41 41 41 PHE PHE B . n 
B 1 42 LYS 42 42 ?  ?   ?   B . n 
B 1 43 ALA 43 43 ?  ?   ?   B . n 
B 1 44 SER 44 44 ?  ?   ?   B . n 
B 1 45 GLU 45 45 ?  ?   ?   B . n 
B 1 46 ALA 46 46 ?  ?   ?   B . n 
B 1 47 ALA 47 47 ?  ?   ?   B . n 
B 1 48 ILE 48 48 ?  ?   ?   B . n 
B 1 49 PRO 49 49 49 PRO PRO B . n 
B 1 50 ALA 50 50 50 ALA ALA B . n 
B 1 51 PRO 51 51 51 PRO PRO B . n 
B 1 52 GLU 52 52 52 GLU GLU B . n 
B 1 53 ARG 53 53 53 ARG ARG B . n 
B 1 54 VAL 54 54 54 VAL VAL B . n 
B 1 55 ALA 55 55 55 ALA ALA B . n 
B 1 56 ALA 56 56 56 ALA ALA B . n 
B 1 57 MET 57 57 57 MET MET B . n 
B 1 58 LEU 58 58 58 LEU LEU B . n 
B 1 59 PRO 59 59 59 PRO PRO B . n 
B 1 60 GLU 60 60 60 GLU GLU B . n 
B 1 61 ARG 61 61 61 ARG ARG B . n 
B 1 62 ALA 62 62 62 ALA ALA B . n 
B 1 63 ARG 63 63 63 ARG ARG B . n 
B 1 64 TRP 64 64 64 TRP TRP B . n 
B 1 65 ALA 65 65 65 ALA ALA B . n 
B 1 66 GLU 66 66 66 GLU GLU B . n 
B 1 67 GLU 67 67 67 GLU GLU B . n 
B 1 68 ASN 68 68 68 ASN ASN B . n 
B 1 69 GLY 69 69 69 GLY GLY B . n 
B 1 70 LEU 70 70 70 LEU LEU B . n 
B 1 71 ASP 71 71 71 ASP ASP B . n 
B 1 72 ALA 72 72 72 ALA ALA B . n 
B 1 73 PRO 73 73 73 PRO PRO B . n 
B 1 74 PHE 74 74 74 PHE PHE B . n 
B 1 75 VAL 75 75 75 VAL VAL B . n 
B 1 76 GLU 76 76 76 GLU GLU B . n 
B 1 77 GLY 77 77 77 GLY GLY B . n 
B 1 78 LEU 78 78 78 LEU LEU B . n 
B 1 79 PHE 79 79 79 PHE PHE B . n 
B 1 80 ALA 80 80 80 ALA ALA B . n 
B 1 81 GLN 81 81 81 GLN GLN B . n 
B 1 82 ILE 82 82 82 ILE ILE B . n 
B 1 83 ILE 83 83 83 ILE ILE B . n 
B 1 84 HIS 84 84 84 HIS HIS B . n 
B 1 85 TRP 85 85 85 TRP TRP B . n 
B 1 86 TYR 86 86 86 TYR TYR B . n 
B 1 87 ILE 87 87 87 ILE ILE B . n 
B 1 88 ALA 88 88 88 ALA ALA B . n 
B 1 89 GLU 89 89 89 GLU GLU B . n 
B 1 90 GLN 90 90 90 GLN GLN B . n 
B 1 91 ILE 91 91 91 ILE ILE B . n 
B 1 92 LYS 92 92 92 LYS LYS B . n 
B 1 93 TYR 93 93 ?  ?   ?   B . n 
B 1 94 TRP 94 94 ?  ?   ?   B . n 
B 1 95 ARG 95 95 ?  ?   ?   B . n 
B 1 96 GLN 96 96 ?  ?   ?   B . n 
B 1 97 THR 97 97 ?  ?   ?   B . n 
B 1 98 ARG 98 98 ?  ?   ?   B . n 
B 1 99 GLY 99 99 ?  ?   ?   B . n 
# 
loop_
_pdbx_nonpoly_scheme.asym_id 
_pdbx_nonpoly_scheme.entity_id 
_pdbx_nonpoly_scheme.mon_id 
_pdbx_nonpoly_scheme.ndb_seq_num 
_pdbx_nonpoly_scheme.pdb_seq_num 
_pdbx_nonpoly_scheme.auth_seq_num 
_pdbx_nonpoly_scheme.pdb_mon_id 
_pdbx_nonpoly_scheme.auth_mon_id 
_pdbx_nonpoly_scheme.pdb_strand_id 
_pdbx_nonpoly_scheme.pdb_ins_code 
C 2 NO3 1  100 61 NO3 NO3 A . 
D 2 NO3 1  101 63 NO3 NO3 A . 
E 2 NO3 1  102 64 NO3 NO3 A . 
F 2 NO3 1  103 65 NO3 NO3 A . 
G 2 NO3 1  100 62 NO3 NO3 B . 
H 3 HOH 1  104 1  HOH HOH A . 
H 3 HOH 2  105 6  HOH HOH A . 
H 3 HOH 3  106 9  HOH HOH A . 
H 3 HOH 4  107 10 HOH HOH A . 
H 3 HOH 5  108 11 HOH HOH A . 
H 3 HOH 6  109 12 HOH HOH A . 
H 3 HOH 7  110 13 HOH HOH A . 
H 3 HOH 8  111 14 HOH HOH A . 
H 3 HOH 9  112 15 HOH HOH A . 
H 3 HOH 10 113 17 HOH HOH A . 
H 3 HOH 11 114 18 HOH HOH A . 
H 3 HOH 12 115 19 HOH HOH A . 
H 3 HOH 13 116 22 HOH HOH A . 
H 3 HOH 14 117 23 HOH HOH A . 
H 3 HOH 15 118 27 HOH HOH A . 
H 3 HOH 16 119 30 HOH HOH A . 
H 3 HOH 17 120 32 HOH HOH A . 
H 3 HOH 18 121 34 HOH HOH A . 
H 3 HOH 19 122 42 HOH HOH A . 
H 3 HOH 20 123 44 HOH HOH A . 
H 3 HOH 21 124 50 HOH HOH A . 
H 3 HOH 22 125 51 HOH HOH A . 
H 3 HOH 23 126 52 HOH HOH A . 
H 3 HOH 24 127 53 HOH HOH A . 
H 3 HOH 25 128 54 HOH HOH A . 
I 3 HOH 1  101 2  HOH HOH B . 
I 3 HOH 2  102 3  HOH HOH B . 
I 3 HOH 3  103 4  HOH HOH B . 
I 3 HOH 4  104 5  HOH HOH B . 
I 3 HOH 5  105 7  HOH HOH B . 
I 3 HOH 6  106 8  HOH HOH B . 
I 3 HOH 7  107 16 HOH HOH B . 
I 3 HOH 8  108 20 HOH HOH B . 
I 3 HOH 9  109 21 HOH HOH B . 
I 3 HOH 10 110 24 HOH HOH B . 
I 3 HOH 11 111 25 HOH HOH B . 
I 3 HOH 12 112 26 HOH HOH B . 
I 3 HOH 13 113 28 HOH HOH B . 
I 3 HOH 14 114 29 HOH HOH B . 
I 3 HOH 15 115 31 HOH HOH B . 
I 3 HOH 16 116 33 HOH HOH B . 
I 3 HOH 17 117 35 HOH HOH B . 
I 3 HOH 18 118 36 HOH HOH B . 
I 3 HOH 19 119 37 HOH HOH B . 
I 3 HOH 20 120 38 HOH HOH B . 
I 3 HOH 21 121 39 HOH HOH B . 
I 3 HOH 22 122 40 HOH HOH B . 
I 3 HOH 23 123 41 HOH HOH B . 
I 3 HOH 24 124 43 HOH HOH B . 
I 3 HOH 25 125 45 HOH HOH B . 
I 3 HOH 26 126 46 HOH HOH B . 
I 3 HOH 27 127 47 HOH HOH B . 
I 3 HOH 28 128 48 HOH HOH B . 
I 3 HOH 29 129 49 HOH HOH B . 
I 3 HOH 30 130 55 HOH HOH B . 
# 
loop_
_pdbx_struct_assembly.id 
_pdbx_struct_assembly.details 
_pdbx_struct_assembly.method_details 
_pdbx_struct_assembly.oligomeric_details 
_pdbx_struct_assembly.oligomeric_count 
1 author_and_software_defined_assembly PISA dimeric    2 
2 software_defined_assembly            PISA tetrameric 4 
# 
loop_
_pdbx_struct_assembly_gen.assembly_id 
_pdbx_struct_assembly_gen.oper_expression 
_pdbx_struct_assembly_gen.asym_id_list 
1 1   A,B,C,D,E,F,G,H,I 
2 1,2 A,B,C,D,E,F,G,H,I 
# 
loop_
_pdbx_struct_assembly_prop.biol_id 
_pdbx_struct_assembly_prop.type 
_pdbx_struct_assembly_prop.value 
_pdbx_struct_assembly_prop.details 
1 'ABSA (A^2)' 5460  ? 
1 MORE         -29   ? 
1 'SSA (A^2)'  9550  ? 
2 'ABSA (A^2)' 13700 ? 
2 MORE         -86   ? 
2 'SSA (A^2)'  16330 ? 
# 
loop_
_pdbx_struct_oper_list.id 
_pdbx_struct_oper_list.type 
_pdbx_struct_oper_list.name 
_pdbx_struct_oper_list.symmetry_operation 
_pdbx_struct_oper_list.matrix[1][1] 
_pdbx_struct_oper_list.matrix[1][2] 
_pdbx_struct_oper_list.matrix[1][3] 
_pdbx_struct_oper_list.vector[1] 
_pdbx_struct_oper_list.matrix[2][1] 
_pdbx_struct_oper_list.matrix[2][2] 
_pdbx_struct_oper_list.matrix[2][3] 
_pdbx_struct_oper_list.vector[2] 
_pdbx_struct_oper_list.matrix[3][1] 
_pdbx_struct_oper_list.matrix[3][2] 
_pdbx_struct_oper_list.matrix[3][3] 
_pdbx_struct_oper_list.vector[3] 
1 'identity operation'         1_555 x,y,z  1.0000000000 0.0000000000  0.0000000000  0.0000000000  0.0000000000  1.0000000000  0.0000000000 0.0000000000  0.0000000000  0.0000000000 1.0000000000  0.0000000000  
2 'crystal symmetry operation' 7_555 y,x,-z 0.2359474366 -0.9272120981 -0.2908720205 12.9461385749 -0.9272120981 -0.3044022348 0.2182132091 18.8878589091 -0.2908720205 0.2182132091 -0.9315452019 -5.1992092591 
# 
loop_
_pdbx_audit_revision_history.ordinal 
_pdbx_audit_revision_history.data_content_type 
_pdbx_audit_revision_history.major_revision 
_pdbx_audit_revision_history.minor_revision 
_pdbx_audit_revision_history.revision_date 
1 'Structure model' 1 0 2006-08-15 
2 'Structure model' 1 1 2008-05-01 
3 'Structure model' 1 2 2011-07-13 
4 'Structure model' 1 3 2017-10-18 
5 'Structure model' 1 4 2023-08-30 
# 
_pdbx_audit_revision_details.ordinal             1 
_pdbx_audit_revision_details.revision_ordinal    1 
_pdbx_audit_revision_details.data_content_type   'Structure model' 
_pdbx_audit_revision_details.provider            repository 
_pdbx_audit_revision_details.type                'Initial release' 
_pdbx_audit_revision_details.description         ? 
_pdbx_audit_revision_details.details             ? 
# 
loop_
_pdbx_audit_revision_group.ordinal 
_pdbx_audit_revision_group.revision_ordinal 
_pdbx_audit_revision_group.data_content_type 
_pdbx_audit_revision_group.group 
1 2 'Structure model' 'Version format compliance' 
2 3 'Structure model' 'Source and taxonomy'       
3 3 'Structure model' 'Version format compliance' 
4 4 'Structure model' 'Refinement description'    
5 5 'Structure model' 'Data collection'           
6 5 'Structure model' 'Database references'       
7 5 'Structure model' 'Derived calculations'      
8 5 'Structure model' 'Refinement description'    
# 
loop_
_pdbx_audit_revision_category.ordinal 
_pdbx_audit_revision_category.revision_ordinal 
_pdbx_audit_revision_category.data_content_type 
_pdbx_audit_revision_category.category 
1 4 'Structure model' software                      
2 5 'Structure model' chem_comp_atom                
3 5 'Structure model' chem_comp_bond                
4 5 'Structure model' database_2                    
5 5 'Structure model' pdbx_initial_refinement_model 
6 5 'Structure model' struct_site                   
# 
loop_
_pdbx_audit_revision_item.ordinal 
_pdbx_audit_revision_item.revision_ordinal 
_pdbx_audit_revision_item.data_content_type 
_pdbx_audit_revision_item.item 
1  4 'Structure model' '_software.classification'            
2  4 'Structure model' '_software.contact_author'            
3  4 'Structure model' '_software.contact_author_email'      
4  4 'Structure model' '_software.date'                      
5  4 'Structure model' '_software.language'                  
6  4 'Structure model' '_software.location'                  
7  4 'Structure model' '_software.name'                      
8  4 'Structure model' '_software.type'                      
9  4 'Structure model' '_software.version'                   
10 5 'Structure model' '_database_2.pdbx_DOI'                
11 5 'Structure model' '_database_2.pdbx_database_accession' 
12 5 'Structure model' '_struct_site.pdbx_auth_asym_id'      
13 5 'Structure model' '_struct_site.pdbx_auth_comp_id'      
14 5 'Structure model' '_struct_site.pdbx_auth_seq_id'       
# 
_diffrn_reflns.diffrn_id                   1 
_diffrn_reflns.pdbx_d_res_high             2.350 
_diffrn_reflns.pdbx_d_res_low              100.000 
_diffrn_reflns.pdbx_number_obs             11526 
_diffrn_reflns.pdbx_Rmerge_I_obs           0.067 
_diffrn_reflns.pdbx_Rsym_value             ? 
_diffrn_reflns.pdbx_chi_squared            0.94 
_diffrn_reflns.av_sigmaI_over_netI         12.60 
_diffrn_reflns.pdbx_redundancy             9.20 
_diffrn_reflns.pdbx_percent_possible_obs   99.90 
_diffrn_reflns.number                      106446 
_diffrn_reflns.pdbx_observed_criterion     ? 
_diffrn_reflns.limit_h_max                 ? 
_diffrn_reflns.limit_h_min                 ? 
_diffrn_reflns.limit_k_max                 ? 
_diffrn_reflns.limit_k_min                 ? 
_diffrn_reflns.limit_l_max                 ? 
_diffrn_reflns.limit_l_min                 ? 
# 
loop_
_pdbx_diffrn_reflns_shell.diffrn_id 
_pdbx_diffrn_reflns_shell.d_res_high 
_pdbx_diffrn_reflns_shell.d_res_low 
_pdbx_diffrn_reflns_shell.number_obs 
_pdbx_diffrn_reflns_shell.rejects 
_pdbx_diffrn_reflns_shell.Rmerge_I_obs 
_pdbx_diffrn_reflns_shell.Rsym_value 
_pdbx_diffrn_reflns_shell.chi_squared 
_pdbx_diffrn_reflns_shell.redundancy 
_pdbx_diffrn_reflns_shell.percent_possible_obs 
1 5.06 100.00 ? ? 0.033 ? 0.800 8.60 99.00  
1 4.02 5.06   ? ? 0.041 ? 0.905 9.30 99.90  
1 3.51 4.02   ? ? 0.049 ? 0.984 9.30 100.00 
1 3.19 3.51   ? ? 0.069 ? 1.016 9.40 99.90  
1 2.96 3.19   ? ? 0.102 ? 0.987 9.40 100.00 
1 2.79 2.96   ? ? 0.139 ? 0.983 9.40 100.00 
1 2.65 2.79   ? ? 0.179 ? 0.937 9.40 99.90  
1 2.53 2.65   ? ? 0.238 ? 0.956 9.30 100.00 
1 2.43 2.53   ? ? 0.307 ? 0.935 9.20 100.00 
1 2.35 2.43   ? ? 0.378 ? 0.913 9.00 100.00 
# 
loop_
_software.name 
_software.version 
_software.date 
_software.type 
_software.contact_author 
_software.contact_author_email 
_software.classification 
_software.location 
_software.language 
_software.citation_id 
_software.pdbx_ordinal 
DENZO        .              ?                package 'Zbyszek Otwinowski' zbyszek@mix.swmed.edu       'data reduction'  
http://www.lnls.br/infra/linhasluz/denzo-hkl.htm ?          ? 1 
SCALEPACK    .              ?                package 'Zbyszek Otwinowski' zbyszek@mix.swmed.edu       'data scaling'    
http://www.lnls.br/infra/linhasluz/denzo-hkl.htm ?          ? 2 
PHASER       .              ?                other   'R. J. Read'         cimr-phaser@lists.cam.ac.uk phasing           
http://www-structmed.cimr.cam.ac.uk/phaser/      ?          ? 3 
CNS          .              ?                package 'Axel T. Brunger'    axel.brunger@yale.edu       refinement        
http://cns.csb.yale.edu/v1.1/                    Fortran_77 ? 4 
PDB_EXTRACT  2.000          'April. 3, 2006' package PDB                  sw-help@rcsb.rutgers.edu    'data extraction' 
http://pdb.rutgers.edu/software/                 C++        ? 5 
CrystalClear '(MSC/RIGAKU)' ?                ?       ?                    ?                           'data reduction'  ? ? ? 6 
# 
_pdbx_validate_symm_contact.id                1 
_pdbx_validate_symm_contact.PDB_model_num     1 
_pdbx_validate_symm_contact.auth_atom_id_1    O 
_pdbx_validate_symm_contact.auth_asym_id_1    A 
_pdbx_validate_symm_contact.auth_comp_id_1    HOH 
_pdbx_validate_symm_contact.auth_seq_id_1     107 
_pdbx_validate_symm_contact.PDB_ins_code_1    ? 
_pdbx_validate_symm_contact.label_alt_id_1    ? 
_pdbx_validate_symm_contact.site_symmetry_1   1_555 
_pdbx_validate_symm_contact.auth_atom_id_2    O 
_pdbx_validate_symm_contact.auth_asym_id_2    A 
_pdbx_validate_symm_contact.auth_comp_id_2    HOH 
_pdbx_validate_symm_contact.auth_seq_id_2     107 
_pdbx_validate_symm_contact.PDB_ins_code_2    ? 
_pdbx_validate_symm_contact.label_alt_id_2    ? 
_pdbx_validate_symm_contact.site_symmetry_2   7_555 
_pdbx_validate_symm_contact.dist              2.12 
# 
_pdbx_validate_torsion.id              1 
_pdbx_validate_torsion.PDB_model_num   1 
_pdbx_validate_torsion.auth_comp_id    ARG 
_pdbx_validate_torsion.auth_asym_id    A 
_pdbx_validate_torsion.auth_seq_id     40 
_pdbx_validate_torsion.PDB_ins_code    ? 
_pdbx_validate_torsion.label_alt_id    ? 
_pdbx_validate_torsion.phi             -89.35 
_pdbx_validate_torsion.psi             39.33 
# 
loop_
_pdbx_unobs_or_zero_occ_residues.id 
_pdbx_unobs_or_zero_occ_residues.PDB_model_num 
_pdbx_unobs_or_zero_occ_residues.polymer_flag 
_pdbx_unobs_or_zero_occ_residues.occupancy_flag 
_pdbx_unobs_or_zero_occ_residues.auth_asym_id 
_pdbx_unobs_or_zero_occ_residues.auth_comp_id 
_pdbx_unobs_or_zero_occ_residues.auth_seq_id 
_pdbx_unobs_or_zero_occ_residues.PDB_ins_code 
_pdbx_unobs_or_zero_occ_residues.label_asym_id 
_pdbx_unobs_or_zero_occ_residues.label_comp_id 
_pdbx_unobs_or_zero_occ_residues.label_seq_id 
1  1 Y 1 A LYS 42 ? A LYS 42 
2  1 Y 1 A ALA 43 ? A ALA 43 
3  1 Y 1 A SER 44 ? A SER 44 
4  1 Y 1 A GLU 45 ? A GLU 45 
5  1 Y 1 A ALA 46 ? A ALA 46 
6  1 Y 1 A ALA 47 ? A ALA 47 
7  1 Y 1 A ILE 48 ? A ILE 48 
8  1 Y 1 A PRO 49 ? A PRO 49 
9  1 Y 1 A THR 97 ? A THR 97 
10 1 Y 1 A ARG 98 ? A ARG 98 
11 1 Y 1 A GLY 99 ? A GLY 99 
12 1 Y 1 B LYS 42 ? B LYS 42 
13 1 Y 1 B ALA 43 ? B ALA 43 
14 1 Y 1 B SER 44 ? B SER 44 
15 1 Y 1 B GLU 45 ? B GLU 45 
16 1 Y 1 B ALA 46 ? B ALA 46 
17 1 Y 1 B ALA 47 ? B ALA 47 
18 1 Y 1 B ILE 48 ? B ILE 48 
19 1 Y 1 B TYR 93 ? B TYR 93 
20 1 Y 1 B TRP 94 ? B TRP 94 
21 1 Y 1 B ARG 95 ? B ARG 95 
22 1 Y 1 B GLN 96 ? B GLN 96 
23 1 Y 1 B THR 97 ? B THR 97 
24 1 Y 1 B ARG 98 ? B ARG 98 
25 1 Y 1 B GLY 99 ? B GLY 99 
# 
loop_
_chem_comp_atom.comp_id 
_chem_comp_atom.atom_id 
_chem_comp_atom.type_symbol 
_chem_comp_atom.pdbx_aromatic_flag 
_chem_comp_atom.pdbx_stereo_config 
_chem_comp_atom.pdbx_ordinal 
ALA N    N N N 1   
ALA CA   C N S 2   
ALA C    C N N 3   
ALA O    O N N 4   
ALA CB   C N N 5   
ALA OXT  O N N 6   
ALA H    H N N 7   
ALA H2   H N N 8   
ALA HA   H N N 9   
ALA HB1  H N N 10  
ALA HB2  H N N 11  
ALA HB3  H N N 12  
ALA HXT  H N N 13  
ARG N    N N N 14  
ARG CA   C N S 15  
ARG C    C N N 16  
ARG O    O N N 17  
ARG CB   C N N 18  
ARG CG   C N N 19  
ARG CD   C N N 20  
ARG NE   N N N 21  
ARG CZ   C N N 22  
ARG NH1  N N N 23  
ARG NH2  N N N 24  
ARG OXT  O N N 25  
ARG H    H N N 26  
ARG H2   H N N 27  
ARG HA   H N N 28  
ARG HB2  H N N 29  
ARG HB3  H N N 30  
ARG HG2  H N N 31  
ARG HG3  H N N 32  
ARG HD2  H N N 33  
ARG HD3  H N N 34  
ARG HE   H N N 35  
ARG HH11 H N N 36  
ARG HH12 H N N 37  
ARG HH21 H N N 38  
ARG HH22 H N N 39  
ARG HXT  H N N 40  
ASN N    N N N 41  
ASN CA   C N S 42  
ASN C    C N N 43  
ASN O    O N N 44  
ASN CB   C N N 45  
ASN CG   C N N 46  
ASN OD1  O N N 47  
ASN ND2  N N N 48  
ASN OXT  O N N 49  
ASN H    H N N 50  
ASN H2   H N N 51  
ASN HA   H N N 52  
ASN HB2  H N N 53  
ASN HB3  H N N 54  
ASN HD21 H N N 55  
ASN HD22 H N N 56  
ASN HXT  H N N 57  
ASP N    N N N 58  
ASP CA   C N S 59  
ASP C    C N N 60  
ASP O    O N N 61  
ASP CB   C N N 62  
ASP CG   C N N 63  
ASP OD1  O N N 64  
ASP OD2  O N N 65  
ASP OXT  O N N 66  
ASP H    H N N 67  
ASP H2   H N N 68  
ASP HA   H N N 69  
ASP HB2  H N N 70  
ASP HB3  H N N 71  
ASP HD2  H N N 72  
ASP HXT  H N N 73  
CYS N    N N N 74  
CYS CA   C N R 75  
CYS C    C N N 76  
CYS O    O N N 77  
CYS CB   C N N 78  
CYS SG   S N N 79  
CYS OXT  O N N 80  
CYS H    H N N 81  
CYS H2   H N N 82  
CYS HA   H N N 83  
CYS HB2  H N N 84  
CYS HB3  H N N 85  
CYS HG   H N N 86  
CYS HXT  H N N 87  
GLN N    N N N 88  
GLN CA   C N S 89  
GLN C    C N N 90  
GLN O    O N N 91  
GLN CB   C N N 92  
GLN CG   C N N 93  
GLN CD   C N N 94  
GLN OE1  O N N 95  
GLN NE2  N N N 96  
GLN OXT  O N N 97  
GLN H    H N N 98  
GLN H2   H N N 99  
GLN HA   H N N 100 
GLN HB2  H N N 101 
GLN HB3  H N N 102 
GLN HG2  H N N 103 
GLN HG3  H N N 104 
GLN HE21 H N N 105 
GLN HE22 H N N 106 
GLN HXT  H N N 107 
GLU N    N N N 108 
GLU CA   C N S 109 
GLU C    C N N 110 
GLU O    O N N 111 
GLU CB   C N N 112 
GLU CG   C N N 113 
GLU CD   C N N 114 
GLU OE1  O N N 115 
GLU OE2  O N N 116 
GLU OXT  O N N 117 
GLU H    H N N 118 
GLU H2   H N N 119 
GLU HA   H N N 120 
GLU HB2  H N N 121 
GLU HB3  H N N 122 
GLU HG2  H N N 123 
GLU HG3  H N N 124 
GLU HE2  H N N 125 
GLU HXT  H N N 126 
GLY N    N N N 127 
GLY CA   C N N 128 
GLY C    C N N 129 
GLY O    O N N 130 
GLY OXT  O N N 131 
GLY H    H N N 132 
GLY H2   H N N 133 
GLY HA2  H N N 134 
GLY HA3  H N N 135 
GLY HXT  H N N 136 
HIS N    N N N 137 
HIS CA   C N S 138 
HIS C    C N N 139 
HIS O    O N N 140 
HIS CB   C N N 141 
HIS CG   C Y N 142 
HIS ND1  N Y N 143 
HIS CD2  C Y N 144 
HIS CE1  C Y N 145 
HIS NE2  N Y N 146 
HIS OXT  O N N 147 
HIS H    H N N 148 
HIS H2   H N N 149 
HIS HA   H N N 150 
HIS HB2  H N N 151 
HIS HB3  H N N 152 
HIS HD1  H N N 153 
HIS HD2  H N N 154 
HIS HE1  H N N 155 
HIS HE2  H N N 156 
HIS HXT  H N N 157 
HOH O    O N N 158 
HOH H1   H N N 159 
HOH H2   H N N 160 
ILE N    N N N 161 
ILE CA   C N S 162 
ILE C    C N N 163 
ILE O    O N N 164 
ILE CB   C N S 165 
ILE CG1  C N N 166 
ILE CG2  C N N 167 
ILE CD1  C N N 168 
ILE OXT  O N N 169 
ILE H    H N N 170 
ILE H2   H N N 171 
ILE HA   H N N 172 
ILE HB   H N N 173 
ILE HG12 H N N 174 
ILE HG13 H N N 175 
ILE HG21 H N N 176 
ILE HG22 H N N 177 
ILE HG23 H N N 178 
ILE HD11 H N N 179 
ILE HD12 H N N 180 
ILE HD13 H N N 181 
ILE HXT  H N N 182 
LEU N    N N N 183 
LEU CA   C N S 184 
LEU C    C N N 185 
LEU O    O N N 186 
LEU CB   C N N 187 
LEU CG   C N N 188 
LEU CD1  C N N 189 
LEU CD2  C N N 190 
LEU OXT  O N N 191 
LEU H    H N N 192 
LEU H2   H N N 193 
LEU HA   H N N 194 
LEU HB2  H N N 195 
LEU HB3  H N N 196 
LEU HG   H N N 197 
LEU HD11 H N N 198 
LEU HD12 H N N 199 
LEU HD13 H N N 200 
LEU HD21 H N N 201 
LEU HD22 H N N 202 
LEU HD23 H N N 203 
LEU HXT  H N N 204 
LYS N    N N N 205 
LYS CA   C N S 206 
LYS C    C N N 207 
LYS O    O N N 208 
LYS CB   C N N 209 
LYS CG   C N N 210 
LYS CD   C N N 211 
LYS CE   C N N 212 
LYS NZ   N N N 213 
LYS OXT  O N N 214 
LYS H    H N N 215 
LYS H2   H N N 216 
LYS HA   H N N 217 
LYS HB2  H N N 218 
LYS HB3  H N N 219 
LYS HG2  H N N 220 
LYS HG3  H N N 221 
LYS HD2  H N N 222 
LYS HD3  H N N 223 
LYS HE2  H N N 224 
LYS HE3  H N N 225 
LYS HZ1  H N N 226 
LYS HZ2  H N N 227 
LYS HZ3  H N N 228 
LYS HXT  H N N 229 
MET N    N N N 230 
MET CA   C N S 231 
MET C    C N N 232 
MET O    O N N 233 
MET CB   C N N 234 
MET CG   C N N 235 
MET SD   S N N 236 
MET CE   C N N 237 
MET OXT  O N N 238 
MET H    H N N 239 
MET H2   H N N 240 
MET HA   H N N 241 
MET HB2  H N N 242 
MET HB3  H N N 243 
MET HG2  H N N 244 
MET HG3  H N N 245 
MET HE1  H N N 246 
MET HE2  H N N 247 
MET HE3  H N N 248 
MET HXT  H N N 249 
NO3 N    N N N 250 
NO3 O1   O N N 251 
NO3 O2   O N N 252 
NO3 O3   O N N 253 
PHE N    N N N 254 
PHE CA   C N S 255 
PHE C    C N N 256 
PHE O    O N N 257 
PHE CB   C N N 258 
PHE CG   C Y N 259 
PHE CD1  C Y N 260 
PHE CD2  C Y N 261 
PHE CE1  C Y N 262 
PHE CE2  C Y N 263 
PHE CZ   C Y N 264 
PHE OXT  O N N 265 
PHE H    H N N 266 
PHE H2   H N N 267 
PHE HA   H N N 268 
PHE HB2  H N N 269 
PHE HB3  H N N 270 
PHE HD1  H N N 271 
PHE HD2  H N N 272 
PHE HE1  H N N 273 
PHE HE2  H N N 274 
PHE HZ   H N N 275 
PHE HXT  H N N 276 
PRO N    N N N 277 
PRO CA   C N S 278 
PRO C    C N N 279 
PRO O    O N N 280 
PRO CB   C N N 281 
PRO CG   C N N 282 
PRO CD   C N N 283 
PRO OXT  O N N 284 
PRO H    H N N 285 
PRO HA   H N N 286 
PRO HB2  H N N 287 
PRO HB3  H N N 288 
PRO HG2  H N N 289 
PRO HG3  H N N 290 
PRO HD2  H N N 291 
PRO HD3  H N N 292 
PRO HXT  H N N 293 
SER N    N N N 294 
SER CA   C N S 295 
SER C    C N N 296 
SER O    O N N 297 
SER CB   C N N 298 
SER OG   O N N 299 
SER OXT  O N N 300 
SER H    H N N 301 
SER H2   H N N 302 
SER HA   H N N 303 
SER HB2  H N N 304 
SER HB3  H N N 305 
SER HG   H N N 306 
SER HXT  H N N 307 
THR N    N N N 308 
THR CA   C N S 309 
THR C    C N N 310 
THR O    O N N 311 
THR CB   C N R 312 
THR OG1  O N N 313 
THR CG2  C N N 314 
THR OXT  O N N 315 
THR H    H N N 316 
THR H2   H N N 317 
THR HA   H N N 318 
THR HB   H N N 319 
THR HG1  H N N 320 
THR HG21 H N N 321 
THR HG22 H N N 322 
THR HG23 H N N 323 
THR HXT  H N N 324 
TRP N    N N N 325 
TRP CA   C N S 326 
TRP C    C N N 327 
TRP O    O N N 328 
TRP CB   C N N 329 
TRP CG   C Y N 330 
TRP CD1  C Y N 331 
TRP CD2  C Y N 332 
TRP NE1  N Y N 333 
TRP CE2  C Y N 334 
TRP CE3  C Y N 335 
TRP CZ2  C Y N 336 
TRP CZ3  C Y N 337 
TRP CH2  C Y N 338 
TRP OXT  O N N 339 
TRP H    H N N 340 
TRP H2   H N N 341 
TRP HA   H N N 342 
TRP HB2  H N N 343 
TRP HB3  H N N 344 
TRP HD1  H N N 345 
TRP HE1  H N N 346 
TRP HE3  H N N 347 
TRP HZ2  H N N 348 
TRP HZ3  H N N 349 
TRP HH2  H N N 350 
TRP HXT  H N N 351 
TYR N    N N N 352 
TYR CA   C N S 353 
TYR C    C N N 354 
TYR O    O N N 355 
TYR CB   C N N 356 
TYR CG   C Y N 357 
TYR CD1  C Y N 358 
TYR CD2  C Y N 359 
TYR CE1  C Y N 360 
TYR CE2  C Y N 361 
TYR CZ   C Y N 362 
TYR OH   O N N 363 
TYR OXT  O N N 364 
TYR H    H N N 365 
TYR H2   H N N 366 
TYR HA   H N N 367 
TYR HB2  H N N 368 
TYR HB3  H N N 369 
TYR HD1  H N N 370 
TYR HD2  H N N 371 
TYR HE1  H N N 372 
TYR HE2  H N N 373 
TYR HH   H N N 374 
TYR HXT  H N N 375 
VAL N    N N N 376 
VAL CA   C N S 377 
VAL C    C N N 378 
VAL O    O N N 379 
VAL CB   C N N 380 
VAL CG1  C N N 381 
VAL CG2  C N N 382 
VAL OXT  O N N 383 
VAL H    H N N 384 
VAL H2   H N N 385 
VAL HA   H N N 386 
VAL HB   H N N 387 
VAL HG11 H N N 388 
VAL HG12 H N N 389 
VAL HG13 H N N 390 
VAL HG21 H N N 391 
VAL HG22 H N N 392 
VAL HG23 H N N 393 
VAL HXT  H N N 394 
# 
loop_
_chem_comp_bond.comp_id 
_chem_comp_bond.atom_id_1 
_chem_comp_bond.atom_id_2 
_chem_comp_bond.value_order 
_chem_comp_bond.pdbx_aromatic_flag 
_chem_comp_bond.pdbx_stereo_config 
_chem_comp_bond.pdbx_ordinal 
ALA N   CA   sing N N 1   
ALA N   H    sing N N 2   
ALA N   H2   sing N N 3   
ALA CA  C    sing N N 4   
ALA CA  CB   sing N N 5   
ALA CA  HA   sing N N 6   
ALA C   O    doub N N 7   
ALA C   OXT  sing N N 8   
ALA CB  HB1  sing N N 9   
ALA CB  HB2  sing N N 10  
ALA CB  HB3  sing N N 11  
ALA OXT HXT  sing N N 12  
ARG N   CA   sing N N 13  
ARG N   H    sing N N 14  
ARG N   H2   sing N N 15  
ARG CA  C    sing N N 16  
ARG CA  CB   sing N N 17  
ARG CA  HA   sing N N 18  
ARG C   O    doub N N 19  
ARG C   OXT  sing N N 20  
ARG CB  CG   sing N N 21  
ARG CB  HB2  sing N N 22  
ARG CB  HB3  sing N N 23  
ARG CG  CD   sing N N 24  
ARG CG  HG2  sing N N 25  
ARG CG  HG3  sing N N 26  
ARG CD  NE   sing N N 27  
ARG CD  HD2  sing N N 28  
ARG CD  HD3  sing N N 29  
ARG NE  CZ   sing N N 30  
ARG NE  HE   sing N N 31  
ARG CZ  NH1  sing N N 32  
ARG CZ  NH2  doub N N 33  
ARG NH1 HH11 sing N N 34  
ARG NH1 HH12 sing N N 35  
ARG NH2 HH21 sing N N 36  
ARG NH2 HH22 sing N N 37  
ARG OXT HXT  sing N N 38  
ASN N   CA   sing N N 39  
ASN N   H    sing N N 40  
ASN N   H2   sing N N 41  
ASN CA  C    sing N N 42  
ASN CA  CB   sing N N 43  
ASN CA  HA   sing N N 44  
ASN C   O    doub N N 45  
ASN C   OXT  sing N N 46  
ASN CB  CG   sing N N 47  
ASN CB  HB2  sing N N 48  
ASN CB  HB3  sing N N 49  
ASN CG  OD1  doub N N 50  
ASN CG  ND2  sing N N 51  
ASN ND2 HD21 sing N N 52  
ASN ND2 HD22 sing N N 53  
ASN OXT HXT  sing N N 54  
ASP N   CA   sing N N 55  
ASP N   H    sing N N 56  
ASP N   H2   sing N N 57  
ASP CA  C    sing N N 58  
ASP CA  CB   sing N N 59  
ASP CA  HA   sing N N 60  
ASP C   O    doub N N 61  
ASP C   OXT  sing N N 62  
ASP CB  CG   sing N N 63  
ASP CB  HB2  sing N N 64  
ASP CB  HB3  sing N N 65  
ASP CG  OD1  doub N N 66  
ASP CG  OD2  sing N N 67  
ASP OD2 HD2  sing N N 68  
ASP OXT HXT  sing N N 69  
CYS N   CA   sing N N 70  
CYS N   H    sing N N 71  
CYS N   H2   sing N N 72  
CYS CA  C    sing N N 73  
CYS CA  CB   sing N N 74  
CYS CA  HA   sing N N 75  
CYS C   O    doub N N 76  
CYS C   OXT  sing N N 77  
CYS CB  SG   sing N N 78  
CYS CB  HB2  sing N N 79  
CYS CB  HB3  sing N N 80  
CYS SG  HG   sing N N 81  
CYS OXT HXT  sing N N 82  
GLN N   CA   sing N N 83  
GLN N   H    sing N N 84  
GLN N   H2   sing N N 85  
GLN CA  C    sing N N 86  
GLN CA  CB   sing N N 87  
GLN CA  HA   sing N N 88  
GLN C   O    doub N N 89  
GLN C   OXT  sing N N 90  
GLN CB  CG   sing N N 91  
GLN CB  HB2  sing N N 92  
GLN CB  HB3  sing N N 93  
GLN CG  CD   sing N N 94  
GLN CG  HG2  sing N N 95  
GLN CG  HG3  sing N N 96  
GLN CD  OE1  doub N N 97  
GLN CD  NE2  sing N N 98  
GLN NE2 HE21 sing N N 99  
GLN NE2 HE22 sing N N 100 
GLN OXT HXT  sing N N 101 
GLU N   CA   sing N N 102 
GLU N   H    sing N N 103 
GLU N   H2   sing N N 104 
GLU CA  C    sing N N 105 
GLU CA  CB   sing N N 106 
GLU CA  HA   sing N N 107 
GLU C   O    doub N N 108 
GLU C   OXT  sing N N 109 
GLU CB  CG   sing N N 110 
GLU CB  HB2  sing N N 111 
GLU CB  HB3  sing N N 112 
GLU CG  CD   sing N N 113 
GLU CG  HG2  sing N N 114 
GLU CG  HG3  sing N N 115 
GLU CD  OE1  doub N N 116 
GLU CD  OE2  sing N N 117 
GLU OE2 HE2  sing N N 118 
GLU OXT HXT  sing N N 119 
GLY N   CA   sing N N 120 
GLY N   H    sing N N 121 
GLY N   H2   sing N N 122 
GLY CA  C    sing N N 123 
GLY CA  HA2  sing N N 124 
GLY CA  HA3  sing N N 125 
GLY C   O    doub N N 126 
GLY C   OXT  sing N N 127 
GLY OXT HXT  sing N N 128 
HIS N   CA   sing N N 129 
HIS N   H    sing N N 130 
HIS N   H2   sing N N 131 
HIS CA  C    sing N N 132 
HIS CA  CB   sing N N 133 
HIS CA  HA   sing N N 134 
HIS C   O    doub N N 135 
HIS C   OXT  sing N N 136 
HIS CB  CG   sing N N 137 
HIS CB  HB2  sing N N 138 
HIS CB  HB3  sing N N 139 
HIS CG  ND1  sing Y N 140 
HIS CG  CD2  doub Y N 141 
HIS ND1 CE1  doub Y N 142 
HIS ND1 HD1  sing N N 143 
HIS CD2 NE2  sing Y N 144 
HIS CD2 HD2  sing N N 145 
HIS CE1 NE2  sing Y N 146 
HIS CE1 HE1  sing N N 147 
HIS NE2 HE2  sing N N 148 
HIS OXT HXT  sing N N 149 
HOH O   H1   sing N N 150 
HOH O   H2   sing N N 151 
ILE N   CA   sing N N 152 
ILE N   H    sing N N 153 
ILE N   H2   sing N N 154 
ILE CA  C    sing N N 155 
ILE CA  CB   sing N N 156 
ILE CA  HA   sing N N 157 
ILE C   O    doub N N 158 
ILE C   OXT  sing N N 159 
ILE CB  CG1  sing N N 160 
ILE CB  CG2  sing N N 161 
ILE CB  HB   sing N N 162 
ILE CG1 CD1  sing N N 163 
ILE CG1 HG12 sing N N 164 
ILE CG1 HG13 sing N N 165 
ILE CG2 HG21 sing N N 166 
ILE CG2 HG22 sing N N 167 
ILE CG2 HG23 sing N N 168 
ILE CD1 HD11 sing N N 169 
ILE CD1 HD12 sing N N 170 
ILE CD1 HD13 sing N N 171 
ILE OXT HXT  sing N N 172 
LEU N   CA   sing N N 173 
LEU N   H    sing N N 174 
LEU N   H2   sing N N 175 
LEU CA  C    sing N N 176 
LEU CA  CB   sing N N 177 
LEU CA  HA   sing N N 178 
LEU C   O    doub N N 179 
LEU C   OXT  sing N N 180 
LEU CB  CG   sing N N 181 
LEU CB  HB2  sing N N 182 
LEU CB  HB3  sing N N 183 
LEU CG  CD1  sing N N 184 
LEU CG  CD2  sing N N 185 
LEU CG  HG   sing N N 186 
LEU CD1 HD11 sing N N 187 
LEU CD1 HD12 sing N N 188 
LEU CD1 HD13 sing N N 189 
LEU CD2 HD21 sing N N 190 
LEU CD2 HD22 sing N N 191 
LEU CD2 HD23 sing N N 192 
LEU OXT HXT  sing N N 193 
LYS N   CA   sing N N 194 
LYS N   H    sing N N 195 
LYS N   H2   sing N N 196 
LYS CA  C    sing N N 197 
LYS CA  CB   sing N N 198 
LYS CA  HA   sing N N 199 
LYS C   O    doub N N 200 
LYS C   OXT  sing N N 201 
LYS CB  CG   sing N N 202 
LYS CB  HB2  sing N N 203 
LYS CB  HB3  sing N N 204 
LYS CG  CD   sing N N 205 
LYS CG  HG2  sing N N 206 
LYS CG  HG3  sing N N 207 
LYS CD  CE   sing N N 208 
LYS CD  HD2  sing N N 209 
LYS CD  HD3  sing N N 210 
LYS CE  NZ   sing N N 211 
LYS CE  HE2  sing N N 212 
LYS CE  HE3  sing N N 213 
LYS NZ  HZ1  sing N N 214 
LYS NZ  HZ2  sing N N 215 
LYS NZ  HZ3  sing N N 216 
LYS OXT HXT  sing N N 217 
MET N   CA   sing N N 218 
MET N   H    sing N N 219 
MET N   H2   sing N N 220 
MET CA  C    sing N N 221 
MET CA  CB   sing N N 222 
MET CA  HA   sing N N 223 
MET C   O    doub N N 224 
MET C   OXT  sing N N 225 
MET CB  CG   sing N N 226 
MET CB  HB2  sing N N 227 
MET CB  HB3  sing N N 228 
MET CG  SD   sing N N 229 
MET CG  HG2  sing N N 230 
MET CG  HG3  sing N N 231 
MET SD  CE   sing N N 232 
MET CE  HE1  sing N N 233 
MET CE  HE2  sing N N 234 
MET CE  HE3  sing N N 235 
MET OXT HXT  sing N N 236 
NO3 N   O1   doub N N 237 
NO3 N   O2   sing N N 238 
NO3 N   O3   sing N N 239 
PHE N   CA   sing N N 240 
PHE N   H    sing N N 241 
PHE N   H2   sing N N 242 
PHE CA  C    sing N N 243 
PHE CA  CB   sing N N 244 
PHE CA  HA   sing N N 245 
PHE C   O    doub N N 246 
PHE C   OXT  sing N N 247 
PHE CB  CG   sing N N 248 
PHE CB  HB2  sing N N 249 
PHE CB  HB3  sing N N 250 
PHE CG  CD1  doub Y N 251 
PHE CG  CD2  sing Y N 252 
PHE CD1 CE1  sing Y N 253 
PHE CD1 HD1  sing N N 254 
PHE CD2 CE2  doub Y N 255 
PHE CD2 HD2  sing N N 256 
PHE CE1 CZ   doub Y N 257 
PHE CE1 HE1  sing N N 258 
PHE CE2 CZ   sing Y N 259 
PHE CE2 HE2  sing N N 260 
PHE CZ  HZ   sing N N 261 
PHE OXT HXT  sing N N 262 
PRO N   CA   sing N N 263 
PRO N   CD   sing N N 264 
PRO N   H    sing N N 265 
PRO CA  C    sing N N 266 
PRO CA  CB   sing N N 267 
PRO CA  HA   sing N N 268 
PRO C   O    doub N N 269 
PRO C   OXT  sing N N 270 
PRO CB  CG   sing N N 271 
PRO CB  HB2  sing N N 272 
PRO CB  HB3  sing N N 273 
PRO CG  CD   sing N N 274 
PRO CG  HG2  sing N N 275 
PRO CG  HG3  sing N N 276 
PRO CD  HD2  sing N N 277 
PRO CD  HD3  sing N N 278 
PRO OXT HXT  sing N N 279 
SER N   CA   sing N N 280 
SER N   H    sing N N 281 
SER N   H2   sing N N 282 
SER CA  C    sing N N 283 
SER CA  CB   sing N N 284 
SER CA  HA   sing N N 285 
SER C   O    doub N N 286 
SER C   OXT  sing N N 287 
SER CB  OG   sing N N 288 
SER CB  HB2  sing N N 289 
SER CB  HB3  sing N N 290 
SER OG  HG   sing N N 291 
SER OXT HXT  sing N N 292 
THR N   CA   sing N N 293 
THR N   H    sing N N 294 
THR N   H2   sing N N 295 
THR CA  C    sing N N 296 
THR CA  CB   sing N N 297 
THR CA  HA   sing N N 298 
THR C   O    doub N N 299 
THR C   OXT  sing N N 300 
THR CB  OG1  sing N N 301 
THR CB  CG2  sing N N 302 
THR CB  HB   sing N N 303 
THR OG1 HG1  sing N N 304 
THR CG2 HG21 sing N N 305 
THR CG2 HG22 sing N N 306 
THR CG2 HG23 sing N N 307 
THR OXT HXT  sing N N 308 
TRP N   CA   sing N N 309 
TRP N   H    sing N N 310 
TRP N   H2   sing N N 311 
TRP CA  C    sing N N 312 
TRP CA  CB   sing N N 313 
TRP CA  HA   sing N N 314 
TRP C   O    doub N N 315 
TRP C   OXT  sing N N 316 
TRP CB  CG   sing N N 317 
TRP CB  HB2  sing N N 318 
TRP CB  HB3  sing N N 319 
TRP CG  CD1  doub Y N 320 
TRP CG  CD2  sing Y N 321 
TRP CD1 NE1  sing Y N 322 
TRP CD1 HD1  sing N N 323 
TRP CD2 CE2  doub Y N 324 
TRP CD2 CE3  sing Y N 325 
TRP NE1 CE2  sing Y N 326 
TRP NE1 HE1  sing N N 327 
TRP CE2 CZ2  sing Y N 328 
TRP CE3 CZ3  doub Y N 329 
TRP CE3 HE3  sing N N 330 
TRP CZ2 CH2  doub Y N 331 
TRP CZ2 HZ2  sing N N 332 
TRP CZ3 CH2  sing Y N 333 
TRP CZ3 HZ3  sing N N 334 
TRP CH2 HH2  sing N N 335 
TRP OXT HXT  sing N N 336 
TYR N   CA   sing N N 337 
TYR N   H    sing N N 338 
TYR N   H2   sing N N 339 
TYR CA  C    sing N N 340 
TYR CA  CB   sing N N 341 
TYR CA  HA   sing N N 342 
TYR C   O    doub N N 343 
TYR C   OXT  sing N N 344 
TYR CB  CG   sing N N 345 
TYR CB  HB2  sing N N 346 
TYR CB  HB3  sing N N 347 
TYR CG  CD1  doub Y N 348 
TYR CG  CD2  sing Y N 349 
TYR CD1 CE1  sing Y N 350 
TYR CD1 HD1  sing N N 351 
TYR CD2 CE2  doub Y N 352 
TYR CD2 HD2  sing N N 353 
TYR CE1 CZ   doub Y N 354 
TYR CE1 HE1  sing N N 355 
TYR CE2 CZ   sing Y N 356 
TYR CE2 HE2  sing N N 357 
TYR CZ  OH   sing N N 358 
TYR OH  HH   sing N N 359 
TYR OXT HXT  sing N N 360 
VAL N   CA   sing N N 361 
VAL N   H    sing N N 362 
VAL N   H2   sing N N 363 
VAL CA  C    sing N N 364 
VAL CA  CB   sing N N 365 
VAL CA  HA   sing N N 366 
VAL C   O    doub N N 367 
VAL C   OXT  sing N N 368 
VAL CB  CG1  sing N N 369 
VAL CB  CG2  sing N N 370 
VAL CB  HB   sing N N 371 
VAL CG1 HG11 sing N N 372 
VAL CG1 HG12 sing N N 373 
VAL CG1 HG13 sing N N 374 
VAL CG2 HG21 sing N N 375 
VAL CG2 HG22 sing N N 376 
VAL CG2 HG23 sing N N 377 
VAL OXT HXT  sing N N 378 
# 
loop_
_pdbx_entity_nonpoly.entity_id 
_pdbx_entity_nonpoly.name 
_pdbx_entity_nonpoly.comp_id 
2 'NITRATE ION' NO3 
3 water         HOH 
# 
_pdbx_initial_refinement_model.id               1 
_pdbx_initial_refinement_model.entity_id_list   ? 
_pdbx_initial_refinement_model.type             'experimental model' 
_pdbx_initial_refinement_model.source_name      PDB 
_pdbx_initial_refinement_model.accession_code   1ECM 
_pdbx_initial_refinement_model.details          'PDB ENTRY 1ECM' 
# 
